data_6RJR
#
_entry.id   6RJR
#
_cell.length_a   96.670
_cell.length_b   131.620
_cell.length_c   176.670
_cell.angle_alpha   90.00
_cell.angle_beta   90.00
_cell.angle_gamma   90.00
#
_symmetry.space_group_name_H-M   'P 21 21 21'
#
loop_
_entity.id
_entity.type
_entity.pdbx_description
1 polymer Catalase
2 non-polymer 'PROTOPORPHYRIN IX CONTAINING FE'
3 non-polymer 'NADPH DIHYDRO-NICOTINAMIDE-ADENINE-DINUCLEOTIDE PHOSPHATE'
4 non-polymer GLYCEROL
5 non-polymer 'POTASSIUM ION'
6 non-polymer 'CHLORIDE ION'
7 water water
#
_entity_poly.entity_id   1
_entity_poly.type   'polypeptide(L)'
_entity_poly.pdbx_seq_one_letter_code
;MKHHHHHHPMSDYDIPTTENLYFQGAMGHPTNTADVRKDRVVTNSQGAPINEPFATQRVGQHGPLLLQDFNLLDSLAHFN
RERIPERNPHAHGSGAFGYLEITDDITDVCGSAMFDTVGKRTRCLVRFSTVGGEKGSADTARDPRGFAIKFYSEEGNVDW
VNNNTPVFFIRDPSKFPHFIHTQKRNPETNMKDADMFWDFLTTEENQVAIHQVMILFSDRGTPASYRNMNSYSGHTYKWS
NKQGEWRYVQVHLKTDQGIKNLNNEEATKLAGENPDYCQKDLFENIAKGNYPSWTLYIQTMTEEEAEKLPFSVFDLTKVW
PHKQFPLRRVGKMVLNENPENYFAQVEQAAFSPSHTVPYQEASADPVLQARLFSYPDAHRYRLGPNYSQIPVNCPYASKV
FNPAIRDGPMNVNGNLGKEPNYLSTSKKYQFIQQSKPIQQHQEVWSGPAMPVHWATSPGDIDFVQARDLYNKVLSKQPGQ
QKALAHNVAVHVASACPEIQDRVFAMFARVDRGLSENIKKEALSLSPRKAAALNAKL
;
_entity_poly.pdbx_strand_id   A,B,C,D
#
# COMPACT_ATOMS: atom_id res chain seq x y z
N PHE A 23 -8.46 0.18 -43.67
CA PHE A 23 -9.42 0.81 -42.72
C PHE A 23 -9.27 0.30 -41.29
N GLN A 24 -9.64 1.14 -40.32
CA GLN A 24 -9.63 0.72 -38.92
C GLN A 24 -10.59 -0.44 -38.71
N GLY A 25 -10.27 -1.26 -37.71
CA GLY A 25 -11.08 -2.42 -37.40
C GLY A 25 -12.11 -2.17 -36.31
N ALA A 26 -12.87 -3.22 -36.01
CA ALA A 26 -13.87 -3.18 -34.95
C ALA A 26 -13.20 -3.17 -33.57
N MET A 27 -13.59 -2.20 -32.72
CA MET A 27 -13.09 -2.14 -31.35
C MET A 27 -13.92 -3.05 -30.44
N GLY A 28 -13.27 -3.70 -29.48
CA GLY A 28 -13.96 -4.34 -28.38
C GLY A 28 -14.51 -3.30 -27.44
N HIS A 29 -15.39 -3.74 -26.54
CA HIS A 29 -16.02 -2.76 -25.67
C HIS A 29 -15.00 -2.14 -24.71
N PRO A 30 -15.17 -0.85 -24.38
CA PRO A 30 -14.17 -0.21 -23.50
C PRO A 30 -14.00 -0.89 -22.15
N THR A 31 -15.06 -1.52 -21.62
CA THR A 31 -14.93 -2.26 -20.37
C THR A 31 -14.19 -3.59 -20.53
N ASN A 32 -13.93 -4.03 -21.75
CA ASN A 32 -13.40 -5.37 -21.95
C ASN A 32 -12.56 -5.45 -23.23
N THR A 33 -11.38 -4.81 -23.19
CA THR A 33 -10.54 -4.77 -24.38
C THR A 33 -9.09 -4.59 -23.98
N ALA A 34 -8.21 -4.47 -24.99
CA ALA A 34 -6.78 -4.34 -24.75
C ALA A 34 -6.12 -3.57 -25.88
N ASP A 35 -4.83 -3.24 -25.69
CA ASP A 35 -4.05 -2.49 -26.68
C ASP A 35 -2.72 -3.20 -26.86
N VAL A 36 -2.54 -3.84 -28.02
CA VAL A 36 -1.38 -4.65 -28.31
C VAL A 36 -0.73 -4.17 -29.60
N ARG A 37 0.58 -3.89 -29.55
CA ARG A 37 1.31 -3.42 -30.71
C ARG A 37 1.05 -4.30 -31.92
N LYS A 38 0.76 -3.67 -33.06
CA LYS A 38 0.59 -4.47 -34.27
C LYS A 38 1.93 -5.07 -34.70
N ASP A 39 3.03 -4.35 -34.51
CA ASP A 39 4.33 -4.83 -34.99
C ASP A 39 4.92 -5.95 -34.14
N ARG A 40 4.31 -6.28 -33.00
CA ARG A 40 4.74 -7.36 -32.12
C ARG A 40 6.14 -7.12 -31.56
N VAL A 41 6.64 -5.89 -31.59
CA VAL A 41 7.97 -5.62 -31.05
C VAL A 41 7.90 -5.70 -29.53
N VAL A 42 8.70 -6.59 -28.95
CA VAL A 42 8.74 -6.78 -27.51
C VAL A 42 9.62 -5.70 -26.91
N THR A 43 9.15 -5.07 -25.82
CA THR A 43 9.80 -3.92 -25.19
C THR A 43 9.85 -4.12 -23.67
N ASN A 44 10.56 -3.22 -22.98
CA ASN A 44 10.52 -3.24 -21.51
C ASN A 44 9.34 -2.38 -21.06
N SER A 45 9.22 -2.16 -19.74
CA SER A 45 8.09 -1.41 -19.22
C SER A 45 8.15 0.08 -19.58
N GLN A 46 9.22 0.54 -20.23
CA GLN A 46 9.35 1.93 -20.65
C GLN A 46 9.39 2.09 -22.18
N GLY A 47 9.06 1.04 -22.92
CA GLY A 47 8.93 1.11 -24.36
C GLY A 47 10.21 0.96 -25.13
N ALA A 48 11.30 0.73 -24.47
CA ALA A 48 12.52 0.47 -25.20
C ALA A 48 12.55 -1.01 -25.60
N PRO A 49 13.02 -1.32 -26.81
CA PRO A 49 13.00 -2.72 -27.27
C PRO A 49 14.01 -3.61 -26.57
N ILE A 50 13.60 -4.84 -26.34
CA ILE A 50 14.50 -5.90 -25.85
C ILE A 50 15.04 -6.66 -27.06
N ASN A 51 16.37 -6.78 -27.15
CA ASN A 51 17.01 -7.35 -28.31
C ASN A 51 17.33 -8.84 -28.16
N GLU A 52 17.07 -9.44 -27.01
CA GLU A 52 17.20 -10.85 -26.76
C GLU A 52 16.28 -11.14 -25.57
N PRO A 53 15.34 -12.08 -25.71
CA PRO A 53 14.35 -12.29 -24.64
C PRO A 53 14.92 -12.69 -23.29
N PHE A 54 16.03 -13.41 -23.23
CA PHE A 54 16.44 -13.99 -21.96
C PHE A 54 17.89 -13.77 -21.55
N ALA A 55 18.72 -13.11 -22.38
CA ALA A 55 20.09 -12.84 -21.99
C ALA A 55 20.13 -11.89 -20.81
N THR A 56 20.99 -12.19 -19.83
CA THR A 56 21.21 -11.36 -18.66
C THR A 56 22.70 -11.02 -18.56
N GLN A 57 22.99 -9.81 -18.06
CA GLN A 57 24.35 -9.33 -18.06
C GLN A 57 25.12 -9.86 -16.87
N ARG A 58 26.31 -10.36 -17.14
CA ARG A 58 27.25 -10.76 -16.11
C ARG A 58 28.63 -10.42 -16.64
N VAL A 59 29.63 -10.52 -15.78
CA VAL A 59 31.00 -10.27 -16.24
C VAL A 59 31.53 -11.55 -16.88
N GLY A 60 31.94 -11.46 -18.13
CA GLY A 60 32.34 -12.64 -18.87
C GLY A 60 31.15 -13.55 -19.13
N GLN A 61 31.46 -14.83 -19.33
CA GLN A 61 30.43 -15.81 -19.64
C GLN A 61 29.67 -16.26 -18.42
N HIS A 62 30.37 -16.45 -17.30
CA HIS A 62 29.73 -17.06 -16.14
C HIS A 62 30.06 -16.37 -14.84
N GLY A 63 30.48 -15.11 -14.87
CA GLY A 63 30.68 -14.38 -13.65
C GLY A 63 29.37 -13.97 -13.01
N PRO A 64 29.48 -13.31 -11.85
CA PRO A 64 28.26 -12.89 -11.14
C PRO A 64 27.49 -11.81 -11.88
N LEU A 65 26.22 -11.72 -11.53
CA LEU A 65 25.30 -10.81 -12.23
C LEU A 65 25.56 -9.35 -11.85
N LEU A 66 25.34 -8.48 -12.83
CA LEU A 66 25.58 -7.05 -12.73
C LEU A 66 24.31 -6.33 -12.34
N LEU A 67 24.44 -5.37 -11.45
CA LEU A 67 23.30 -4.56 -11.03
C LEU A 67 22.65 -3.80 -12.18
N GLN A 68 23.41 -3.49 -13.23
CA GLN A 68 22.96 -2.59 -14.27
C GLN A 68 22.00 -3.22 -15.28
N ASP A 69 21.54 -4.44 -15.03
CA ASP A 69 20.61 -5.13 -15.93
C ASP A 69 19.19 -4.71 -15.57
N PHE A 70 18.75 -3.56 -16.13
CA PHE A 70 17.42 -3.02 -15.85
C PHE A 70 16.33 -3.99 -16.27
N ASN A 71 16.51 -4.66 -17.40
CA ASN A 71 15.43 -5.48 -17.95
C ASN A 71 15.14 -6.67 -17.06
N LEU A 72 16.19 -7.27 -16.49
CA LEU A 72 15.99 -8.39 -15.57
C LEU A 72 15.24 -7.92 -14.33
N LEU A 73 15.72 -6.84 -13.69
CA LEU A 73 15.08 -6.36 -12.46
C LEU A 73 13.68 -5.83 -12.72
N ASP A 74 13.46 -5.15 -13.86
CA ASP A 74 12.13 -4.76 -14.28
C ASP A 74 11.20 -5.96 -14.29
N SER A 75 11.61 -7.03 -14.99
CA SER A 75 10.75 -8.21 -15.07
C SER A 75 10.50 -8.80 -13.68
N LEU A 76 11.55 -8.94 -12.87
CA LEU A 76 11.43 -9.64 -11.59
C LEU A 76 10.65 -8.85 -10.57
N ALA A 77 10.84 -7.52 -10.50
CA ALA A 77 10.06 -6.72 -9.55
C ALA A 77 8.59 -6.65 -9.97
N HIS A 78 8.29 -6.65 -11.25
CA HIS A 78 6.85 -6.61 -11.56
C HIS A 78 6.21 -7.96 -11.22
N PHE A 79 6.92 -9.06 -11.51
CA PHE A 79 6.45 -10.38 -11.13
C PHE A 79 6.14 -10.45 -9.64
N ASN A 80 7.02 -9.86 -8.82
CA ASN A 80 6.78 -9.84 -7.39
C ASN A 80 5.54 -9.07 -6.99
N ARG A 81 4.96 -8.28 -7.90
CA ARG A 81 3.81 -7.44 -7.58
C ARG A 81 2.57 -7.82 -8.37
N GLU A 82 2.54 -9.01 -8.97
CA GLU A 82 1.37 -9.39 -9.73
C GLU A 82 0.11 -9.51 -8.88
N ARG A 83 0.26 -9.99 -7.63
CA ARG A 83 -0.86 -10.38 -6.81
C ARG A 83 -1.41 -9.23 -5.96
N ILE A 84 -2.72 -9.21 -5.80
CA ILE A 84 -3.33 -8.26 -4.86
C ILE A 84 -4.02 -9.14 -3.81
N PRO A 85 -4.38 -8.56 -2.67
CA PRO A 85 -5.09 -9.36 -1.65
C PRO A 85 -6.39 -9.90 -2.22
N GLU A 86 -6.72 -11.15 -1.87
CA GLU A 86 -7.98 -11.73 -2.31
C GLU A 86 -9.17 -11.09 -1.59
N ARG A 87 -10.33 -11.14 -2.24
CA ARG A 87 -11.56 -10.69 -1.60
C ARG A 87 -11.80 -11.47 -0.31
N ASN A 88 -12.40 -10.81 0.68
CA ASN A 88 -12.72 -11.42 1.96
C ASN A 88 -14.17 -11.05 2.27
N PRO A 89 -15.15 -11.96 2.06
CA PRO A 89 -15.03 -13.33 1.51
C PRO A 89 -15.27 -13.35 0.02
N HIS A 90 -15.70 -14.49 -0.53
CA HIS A 90 -15.98 -14.62 -1.94
C HIS A 90 -14.72 -14.51 -2.80
N ALA A 91 -13.59 -15.05 -2.32
CA ALA A 91 -12.32 -14.88 -3.04
C ALA A 91 -12.29 -15.58 -4.37
N HIS A 92 -12.98 -16.71 -4.51
CA HIS A 92 -12.88 -17.58 -5.68
C HIS A 92 -14.09 -17.41 -6.59
N GLY A 93 -13.87 -17.22 -7.88
CA GLY A 93 -15.01 -16.93 -8.73
C GLY A 93 -14.73 -16.84 -10.22
N SER A 94 -15.79 -16.51 -10.93
CA SER A 94 -15.84 -16.50 -12.38
C SER A 94 -16.71 -15.34 -12.85
N GLY A 95 -16.49 -14.93 -14.09
CA GLY A 95 -17.24 -13.79 -14.60
C GLY A 95 -17.49 -13.80 -16.09
N ALA A 96 -18.55 -13.09 -16.46
CA ALA A 96 -18.92 -12.96 -17.85
C ALA A 96 -19.72 -11.68 -17.99
N PHE A 97 -19.68 -11.10 -19.19
CA PHE A 97 -20.48 -9.93 -19.54
C PHE A 97 -21.72 -10.32 -20.36
N GLY A 98 -22.73 -9.45 -20.30
CA GLY A 98 -23.99 -9.65 -21.01
C GLY A 98 -24.85 -8.40 -21.00
N TYR A 99 -26.18 -8.59 -20.96
CA TYR A 99 -27.09 -7.44 -20.93
C TYR A 99 -28.36 -7.87 -20.22
N LEU A 100 -29.06 -6.85 -19.70
CA LEU A 100 -30.43 -7.00 -19.24
C LEU A 100 -31.33 -6.29 -20.25
N GLU A 101 -32.33 -7.01 -20.77
CA GLU A 101 -33.32 -6.44 -21.67
C GLU A 101 -34.63 -6.32 -20.93
N ILE A 102 -35.24 -5.14 -21.00
CA ILE A 102 -36.54 -4.92 -20.35
C ILE A 102 -37.63 -5.44 -21.26
N THR A 103 -38.52 -6.26 -20.71
CA THR A 103 -39.63 -6.82 -21.46
C THR A 103 -40.99 -6.37 -20.97
N ASP A 104 -41.07 -5.66 -19.83
CA ASP A 104 -42.35 -5.22 -19.28
C ASP A 104 -42.17 -3.83 -18.71
N ASP A 105 -43.26 -3.08 -18.65
CA ASP A 105 -43.25 -1.71 -18.13
C ASP A 105 -43.49 -1.77 -16.63
N ILE A 106 -42.47 -1.43 -15.85
CA ILE A 106 -42.59 -1.34 -14.40
C ILE A 106 -42.36 0.09 -13.92
N THR A 107 -42.58 1.07 -14.79
CA THR A 107 -42.32 2.45 -14.41
C THR A 107 -43.24 2.91 -13.29
N ASP A 108 -44.34 2.19 -13.05
CA ASP A 108 -45.22 2.48 -11.93
C ASP A 108 -44.56 2.22 -10.60
N VAL A 109 -43.60 1.31 -10.60
CA VAL A 109 -42.84 0.95 -9.42
C VAL A 109 -41.52 1.73 -9.35
N CYS A 110 -40.82 1.89 -10.47
CA CYS A 110 -39.45 2.39 -10.41
C CYS A 110 -39.15 3.33 -11.56
N GLY A 111 -38.62 4.49 -11.22
CA GLY A 111 -38.32 5.51 -12.22
C GLY A 111 -36.92 5.50 -12.78
N SER A 112 -36.09 4.52 -12.39
CA SER A 112 -34.72 4.45 -12.88
C SER A 112 -34.67 4.38 -14.40
N ALA A 113 -33.61 4.96 -14.96
CA ALA A 113 -33.44 4.99 -16.40
C ALA A 113 -33.40 3.57 -16.99
N MET A 114 -32.76 2.63 -16.30
CA MET A 114 -32.58 1.29 -16.82
C MET A 114 -33.90 0.60 -17.10
N PHE A 115 -35.00 1.13 -16.57
CA PHE A 115 -36.32 0.60 -16.82
C PHE A 115 -37.19 1.49 -17.71
N ASP A 116 -36.68 2.61 -18.25
CA ASP A 116 -37.64 3.62 -18.73
C ASP A 116 -38.20 3.29 -20.10
N THR A 117 -37.73 2.23 -20.74
CA THR A 117 -38.13 1.88 -22.09
C THR A 117 -38.18 0.36 -22.24
N VAL A 118 -39.34 -0.16 -22.65
CA VAL A 118 -39.42 -1.58 -22.94
C VAL A 118 -38.65 -1.89 -24.21
N GLY A 119 -37.84 -2.95 -24.14
CA GLY A 119 -36.95 -3.34 -25.21
C GLY A 119 -35.54 -2.82 -25.05
N LYS A 120 -35.32 -1.92 -24.10
CA LYS A 120 -34.00 -1.34 -23.92
C LYS A 120 -33.07 -2.28 -23.15
N ARG A 121 -31.81 -2.35 -23.60
CA ARG A 121 -30.79 -3.18 -22.99
C ARG A 121 -29.77 -2.36 -22.22
N THR A 122 -29.45 -2.81 -21.02
CA THR A 122 -28.33 -2.27 -20.27
C THR A 122 -27.24 -3.35 -20.20
N ARG A 123 -26.02 -2.95 -20.51
CA ARG A 123 -24.88 -3.85 -20.37
C ARG A 123 -24.62 -4.18 -18.91
N CYS A 124 -24.13 -5.39 -18.67
CA CYS A 124 -23.87 -5.84 -17.31
C CYS A 124 -22.67 -6.76 -17.24
N LEU A 125 -22.11 -6.84 -16.04
CA LEU A 125 -21.05 -7.78 -15.69
C LEU A 125 -21.51 -8.59 -14.50
N VAL A 126 -21.31 -9.92 -14.58
CA VAL A 126 -21.66 -10.81 -13.48
C VAL A 126 -20.38 -11.49 -13.01
N ARG A 127 -20.22 -11.53 -11.71
CA ARG A 127 -19.19 -12.35 -11.08
C ARG A 127 -19.91 -13.34 -10.18
N PHE A 128 -19.68 -14.58 -10.45
CA PHE A 128 -20.13 -15.70 -9.64
C PHE A 128 -19.02 -16.12 -8.71
N SER A 129 -19.39 -16.55 -7.52
CA SER A 129 -18.34 -16.95 -6.61
C SER A 129 -18.88 -17.93 -5.59
N THR A 130 -17.97 -18.62 -4.94
CA THR A 130 -18.26 -19.27 -3.66
C THR A 130 -17.99 -18.24 -2.56
N VAL A 131 -18.09 -18.63 -1.30
CA VAL A 131 -17.97 -17.69 -0.17
C VAL A 131 -16.71 -17.96 0.66
N GLY A 132 -16.54 -19.22 1.13
CA GLY A 132 -15.55 -19.51 2.17
C GLY A 132 -14.16 -19.77 1.67
N GLY A 133 -14.07 -20.36 0.49
CA GLY A 133 -12.81 -20.83 0.00
C GLY A 133 -11.87 -19.71 -0.41
N GLU A 134 -10.59 -20.00 -0.36
CA GLU A 134 -9.58 -19.06 -0.82
C GLU A 134 -9.49 -19.15 -2.34
N LYS A 135 -8.60 -18.33 -2.91
N LYS A 135 -8.54 -18.41 -2.93
CA LYS A 135 -8.22 -18.51 -4.30
CA LYS A 135 -8.49 -18.24 -4.37
C LYS A 135 -7.66 -19.93 -4.46
C LYS A 135 -8.35 -19.57 -5.10
N GLY A 136 -8.12 -20.61 -5.52
N GLY A 136 -7.63 -20.53 -4.53
CA GLY A 136 -7.67 -21.96 -5.76
CA GLY A 136 -7.37 -21.78 -5.22
C GLY A 136 -8.38 -23.06 -4.99
C GLY A 136 -8.20 -22.99 -4.75
N SER A 137 -9.33 -22.71 -4.12
CA SER A 137 -10.22 -23.73 -3.58
C SER A 137 -11.15 -24.23 -4.69
N ALA A 138 -12.01 -25.17 -4.35
CA ALA A 138 -12.74 -25.89 -5.38
C ALA A 138 -14.01 -25.17 -5.80
N ASP A 139 -14.26 -25.16 -7.13
CA ASP A 139 -15.51 -24.61 -7.61
C ASP A 139 -16.72 -25.30 -6.95
N THR A 140 -16.61 -26.60 -6.68
CA THR A 140 -17.77 -27.40 -6.27
C THR A 140 -17.91 -27.57 -4.78
N ALA A 141 -17.21 -26.78 -3.98
CA ALA A 141 -17.40 -26.82 -2.53
C ALA A 141 -18.84 -26.51 -2.18
N ARG A 142 -19.32 -27.06 -1.06
CA ARG A 142 -20.61 -26.67 -0.55
C ARG A 142 -20.55 -25.24 -0.01
N ASP A 143 -21.48 -24.41 -0.46
CA ASP A 143 -21.43 -23.00 -0.11
C ASP A 143 -22.64 -22.34 -0.75
N PRO A 144 -23.07 -21.18 -0.22
CA PRO A 144 -23.82 -20.24 -1.05
C PRO A 144 -22.92 -19.84 -2.21
N ARG A 145 -23.53 -19.43 -3.32
CA ARG A 145 -22.78 -18.87 -4.42
C ARG A 145 -23.14 -17.39 -4.51
N GLY A 146 -22.13 -16.56 -4.71
CA GLY A 146 -22.37 -15.18 -5.06
C GLY A 146 -22.79 -15.08 -6.51
N PHE A 147 -23.59 -14.08 -6.78
CA PHE A 147 -24.15 -13.83 -8.07
C PHE A 147 -24.31 -12.31 -8.17
N ALA A 148 -23.17 -11.61 -8.30
CA ALA A 148 -23.16 -10.14 -8.29
C ALA A 148 -23.30 -9.58 -9.70
N ILE A 149 -24.11 -8.54 -9.84
CA ILE A 149 -24.39 -7.96 -11.15
C ILE A 149 -24.11 -6.46 -11.11
N LYS A 150 -23.33 -5.98 -12.08
CA LYS A 150 -23.07 -4.58 -12.30
C LYS A 150 -23.76 -4.13 -13.58
N PHE A 151 -24.59 -3.09 -13.49
CA PHE A 151 -25.25 -2.49 -14.64
C PHE A 151 -24.66 -1.13 -15.01
N TYR A 152 -24.27 -0.99 -16.26
CA TYR A 152 -23.67 0.26 -16.72
C TYR A 152 -24.80 1.11 -17.33
N SER A 153 -25.47 1.89 -16.48
CA SER A 153 -26.61 2.65 -16.92
C SER A 153 -26.26 4.11 -17.19
N GLU A 154 -27.22 4.81 -17.80
CA GLU A 154 -27.02 6.22 -18.14
C GLU A 154 -27.07 7.11 -16.93
N GLU A 155 -27.56 6.60 -15.82
CA GLU A 155 -27.58 7.31 -14.55
C GLU A 155 -26.49 6.85 -13.57
N GLY A 156 -25.51 6.09 -14.05
CA GLY A 156 -24.46 5.57 -13.21
C GLY A 156 -24.50 4.05 -13.14
N ASN A 157 -23.43 3.50 -12.56
CA ASN A 157 -23.34 2.06 -12.35
C ASN A 157 -24.11 1.68 -11.09
N VAL A 158 -25.06 0.74 -11.21
CA VAL A 158 -25.81 0.21 -10.09
C VAL A 158 -25.48 -1.27 -9.95
N ASP A 159 -25.12 -1.70 -8.73
CA ASP A 159 -24.69 -3.07 -8.47
C ASP A 159 -25.81 -3.75 -7.69
N TRP A 160 -26.16 -4.94 -8.12
CA TRP A 160 -27.06 -5.84 -7.37
C TRP A 160 -26.21 -6.98 -6.82
N VAL A 161 -25.83 -6.88 -5.56
CA VAL A 161 -24.82 -7.77 -4.95
C VAL A 161 -25.60 -8.86 -4.23
N ASN A 162 -25.80 -9.96 -4.95
CA ASN A 162 -26.77 -10.96 -4.59
C ASN A 162 -26.08 -12.29 -4.37
N ASN A 163 -26.71 -13.12 -3.59
CA ASN A 163 -26.37 -14.53 -3.52
C ASN A 163 -27.40 -15.37 -4.26
N ASN A 164 -27.13 -16.67 -4.33
CA ASN A 164 -28.05 -17.60 -4.98
C ASN A 164 -29.06 -18.17 -4.01
N THR A 165 -29.31 -17.47 -2.90
CA THR A 165 -30.33 -17.78 -1.92
C THR A 165 -31.09 -16.52 -1.52
N PRO A 166 -32.37 -16.67 -1.14
CA PRO A 166 -33.14 -15.50 -0.71
C PRO A 166 -32.92 -15.09 0.73
N VAL A 167 -32.11 -15.80 1.50
CA VAL A 167 -31.97 -15.44 2.91
C VAL A 167 -30.49 -15.48 3.21
N PHE A 168 -30.13 -15.39 4.48
CA PHE A 168 -28.72 -15.43 4.86
C PHE A 168 -28.62 -15.86 6.30
N PHE A 169 -27.40 -16.00 6.77
CA PHE A 169 -27.18 -16.61 8.08
C PHE A 169 -27.43 -15.67 9.25
N ILE A 170 -27.38 -14.36 9.01
CA ILE A 170 -27.44 -13.41 10.11
C ILE A 170 -28.41 -12.27 9.80
N ARG A 171 -28.93 -11.67 10.86
CA ARG A 171 -29.65 -10.41 10.74
C ARG A 171 -29.05 -9.33 11.66
N ASP A 172 -27.90 -9.62 12.31
CA ASP A 172 -27.07 -8.61 13.00
C ASP A 172 -25.76 -8.41 12.27
N PRO A 173 -25.46 -7.20 11.78
CA PRO A 173 -24.24 -7.04 10.99
C PRO A 173 -22.94 -7.26 11.76
N SER A 174 -22.94 -7.01 13.06
CA SER A 174 -21.75 -7.21 13.88
C SER A 174 -21.31 -8.67 13.94
N LYS A 175 -22.23 -9.62 13.72
CA LYS A 175 -21.87 -11.05 13.69
C LYS A 175 -21.17 -11.46 12.40
N PHE A 176 -21.05 -10.59 11.40
CA PHE A 176 -20.50 -11.06 10.13
C PHE A 176 -19.04 -11.48 10.24
N PRO A 177 -18.12 -10.72 10.82
CA PRO A 177 -16.73 -11.20 10.92
C PRO A 177 -16.63 -12.50 11.69
N HIS A 178 -17.41 -12.61 12.77
CA HIS A 178 -17.42 -13.81 13.56
C HIS A 178 -17.90 -14.99 12.72
N PHE A 179 -19.05 -14.82 12.08
CA PHE A 179 -19.60 -15.88 11.25
C PHE A 179 -18.62 -16.31 10.17
N ILE A 180 -18.06 -15.35 9.43
CA ILE A 180 -17.13 -15.69 8.36
C ILE A 180 -15.91 -16.42 8.92
N HIS A 181 -15.40 -16.01 10.09
CA HIS A 181 -14.24 -16.70 10.65
C HIS A 181 -14.54 -18.19 10.85
N THR A 182 -15.72 -18.52 11.35
CA THR A 182 -16.02 -19.91 11.67
C THR A 182 -16.25 -20.78 10.43
N GLN A 183 -16.51 -20.16 9.25
CA GLN A 183 -16.60 -20.87 7.98
C GLN A 183 -15.24 -21.09 7.34
N LYS A 184 -14.21 -20.44 7.86
CA LYS A 184 -12.89 -20.54 7.24
C LYS A 184 -11.96 -21.34 8.14
N ARG A 185 -10.70 -20.96 8.19
CA ARG A 185 -9.72 -21.79 8.85
C ARG A 185 -9.46 -21.39 10.30
N ASN A 186 -9.20 -22.41 11.09
CA ASN A 186 -8.86 -22.26 12.50
C ASN A 186 -7.59 -21.45 12.65
N PRO A 187 -7.56 -20.44 13.53
CA PRO A 187 -6.39 -19.54 13.56
C PRO A 187 -5.12 -20.22 14.00
N GLU A 188 -5.17 -21.34 14.71
CA GLU A 188 -3.99 -22.12 15.10
C GLU A 188 -3.59 -23.20 14.10
N THR A 189 -4.54 -24.03 13.67
CA THR A 189 -4.22 -25.20 12.85
C THR A 189 -4.32 -24.95 11.35
N ASN A 190 -4.90 -23.84 10.96
CA ASN A 190 -5.08 -23.48 9.56
C ASN A 190 -5.97 -24.44 8.80
N MET A 191 -6.92 -25.09 9.47
CA MET A 191 -7.84 -26.03 8.83
C MET A 191 -9.28 -25.68 9.13
N LYS A 192 -10.16 -25.95 8.17
CA LYS A 192 -11.58 -25.88 8.47
C LYS A 192 -11.87 -26.71 9.72
N ASP A 193 -12.89 -26.30 10.47
CA ASP A 193 -13.12 -26.84 11.80
C ASP A 193 -14.62 -26.94 12.03
N ALA A 194 -15.16 -28.17 12.00
CA ALA A 194 -16.59 -28.37 12.14
C ALA A 194 -17.09 -27.89 13.50
N ASP A 195 -16.25 -27.96 14.52
CA ASP A 195 -16.67 -27.52 15.84
C ASP A 195 -17.00 -26.04 15.85
N MET A 196 -16.14 -25.21 15.29
CA MET A 196 -16.44 -23.79 15.37
C MET A 196 -17.52 -23.40 14.38
N PHE A 197 -17.60 -24.12 13.24
CA PHE A 197 -18.71 -23.97 12.30
C PHE A 197 -20.04 -24.08 13.02
N TRP A 198 -20.22 -25.17 13.75
CA TRP A 198 -21.49 -25.46 14.38
C TRP A 198 -21.62 -24.81 15.73
N ASP A 199 -20.50 -24.62 16.44
CA ASP A 199 -20.53 -23.85 17.68
C ASP A 199 -21.19 -22.49 17.44
N PHE A 200 -20.79 -21.80 16.37
CA PHE A 200 -21.39 -20.49 16.13
C PHE A 200 -22.86 -20.62 15.75
N LEU A 201 -23.21 -21.56 14.84
CA LEU A 201 -24.55 -21.62 14.32
C LEU A 201 -25.57 -22.09 15.34
N THR A 202 -25.16 -22.92 16.32
CA THR A 202 -26.07 -23.40 17.34
C THR A 202 -26.08 -22.54 18.61
N THR A 203 -25.19 -21.58 18.76
CA THR A 203 -25.31 -20.64 19.87
C THR A 203 -26.68 -19.99 19.82
N GLU A 204 -27.37 -19.93 20.95
CA GLU A 204 -28.81 -19.65 20.98
C GLU A 204 -29.17 -18.36 20.27
N GLU A 205 -28.40 -17.31 20.48
CA GLU A 205 -28.69 -16.02 19.88
C GLU A 205 -28.47 -16.01 18.39
N ASN A 206 -27.79 -17.03 17.81
CA ASN A 206 -27.44 -17.06 16.41
C ASN A 206 -28.31 -18.00 15.59
N GLN A 207 -29.21 -18.78 16.23
CA GLN A 207 -29.93 -19.84 15.54
C GLN A 207 -30.93 -19.32 14.52
N VAL A 208 -31.16 -18.00 14.47
CA VAL A 208 -31.89 -17.44 13.37
C VAL A 208 -31.27 -17.83 12.05
N ALA A 209 -30.06 -18.40 12.08
CA ALA A 209 -29.43 -18.89 10.86
C ALA A 209 -30.04 -20.18 10.30
N ILE A 210 -31.02 -20.78 10.97
CA ILE A 210 -31.43 -22.13 10.59
C ILE A 210 -32.05 -22.15 9.18
N HIS A 211 -32.80 -21.11 8.80
CA HIS A 211 -33.38 -21.08 7.46
C HIS A 211 -32.29 -21.21 6.42
N GLN A 212 -31.22 -20.44 6.56
CA GLN A 212 -30.16 -20.46 5.56
C GLN A 212 -29.38 -21.76 5.61
N VAL A 213 -29.22 -22.33 6.81
CA VAL A 213 -28.51 -23.59 6.98
C VAL A 213 -29.25 -24.71 6.26
N MET A 214 -30.58 -24.74 6.36
CA MET A 214 -31.36 -25.74 5.61
C MET A 214 -31.07 -25.64 4.12
N ILE A 215 -31.02 -24.42 3.59
CA ILE A 215 -30.75 -24.26 2.17
C ILE A 215 -29.32 -24.64 1.85
N LEU A 216 -28.34 -24.22 2.69
CA LEU A 216 -26.93 -24.55 2.46
C LEU A 216 -26.69 -26.04 2.35
N PHE A 217 -27.37 -26.80 3.21
CA PHE A 217 -27.20 -28.28 3.36
C PHE A 217 -28.14 -29.08 2.47
N SER A 218 -28.95 -28.38 1.70
CA SER A 218 -29.73 -29.08 0.65
C SER A 218 -28.82 -29.26 -0.56
N ASP A 219 -29.28 -29.95 -1.59
CA ASP A 219 -28.43 -30.14 -2.79
C ASP A 219 -28.15 -28.82 -3.54
N ARG A 220 -28.95 -27.75 -3.34
CA ARG A 220 -28.71 -26.41 -3.91
C ARG A 220 -27.38 -25.84 -3.38
N GLY A 221 -26.85 -26.36 -2.27
CA GLY A 221 -25.55 -25.95 -1.79
C GLY A 221 -24.40 -26.38 -2.67
N THR A 222 -24.67 -27.25 -3.66
CA THR A 222 -23.66 -27.68 -4.63
C THR A 222 -24.30 -27.69 -6.02
N PRO A 223 -24.47 -26.50 -6.61
CA PRO A 223 -25.08 -26.43 -7.95
C PRO A 223 -24.23 -27.14 -8.98
N ALA A 224 -24.88 -27.61 -10.04
CA ALA A 224 -24.15 -28.27 -11.11
C ALA A 224 -23.37 -27.27 -11.99
N SER A 225 -23.79 -26.02 -12.05
CA SER A 225 -23.01 -24.99 -12.71
C SER A 225 -23.63 -23.65 -12.36
N TYR A 226 -22.89 -22.57 -12.63
CA TYR A 226 -23.43 -21.24 -12.37
C TYR A 226 -24.63 -20.96 -13.24
N ARG A 227 -24.70 -21.60 -14.42
CA ARG A 227 -25.83 -21.42 -15.31
C ARG A 227 -27.13 -22.03 -14.78
N ASN A 228 -27.05 -22.85 -13.73
CA ASN A 228 -28.20 -23.59 -13.22
C ASN A 228 -28.57 -23.20 -11.81
N MET A 229 -28.47 -21.91 -11.51
CA MET A 229 -28.84 -21.43 -10.19
C MET A 229 -29.51 -20.06 -10.32
N ASN A 230 -30.18 -19.68 -9.25
CA ASN A 230 -30.88 -18.42 -9.22
C ASN A 230 -30.04 -17.35 -8.50
N SER A 231 -30.53 -16.12 -8.57
CA SER A 231 -29.96 -14.95 -7.93
C SER A 231 -31.06 -14.19 -7.22
N TYR A 232 -30.79 -13.73 -6.00
CA TYR A 232 -31.81 -13.05 -5.21
C TYR A 232 -31.23 -11.79 -4.56
N SER A 233 -32.02 -10.70 -4.51
CA SER A 233 -31.60 -9.54 -3.74
C SER A 233 -31.41 -9.94 -2.27
N GLY A 234 -32.22 -10.84 -1.77
CA GLY A 234 -32.07 -11.25 -0.39
C GLY A 234 -32.66 -10.25 0.55
N HIS A 235 -32.13 -9.03 0.54
CA HIS A 235 -32.72 -7.93 1.29
C HIS A 235 -33.94 -7.33 0.59
N THR A 236 -34.75 -6.65 1.38
CA THR A 236 -35.70 -5.70 0.84
C THR A 236 -35.01 -4.41 0.44
N TYR A 237 -35.34 -3.90 -0.75
CA TYR A 237 -34.93 -2.56 -1.20
C TYR A 237 -36.18 -1.67 -1.34
N LYS A 238 -35.96 -0.38 -1.56
CA LYS A 238 -37.05 0.57 -1.80
C LYS A 238 -36.91 1.19 -3.18
N TRP A 239 -37.92 1.04 -4.00
CA TRP A 239 -37.99 1.57 -5.36
C TRP A 239 -39.13 2.58 -5.40
N SER A 240 -38.86 3.69 -6.09
CA SER A 240 -39.78 4.83 -6.17
C SER A 240 -40.02 5.17 -7.63
N ASN A 241 -41.20 5.72 -7.92
CA ASN A 241 -41.49 6.19 -9.27
C ASN A 241 -41.37 7.71 -9.32
N LYS A 242 -41.57 8.26 -10.51
CA LYS A 242 -41.39 9.68 -10.77
C LYS A 242 -42.49 10.54 -10.16
N GLN A 243 -43.56 9.94 -9.66
CA GLN A 243 -44.62 10.65 -8.97
C GLN A 243 -44.42 10.63 -7.45
N GLY A 244 -43.34 10.01 -6.96
CA GLY A 244 -43.07 10.00 -5.54
C GLY A 244 -43.67 8.84 -4.76
N GLU A 245 -44.30 7.89 -5.43
CA GLU A 245 -44.77 6.70 -4.76
C GLU A 245 -43.63 5.70 -4.67
N TRP A 246 -43.65 4.88 -3.62
CA TRP A 246 -42.56 3.94 -3.42
C TRP A 246 -43.12 2.63 -2.93
N ARG A 247 -42.30 1.59 -3.01
CA ARG A 247 -42.67 0.24 -2.60
C ARG A 247 -41.43 -0.48 -2.08
N TYR A 248 -41.64 -1.38 -1.13
CA TYR A 248 -40.63 -2.36 -0.79
C TYR A 248 -40.52 -3.41 -1.91
N VAL A 249 -39.29 -3.77 -2.23
CA VAL A 249 -39.03 -4.62 -3.39
C VAL A 249 -38.05 -5.73 -3.06
N GLN A 250 -38.32 -6.91 -3.60
CA GLN A 250 -37.42 -8.06 -3.60
C GLN A 250 -37.19 -8.46 -5.04
N VAL A 251 -35.93 -8.73 -5.39
CA VAL A 251 -35.53 -9.14 -6.73
C VAL A 251 -35.22 -10.62 -6.79
N HIS A 252 -35.69 -11.25 -7.87
CA HIS A 252 -35.57 -12.67 -8.16
C HIS A 252 -35.14 -12.84 -9.61
N LEU A 253 -34.03 -13.43 -9.86
CA LEU A 253 -33.58 -13.78 -11.19
C LEU A 253 -33.57 -15.30 -11.31
N LYS A 254 -34.46 -15.84 -12.11
CA LYS A 254 -34.65 -17.29 -12.24
C LYS A 254 -33.97 -17.85 -13.50
N THR A 255 -33.23 -18.92 -13.34
CA THR A 255 -32.45 -19.48 -14.44
C THR A 255 -33.39 -20.10 -15.48
N ASP A 256 -33.20 -19.70 -16.75
CA ASP A 256 -33.93 -20.32 -17.85
C ASP A 256 -33.35 -21.69 -18.25
N GLN A 257 -32.22 -22.08 -17.66
CA GLN A 257 -31.63 -23.38 -17.90
C GLN A 257 -32.15 -24.42 -16.95
N GLY A 258 -32.81 -24.01 -15.88
CA GLY A 258 -33.31 -24.89 -14.85
C GLY A 258 -32.32 -25.13 -13.73
N ILE A 259 -32.86 -25.38 -12.55
CA ILE A 259 -32.07 -25.80 -11.43
C ILE A 259 -31.50 -27.18 -11.74
N LYS A 260 -30.22 -27.35 -11.48
CA LYS A 260 -29.54 -28.64 -11.58
C LYS A 260 -28.48 -28.62 -10.49
N ASN A 261 -28.39 -29.71 -9.72
CA ASN A 261 -27.48 -29.79 -8.59
C ASN A 261 -26.59 -31.03 -8.66
N LEU A 262 -25.44 -30.94 -8.04
CA LEU A 262 -24.61 -32.09 -7.72
C LEU A 262 -25.04 -32.64 -6.35
N ASN A 263 -24.69 -33.91 -6.10
CA ASN A 263 -24.80 -34.45 -4.74
C ASN A 263 -23.43 -34.38 -4.05
N ASN A 264 -23.44 -34.66 -2.77
CA ASN A 264 -22.25 -34.44 -1.95
C ASN A 264 -21.04 -35.21 -2.47
N GLU A 265 -21.24 -36.46 -2.90
CA GLU A 265 -20.10 -37.25 -3.35
C GLU A 265 -19.61 -36.78 -4.70
N GLU A 266 -20.55 -36.41 -5.60
CA GLU A 266 -20.14 -35.88 -6.89
C GLU A 266 -19.34 -34.62 -6.70
N ALA A 267 -19.78 -33.75 -5.79
CA ALA A 267 -19.10 -32.49 -5.55
C ALA A 267 -17.70 -32.73 -5.02
N THR A 268 -17.53 -33.74 -4.12
CA THR A 268 -16.21 -34.00 -3.55
C THR A 268 -15.26 -34.55 -4.60
N LYS A 269 -15.73 -35.50 -5.42
CA LYS A 269 -14.85 -36.09 -6.42
C LYS A 269 -14.42 -35.05 -7.45
N LEU A 270 -15.33 -34.18 -7.90
CA LEU A 270 -14.94 -33.12 -8.82
C LEU A 270 -13.98 -32.12 -8.18
N ALA A 271 -14.11 -31.87 -6.87
CA ALA A 271 -13.16 -30.99 -6.20
C ALA A 271 -11.73 -31.45 -6.44
N GLY A 272 -11.52 -32.78 -6.46
CA GLY A 272 -10.21 -33.36 -6.69
C GLY A 272 -9.79 -33.44 -8.14
N GLU A 273 -10.72 -33.74 -9.03
CA GLU A 273 -10.32 -33.98 -10.41
C GLU A 273 -10.37 -32.70 -11.24
N ASN A 274 -11.26 -31.78 -10.93
CA ASN A 274 -11.38 -30.52 -11.67
C ASN A 274 -11.87 -29.42 -10.78
N PRO A 275 -10.96 -28.80 -10.02
CA PRO A 275 -11.37 -27.71 -9.11
C PRO A 275 -11.90 -26.49 -9.83
N ASP A 276 -11.76 -26.41 -11.15
CA ASP A 276 -12.30 -25.28 -11.91
C ASP A 276 -13.48 -25.68 -12.80
N TYR A 277 -14.22 -26.69 -12.36
CA TYR A 277 -15.31 -27.25 -13.17
C TYR A 277 -16.34 -26.19 -13.60
N CYS A 278 -16.78 -25.31 -12.68
CA CYS A 278 -17.78 -24.33 -13.06
C CYS A 278 -17.21 -23.22 -13.94
N GLN A 279 -15.98 -22.81 -13.70
CA GLN A 279 -15.36 -21.83 -14.58
C GLN A 279 -15.28 -22.38 -16.00
N LYS A 280 -14.85 -23.62 -16.14
CA LYS A 280 -14.81 -24.24 -17.47
C LYS A 280 -16.19 -24.27 -18.14
N ASP A 281 -17.23 -24.63 -17.40
CA ASP A 281 -18.58 -24.70 -17.98
C ASP A 281 -19.07 -23.34 -18.47
N LEU A 282 -18.92 -22.31 -17.64
CA LEU A 282 -19.37 -20.99 -18.05
C LEU A 282 -18.64 -20.54 -19.31
N PHE A 283 -17.32 -20.62 -19.28
CA PHE A 283 -16.53 -20.12 -20.38
C PHE A 283 -16.83 -20.87 -21.66
N GLU A 284 -16.84 -22.20 -21.61
CA GLU A 284 -16.98 -22.98 -22.83
C GLU A 284 -18.37 -22.84 -23.43
N ASN A 285 -19.41 -22.77 -22.60
CA ASN A 285 -20.74 -22.59 -23.15
C ASN A 285 -20.91 -21.23 -23.78
N ILE A 286 -20.37 -20.18 -23.15
CA ILE A 286 -20.40 -18.87 -23.80
C ILE A 286 -19.57 -18.91 -25.06
N ALA A 287 -18.38 -19.51 -24.99
CA ALA A 287 -17.50 -19.43 -26.14
C ALA A 287 -18.14 -20.09 -27.35
N LYS A 288 -18.99 -21.10 -27.12
CA LYS A 288 -19.58 -21.80 -28.27
C LYS A 288 -20.96 -21.26 -28.64
N GLY A 289 -21.45 -20.23 -27.96
CA GLY A 289 -22.72 -19.63 -28.34
C GLY A 289 -23.92 -20.08 -27.54
N ASN A 290 -23.75 -20.95 -26.56
CA ASN A 290 -24.87 -21.42 -25.73
C ASN A 290 -25.05 -20.48 -24.56
N TYR A 291 -25.44 -19.24 -24.89
CA TYR A 291 -25.49 -18.17 -23.91
C TYR A 291 -26.55 -18.47 -22.87
N PRO A 292 -26.21 -18.54 -21.58
CA PRO A 292 -27.23 -18.73 -20.56
C PRO A 292 -28.01 -17.45 -20.29
N SER A 293 -29.26 -17.61 -19.87
CA SER A 293 -30.12 -16.47 -19.56
C SER A 293 -30.92 -16.73 -18.29
N TRP A 294 -31.48 -15.66 -17.77
CA TRP A 294 -32.31 -15.67 -16.59
C TRP A 294 -33.48 -14.73 -16.83
N THR A 295 -34.58 -15.00 -16.15
CA THR A 295 -35.76 -14.15 -16.19
C THR A 295 -35.85 -13.35 -14.89
N LEU A 296 -35.97 -12.02 -15.03
CA LEU A 296 -35.99 -11.10 -13.90
C LEU A 296 -37.41 -10.84 -13.42
N TYR A 297 -37.64 -11.04 -12.13
CA TYR A 297 -38.92 -10.70 -11.51
C TYR A 297 -38.73 -9.84 -10.28
N ILE A 298 -39.81 -9.22 -9.82
CA ILE A 298 -39.82 -8.54 -8.54
C ILE A 298 -41.05 -8.94 -7.76
N GLN A 299 -40.94 -8.88 -6.44
CA GLN A 299 -42.06 -8.81 -5.51
C GLN A 299 -42.13 -7.37 -5.00
N THR A 300 -43.36 -6.87 -4.76
CA THR A 300 -43.56 -5.53 -4.22
C THR A 300 -44.53 -5.59 -3.05
N MET A 301 -44.41 -4.62 -2.15
CA MET A 301 -45.23 -4.57 -0.95
C MET A 301 -45.35 -3.09 -0.54
N THR A 302 -46.53 -2.69 -0.10
CA THR A 302 -46.70 -1.35 0.40
C THR A 302 -46.37 -1.29 1.88
N GLU A 303 -46.21 -0.06 2.37
CA GLU A 303 -45.92 0.13 3.78
C GLU A 303 -47.03 -0.42 4.65
N GLU A 304 -48.28 -0.33 4.20
CA GLU A 304 -49.40 -0.83 4.98
C GLU A 304 -49.32 -2.34 5.14
N GLU A 305 -49.04 -3.05 4.04
CA GLU A 305 -48.93 -4.50 4.10
C GLU A 305 -47.79 -4.93 5.01
N ALA A 306 -46.68 -4.20 4.97
CA ALA A 306 -45.51 -4.60 5.75
C ALA A 306 -45.75 -4.48 7.25
N GLU A 307 -46.56 -3.52 7.69
CA GLU A 307 -46.87 -3.45 9.12
C GLU A 307 -47.77 -4.59 9.56
N LYS A 308 -48.42 -5.29 8.62
CA LYS A 308 -49.35 -6.36 8.95
C LYS A 308 -48.67 -7.73 8.97
N LEU A 309 -47.45 -7.83 8.49
CA LEU A 309 -46.75 -9.10 8.43
C LEU A 309 -46.35 -9.61 9.81
N PRO A 310 -46.33 -10.94 10.00
CA PRO A 310 -45.84 -11.54 11.25
C PRO A 310 -44.32 -11.55 11.39
N PHE A 311 -43.59 -11.11 10.38
CA PHE A 311 -42.15 -10.94 10.44
C PHE A 311 -41.82 -9.58 9.84
N SER A 312 -40.54 -9.25 9.82
CA SER A 312 -40.07 -7.95 9.40
C SER A 312 -39.53 -7.98 7.99
N VAL A 313 -39.93 -7.00 7.18
CA VAL A 313 -39.30 -6.83 5.89
C VAL A 313 -37.82 -6.44 6.04
N PHE A 314 -37.40 -6.01 7.22
CA PHE A 314 -35.99 -5.71 7.42
C PHE A 314 -35.18 -6.92 7.86
N ASP A 315 -35.80 -8.09 7.93
CA ASP A 315 -35.15 -9.32 8.41
C ASP A 315 -34.70 -10.16 7.21
N LEU A 316 -33.38 -10.22 7.04
CA LEU A 316 -32.77 -10.95 5.94
C LEU A 316 -33.04 -12.45 5.99
N THR A 317 -33.48 -12.99 7.11
CA THR A 317 -33.68 -14.45 7.20
C THR A 317 -35.09 -14.88 6.79
N LYS A 318 -35.90 -13.96 6.27
CA LYS A 318 -37.27 -14.25 5.91
C LYS A 318 -37.46 -14.04 4.42
N VAL A 319 -38.38 -14.83 3.86
CA VAL A 319 -38.82 -14.67 2.48
C VAL A 319 -40.24 -14.16 2.54
N TRP A 320 -40.72 -13.61 1.41
CA TRP A 320 -42.14 -13.24 1.27
C TRP A 320 -42.87 -14.36 0.53
N PRO A 321 -43.82 -15.03 1.13
CA PRO A 321 -44.50 -16.14 0.44
C PRO A 321 -45.12 -15.73 -0.89
N HIS A 322 -44.91 -16.57 -1.90
CA HIS A 322 -45.34 -16.25 -3.27
C HIS A 322 -46.87 -16.04 -3.36
N LYS A 323 -47.66 -16.76 -2.60
CA LYS A 323 -49.10 -16.66 -2.77
C LYS A 323 -49.59 -15.24 -2.51
N GLN A 324 -49.11 -14.63 -1.43
CA GLN A 324 -49.46 -13.25 -1.07
C GLN A 324 -48.65 -12.21 -1.84
N PHE A 325 -47.44 -12.57 -2.30
CA PHE A 325 -46.55 -11.65 -3.02
C PHE A 325 -46.07 -12.34 -4.29
N PRO A 326 -46.90 -12.37 -5.31
CA PRO A 326 -46.51 -13.07 -6.55
C PRO A 326 -45.40 -12.32 -7.26
N LEU A 327 -44.67 -13.09 -8.07
CA LEU A 327 -43.65 -12.55 -8.91
C LEU A 327 -44.22 -11.82 -10.09
N ARG A 328 -43.57 -10.71 -10.45
CA ARG A 328 -43.98 -9.87 -11.57
C ARG A 328 -42.80 -9.78 -12.53
N ARG A 329 -43.03 -10.10 -13.79
CA ARG A 329 -41.93 -10.15 -14.72
C ARG A 329 -41.48 -8.76 -15.13
N VAL A 330 -40.19 -8.63 -15.35
CA VAL A 330 -39.57 -7.36 -15.70
C VAL A 330 -38.73 -7.48 -16.96
N GLY A 331 -37.88 -8.49 -17.04
CA GLY A 331 -37.00 -8.60 -18.18
C GLY A 331 -36.24 -9.91 -18.20
N LYS A 332 -35.20 -9.92 -19.04
CA LYS A 332 -34.37 -11.09 -19.32
C LYS A 332 -32.90 -10.69 -19.31
N MET A 333 -32.08 -11.45 -18.59
CA MET A 333 -30.65 -11.21 -18.61
C MET A 333 -29.95 -12.34 -19.37
N VAL A 334 -29.03 -11.94 -20.25
CA VAL A 334 -28.26 -12.85 -21.08
C VAL A 334 -26.79 -12.59 -20.89
N LEU A 335 -26.03 -13.64 -20.69
CA LEU A 335 -24.59 -13.56 -20.62
C LEU A 335 -24.01 -14.16 -21.90
N ASN A 336 -23.31 -13.32 -22.67
CA ASN A 336 -22.86 -13.69 -23.99
C ASN A 336 -21.43 -13.27 -24.33
N GLU A 337 -20.62 -12.86 -23.35
CA GLU A 337 -19.30 -12.31 -23.65
C GLU A 337 -18.34 -12.77 -22.54
N ASN A 338 -17.36 -13.53 -22.91
CA ASN A 338 -16.37 -13.85 -21.89
C ASN A 338 -15.40 -12.70 -21.69
N PRO A 339 -14.80 -12.61 -20.53
CA PRO A 339 -13.72 -11.64 -20.33
C PRO A 339 -12.50 -11.97 -21.18
N GLU A 340 -11.85 -10.92 -21.66
CA GLU A 340 -10.60 -11.06 -22.41
C GLU A 340 -9.42 -11.36 -21.51
N ASN A 341 -9.41 -10.82 -20.30
CA ASN A 341 -8.34 -11.02 -19.34
C ASN A 341 -8.97 -11.17 -17.97
N TYR A 342 -8.85 -12.36 -17.39
CA TYR A 342 -9.49 -12.66 -16.11
C TYR A 342 -9.09 -11.63 -15.04
N PHE A 343 -7.79 -11.36 -14.90
CA PHE A 343 -7.36 -10.47 -13.84
C PHE A 343 -7.95 -9.06 -14.04
N ALA A 344 -7.86 -8.54 -15.27
CA ALA A 344 -8.21 -7.14 -15.51
C ALA A 344 -9.70 -6.92 -15.31
N GLN A 345 -10.53 -7.90 -15.69
CA GLN A 345 -11.98 -7.69 -15.58
C GLN A 345 -12.68 -8.44 -14.45
N VAL A 346 -12.20 -9.60 -14.02
CA VAL A 346 -12.92 -10.30 -12.96
C VAL A 346 -12.27 -10.01 -11.61
N GLU A 347 -10.95 -10.25 -11.50
CA GLU A 347 -10.30 -10.08 -10.21
C GLU A 347 -10.38 -8.65 -9.72
N GLN A 348 -10.27 -7.67 -10.62
CA GLN A 348 -10.30 -6.27 -10.22
C GLN A 348 -11.72 -5.69 -10.21
N ALA A 349 -12.73 -6.46 -10.59
CA ALA A 349 -14.09 -5.95 -10.56
C ALA A 349 -14.49 -5.56 -9.14
N ALA A 350 -15.24 -4.48 -9.01
CA ALA A 350 -15.68 -4.03 -7.69
C ALA A 350 -17.18 -3.77 -7.63
N PHE A 351 -17.89 -4.53 -6.80
CA PHE A 351 -19.32 -4.40 -6.61
C PHE A 351 -19.58 -3.86 -5.20
N SER A 352 -20.66 -3.06 -5.07
CA SER A 352 -21.13 -2.62 -3.75
C SER A 352 -22.63 -2.37 -3.77
N PRO A 353 -23.36 -2.76 -2.72
CA PRO A 353 -24.80 -2.42 -2.68
C PRO A 353 -25.06 -0.92 -2.62
N SER A 354 -24.07 -0.12 -2.16
CA SER A 354 -24.25 1.32 -2.10
C SER A 354 -24.00 1.97 -3.45
N HIS A 355 -23.54 1.19 -4.43
CA HIS A 355 -23.53 1.67 -5.80
C HIS A 355 -24.92 1.54 -6.39
N THR A 356 -25.68 2.64 -6.41
CA THR A 356 -27.07 2.63 -6.85
C THR A 356 -27.35 3.84 -7.76
N VAL A 357 -28.57 3.88 -8.29
CA VAL A 357 -28.99 4.90 -9.26
C VAL A 357 -30.20 5.63 -8.70
N PRO A 358 -30.58 6.78 -9.26
CA PRO A 358 -31.86 7.40 -8.87
C PRO A 358 -33.01 6.42 -8.89
N TYR A 359 -33.86 6.51 -7.85
CA TYR A 359 -35.14 5.80 -7.65
C TYR A 359 -34.96 4.38 -7.12
N GLN A 360 -33.73 3.94 -6.86
CA GLN A 360 -33.47 2.70 -6.13
C GLN A 360 -32.69 3.01 -4.88
N GLU A 361 -33.21 2.58 -3.72
CA GLU A 361 -32.56 2.86 -2.44
C GLU A 361 -32.57 1.59 -1.59
N ALA A 362 -31.68 1.57 -0.61
CA ALA A 362 -31.63 0.49 0.37
C ALA A 362 -32.67 0.70 1.47
N SER A 363 -33.14 -0.41 2.03
CA SER A 363 -34.01 -0.35 3.18
C SER A 363 -33.18 -0.36 4.47
N ALA A 364 -33.86 -0.28 5.64
CA ALA A 364 -33.27 -0.28 6.96
C ALA A 364 -32.90 -1.69 7.43
N ASP A 365 -32.91 -2.66 6.55
CA ASP A 365 -32.31 -3.96 6.88
C ASP A 365 -30.91 -3.72 7.45
N PRO A 366 -30.66 -4.06 8.72
CA PRO A 366 -29.39 -3.68 9.34
C PRO A 366 -28.19 -4.36 8.72
N VAL A 367 -28.35 -5.57 8.19
CA VAL A 367 -27.25 -6.18 7.44
C VAL A 367 -26.98 -5.38 6.18
N LEU A 368 -28.04 -5.04 5.42
CA LEU A 368 -27.81 -4.24 4.21
C LEU A 368 -27.17 -2.89 4.53
N GLN A 369 -27.63 -2.24 5.59
CA GLN A 369 -27.05 -0.95 5.99
C GLN A 369 -25.56 -1.03 6.20
N ALA A 370 -25.08 -2.09 6.88
CA ALA A 370 -23.65 -2.23 7.08
C ALA A 370 -22.91 -2.45 5.78
N ARG A 371 -23.54 -3.14 4.82
CA ARG A 371 -22.88 -3.42 3.54
C ARG A 371 -22.62 -2.13 2.78
N LEU A 372 -23.51 -1.13 2.94
CA LEU A 372 -23.27 0.17 2.29
C LEU A 372 -21.90 0.74 2.66
N PHE A 373 -21.47 0.49 3.88
CA PHE A 373 -20.16 0.96 4.30
C PHE A 373 -19.07 0.00 3.89
N SER A 374 -19.30 -1.31 4.06
CA SER A 374 -18.19 -2.25 4.03
C SER A 374 -17.54 -2.31 2.67
N TYR A 375 -18.33 -2.33 1.61
CA TYR A 375 -17.79 -2.70 0.31
C TYR A 375 -16.92 -1.59 -0.27
N PRO A 376 -17.35 -0.34 -0.36
CA PRO A 376 -16.41 0.69 -0.82
C PRO A 376 -15.10 0.70 -0.01
N ASP A 377 -15.17 0.46 1.29
CA ASP A 377 -13.95 0.41 2.09
C ASP A 377 -13.06 -0.76 1.70
N ALA A 378 -13.64 -1.95 1.46
CA ALA A 378 -12.82 -3.05 1.00
C ALA A 378 -12.22 -2.74 -0.35
N HIS A 379 -12.99 -2.15 -1.27
CA HIS A 379 -12.41 -1.84 -2.58
C HIS A 379 -11.18 -0.94 -2.43
N ARG A 380 -11.25 0.06 -1.57
CA ARG A 380 -10.15 1.04 -1.49
C ARG A 380 -8.87 0.39 -0.98
N TYR A 381 -8.99 -0.59 -0.06
CA TYR A 381 -7.82 -1.31 0.39
C TYR A 381 -7.36 -2.34 -0.65
N ARG A 382 -8.28 -3.14 -1.18
CA ARG A 382 -7.92 -4.26 -2.05
C ARG A 382 -7.36 -3.80 -3.39
N LEU A 383 -7.99 -2.78 -4.02
CA LEU A 383 -7.65 -2.31 -5.36
C LEU A 383 -6.95 -0.95 -5.41
N GLY A 384 -7.22 -0.04 -4.49
CA GLY A 384 -6.66 1.29 -4.51
C GLY A 384 -7.74 2.35 -4.47
N PRO A 385 -7.41 3.54 -3.97
CA PRO A 385 -8.46 4.58 -3.84
C PRO A 385 -9.11 4.99 -5.15
N ASN A 386 -8.42 4.85 -6.28
CA ASN A 386 -8.96 5.23 -7.57
C ASN A 386 -9.43 4.04 -8.41
N TYR A 387 -9.97 3.01 -7.76
CA TYR A 387 -10.41 1.79 -8.44
C TYR A 387 -11.54 2.04 -9.42
N SER A 388 -12.31 3.12 -9.26
CA SER A 388 -13.34 3.44 -10.22
C SER A 388 -12.79 3.87 -11.58
N GLN A 389 -11.48 4.10 -11.67
CA GLN A 389 -10.84 4.38 -12.95
C GLN A 389 -10.36 3.11 -13.68
N ILE A 390 -10.42 1.95 -13.05
CA ILE A 390 -10.14 0.72 -13.81
C ILE A 390 -11.25 0.54 -14.81
N PRO A 391 -10.97 0.23 -16.08
CA PRO A 391 -12.05 0.19 -17.09
C PRO A 391 -13.28 -0.60 -16.69
N VAL A 392 -13.14 -1.85 -16.21
CA VAL A 392 -14.34 -2.64 -15.88
C VAL A 392 -15.22 -1.94 -14.84
N ASN A 393 -14.62 -1.10 -14.00
CA ASN A 393 -15.40 -0.40 -12.96
C ASN A 393 -15.87 1.01 -13.37
N CYS A 394 -15.48 1.49 -14.51
CA CYS A 394 -15.83 2.83 -14.94
CA CYS A 394 -15.82 2.82 -14.93
C CYS A 394 -17.28 2.88 -15.40
N PRO A 395 -18.01 3.93 -15.03
CA PRO A 395 -19.38 4.10 -15.56
C PRO A 395 -19.35 4.72 -16.95
N TYR A 396 -19.06 3.89 -17.96
CA TYR A 396 -18.81 4.41 -19.30
C TYR A 396 -20.02 5.13 -19.90
N ALA A 397 -21.20 4.87 -19.39
CA ALA A 397 -22.38 5.52 -19.93
C ALA A 397 -22.82 6.76 -19.15
N SER A 398 -22.11 7.12 -18.07
CA SER A 398 -22.34 8.30 -17.24
C SER A 398 -21.04 8.74 -16.55
N LYS A 399 -20.18 9.43 -17.26
CA LYS A 399 -18.83 9.70 -16.77
C LYS A 399 -18.85 10.50 -15.46
N VAL A 400 -17.82 10.27 -14.65
CA VAL A 400 -17.70 10.93 -13.36
C VAL A 400 -17.33 12.41 -13.57
N PHE A 401 -18.01 13.30 -12.85
CA PHE A 401 -17.59 14.70 -12.80
C PHE A 401 -17.91 15.16 -11.37
N ASN A 402 -16.85 15.19 -10.52
CA ASN A 402 -16.92 15.73 -9.19
C ASN A 402 -15.68 16.57 -8.94
N PRO A 403 -15.82 17.89 -8.85
CA PRO A 403 -14.63 18.75 -8.72
C PRO A 403 -13.80 18.48 -7.48
N ALA A 404 -14.43 18.00 -6.41
CA ALA A 404 -13.74 17.79 -5.15
C ALA A 404 -13.15 16.39 -4.97
N ILE A 405 -13.33 15.49 -5.93
CA ILE A 405 -12.76 14.14 -5.82
C ILE A 405 -11.58 14.12 -6.78
N ARG A 406 -10.35 14.26 -6.23
CA ARG A 406 -9.17 14.52 -7.05
C ARG A 406 -7.98 13.82 -6.44
N ASP A 407 -6.92 13.69 -7.22
CA ASP A 407 -5.61 13.19 -6.78
C ASP A 407 -5.74 11.70 -6.39
N GLY A 408 -4.91 11.27 -5.44
CA GLY A 408 -4.85 9.87 -5.07
C GLY A 408 -3.93 9.04 -5.92
N PRO A 409 -3.42 7.96 -5.35
CA PRO A 409 -2.46 7.12 -6.11
C PRO A 409 -3.09 6.56 -7.39
N MET A 410 -2.25 6.42 -8.42
CA MET A 410 -2.62 5.89 -9.73
C MET A 410 -3.84 6.61 -10.31
N ASN A 411 -3.78 7.93 -10.28
CA ASN A 411 -4.77 8.73 -10.99
C ASN A 411 -4.40 8.76 -12.46
N VAL A 412 -5.22 8.12 -13.29
CA VAL A 412 -4.82 7.83 -14.66
C VAL A 412 -5.71 8.51 -15.69
N ASN A 413 -6.77 9.19 -15.28
CA ASN A 413 -7.70 9.75 -16.25
C ASN A 413 -7.56 11.26 -16.39
N GLY A 414 -6.46 11.84 -15.95
CA GLY A 414 -6.21 13.25 -16.12
C GLY A 414 -6.60 14.14 -14.97
N ASN A 415 -7.37 13.64 -14.02
CA ASN A 415 -7.66 14.35 -12.77
C ASN A 415 -8.43 15.67 -12.99
N LEU A 416 -9.24 15.70 -14.03
CA LEU A 416 -10.05 16.85 -14.44
C LEU A 416 -9.19 18.02 -14.91
N GLY A 417 -7.89 17.80 -15.10
CA GLY A 417 -7.08 18.87 -15.67
C GLY A 417 -7.19 20.09 -14.75
N LYS A 418 -7.39 21.26 -15.33
CA LYS A 418 -7.35 22.53 -14.59
C LYS A 418 -8.69 22.88 -13.96
N GLU A 419 -9.65 21.99 -13.98
CA GLU A 419 -10.91 22.21 -13.29
C GLU A 419 -10.68 22.61 -11.84
N PRO A 420 -11.29 23.69 -11.35
CA PRO A 420 -11.21 24.01 -9.93
C PRO A 420 -11.63 22.81 -9.10
N ASN A 421 -11.08 22.69 -7.88
CA ASN A 421 -11.38 21.55 -7.04
C ASN A 421 -12.41 21.89 -5.97
N TYR A 422 -13.27 22.88 -6.27
CA TYR A 422 -14.38 23.26 -5.41
C TYR A 422 -15.41 23.83 -6.35
N LEU A 423 -16.54 24.25 -5.78
CA LEU A 423 -17.59 24.85 -6.59
C LEU A 423 -17.32 26.35 -6.76
N SER A 424 -16.44 26.66 -7.72
CA SER A 424 -16.12 28.04 -8.07
C SER A 424 -17.30 28.79 -8.67
N THR A 425 -17.51 30.02 -8.23
CA THR A 425 -18.64 30.85 -8.73
C THR A 425 -18.44 31.28 -10.18
N SER A 426 -17.24 31.08 -10.72
CA SER A 426 -16.92 31.42 -12.13
C SER A 426 -17.23 30.25 -13.07
N LYS A 427 -17.70 29.11 -12.55
CA LYS A 427 -17.93 27.94 -13.42
C LYS A 427 -19.38 27.48 -13.31
N LYS A 428 -19.84 26.72 -14.31
CA LYS A 428 -21.21 26.19 -14.31
C LYS A 428 -21.18 24.74 -13.81
N TYR A 429 -22.04 24.44 -12.87
CA TYR A 429 -22.21 23.10 -12.35
C TYR A 429 -23.70 22.80 -12.37
N GLN A 430 -24.06 21.65 -12.89
CA GLN A 430 -25.47 21.27 -13.03
C GLN A 430 -25.77 20.15 -12.05
N PHE A 431 -26.74 20.37 -11.18
CA PHE A 431 -27.24 19.36 -10.25
C PHE A 431 -28.66 19.02 -10.70
N ILE A 432 -28.81 17.85 -11.34
CA ILE A 432 -30.13 17.47 -11.85
C ILE A 432 -30.95 16.73 -10.82
N GLN A 433 -32.25 16.62 -11.08
CA GLN A 433 -33.16 15.89 -10.22
C GLN A 433 -33.27 16.47 -8.81
N GLN A 434 -33.25 17.80 -8.72
CA GLN A 434 -33.27 18.45 -7.43
C GLN A 434 -34.55 18.21 -6.65
N SER A 435 -35.68 18.01 -7.34
CA SER A 435 -36.95 17.78 -6.67
C SER A 435 -37.21 16.32 -6.37
N LYS A 436 -36.31 15.42 -6.73
CA LYS A 436 -36.49 13.99 -6.44
C LYS A 436 -36.03 13.66 -5.03
N PRO A 437 -36.92 13.18 -4.16
CA PRO A 437 -36.49 12.80 -2.80
C PRO A 437 -35.55 11.60 -2.84
N ILE A 438 -34.76 11.50 -1.76
CA ILE A 438 -33.86 10.36 -1.58
C ILE A 438 -34.63 9.33 -0.77
N GLN A 439 -34.83 9.62 0.52
CA GLN A 439 -35.65 8.77 1.37
C GLN A 439 -36.61 9.58 2.25
N GLN A 440 -36.60 10.92 2.14
CA GLN A 440 -37.40 11.69 3.08
C GLN A 440 -38.89 11.55 2.82
N HIS A 441 -39.29 10.92 1.70
CA HIS A 441 -40.70 10.66 1.40
C HIS A 441 -41.17 9.29 1.88
N GLN A 442 -40.31 8.52 2.54
CA GLN A 442 -40.59 7.14 2.90
C GLN A 442 -40.85 7.07 4.41
N GLU A 443 -40.21 6.18 5.15
CA GLU A 443 -40.63 5.92 6.52
C GLU A 443 -40.24 7.09 7.43
N VAL A 444 -41.00 7.23 8.51
CA VAL A 444 -40.74 8.18 9.57
C VAL A 444 -40.21 7.42 10.79
N TRP A 445 -38.98 7.69 11.17
CA TRP A 445 -38.33 7.01 12.27
C TRP A 445 -38.52 7.78 13.55
N SER A 446 -38.41 7.09 14.67
CA SER A 446 -38.62 7.70 15.97
C SER A 446 -37.88 6.88 17.03
N GLY A 447 -37.24 7.59 17.98
CA GLY A 447 -36.53 6.95 19.07
C GLY A 447 -35.17 7.55 19.35
N PRO A 448 -34.56 7.15 20.46
CA PRO A 448 -33.15 7.53 20.72
C PRO A 448 -32.22 6.64 19.91
N ALA A 449 -30.96 6.99 19.91
CA ALA A 449 -29.97 6.13 19.31
C ALA A 449 -29.89 4.82 20.06
N PRO A 451 -28.71 0.89 20.72
CA PRO A 451 -27.90 -0.27 20.33
C PRO A 451 -28.75 -1.49 20.47
N VAL A 452 -28.87 -2.29 19.42
CA VAL A 452 -29.80 -3.42 19.44
C VAL A 452 -29.06 -4.67 18.97
N HIS A 453 -29.19 -5.75 19.74
CA HIS A 453 -28.75 -7.08 19.34
C HIS A 453 -30.00 -7.87 18.95
N TRP A 454 -30.21 -8.04 17.66
CA TRP A 454 -31.46 -8.67 17.17
C TRP A 454 -31.38 -10.21 17.29
N ALA A 455 -31.16 -10.68 18.51
CA ALA A 455 -30.99 -12.09 18.73
C ALA A 455 -32.27 -12.88 18.37
N THR A 456 -32.08 -14.17 18.16
CA THR A 456 -33.19 -15.08 17.87
C THR A 456 -34.39 -14.80 18.73
N SER A 457 -35.52 -14.72 18.11
CA SER A 457 -36.75 -14.41 18.81
C SER A 457 -37.28 -15.63 19.55
N PRO A 458 -38.05 -15.42 20.62
CA PRO A 458 -38.72 -16.55 21.29
C PRO A 458 -39.79 -17.11 20.38
N GLY A 459 -40.24 -18.32 20.71
CA GLY A 459 -41.27 -18.93 19.90
C GLY A 459 -40.71 -19.43 18.59
N ASP A 460 -41.60 -19.53 17.59
CA ASP A 460 -41.32 -20.31 16.39
C ASP A 460 -41.13 -19.48 15.13
N ILE A 461 -41.24 -18.15 15.20
CA ILE A 461 -41.24 -17.32 14.01
C ILE A 461 -39.94 -17.50 13.22
N ASP A 462 -38.82 -17.71 13.91
CA ASP A 462 -37.52 -17.87 13.26
C ASP A 462 -37.21 -19.33 12.89
N PHE A 463 -38.16 -20.22 13.09
CA PHE A 463 -38.01 -21.60 12.65
C PHE A 463 -39.04 -22.03 11.64
N VAL A 464 -40.16 -21.28 11.48
CA VAL A 464 -41.31 -21.78 10.73
C VAL A 464 -41.04 -21.83 9.22
N GLN A 465 -40.33 -20.82 8.67
CA GLN A 465 -40.07 -20.85 7.23
C GLN A 465 -39.10 -21.98 6.87
N ALA A 466 -38.20 -22.34 7.80
CA ALA A 466 -37.34 -23.51 7.61
C ALA A 466 -38.14 -24.80 7.59
N ARG A 467 -39.15 -24.88 8.44
CA ARG A 467 -40.05 -26.01 8.45
C ARG A 467 -40.89 -26.04 7.19
N ASP A 468 -41.36 -24.89 6.73
CA ASP A 468 -42.13 -24.86 5.49
C ASP A 468 -41.29 -25.30 4.29
N LEU A 469 -40.02 -24.91 4.26
CA LEU A 469 -39.13 -25.40 3.20
C LEU A 469 -39.06 -26.94 3.24
N TYR A 470 -38.87 -27.51 4.44
CA TYR A 470 -38.69 -28.94 4.59
C TYR A 470 -39.94 -29.70 4.20
N ASN A 471 -41.09 -29.28 4.74
CA ASN A 471 -42.35 -30.01 4.62
C ASN A 471 -43.16 -29.66 3.38
N LYS A 472 -43.02 -28.45 2.82
CA LYS A 472 -43.88 -28.07 1.71
C LYS A 472 -43.12 -28.02 0.39
N VAL A 473 -41.80 -27.96 0.43
CA VAL A 473 -41.04 -27.76 -0.79
C VAL A 473 -40.18 -28.98 -1.07
N LEU A 474 -39.26 -29.30 -0.15
CA LEU A 474 -38.38 -30.44 -0.36
C LEU A 474 -39.13 -31.78 -0.38
N SER A 475 -40.23 -31.86 0.34
CA SER A 475 -41.03 -33.08 0.35
C SER A 475 -41.49 -33.41 -1.06
N LYS A 476 -41.67 -32.39 -1.90
CA LYS A 476 -42.12 -32.57 -3.27
C LYS A 476 -40.98 -32.90 -4.23
N GLN A 477 -39.74 -32.95 -3.76
CA GLN A 477 -38.63 -33.31 -4.62
C GLN A 477 -38.07 -34.67 -4.22
N PRO A 478 -38.30 -35.73 -5.01
CA PRO A 478 -37.94 -37.08 -4.51
C PRO A 478 -36.48 -37.17 -4.15
N GLY A 479 -36.24 -37.59 -2.92
CA GLY A 479 -34.93 -37.78 -2.39
C GLY A 479 -34.31 -36.58 -1.73
N GLN A 480 -34.96 -35.43 -1.76
CA GLN A 480 -34.26 -34.23 -1.27
C GLN A 480 -34.28 -34.13 0.25
N GLN A 481 -35.33 -34.60 0.89
CA GLN A 481 -35.34 -34.68 2.35
C GLN A 481 -34.24 -35.60 2.85
N LYS A 482 -34.09 -36.76 2.21
CA LYS A 482 -33.03 -37.66 2.62
C LYS A 482 -31.66 -37.04 2.35
N ALA A 483 -31.50 -36.36 1.22
CA ALA A 483 -30.18 -35.82 0.93
C ALA A 483 -29.79 -34.71 1.90
N LEU A 484 -30.74 -33.89 2.33
CA LEU A 484 -30.45 -32.87 3.34
C LEU A 484 -29.85 -33.48 4.62
N ALA A 485 -30.52 -34.51 5.18
CA ALA A 485 -29.98 -35.11 6.40
C ALA A 485 -28.59 -35.68 6.16
N HIS A 486 -28.40 -36.36 5.03
CA HIS A 486 -27.09 -36.88 4.70
C HIS A 486 -26.02 -35.77 4.62
N ASN A 487 -26.32 -34.66 3.96
CA ASN A 487 -25.32 -33.62 3.78
C ASN A 487 -24.91 -33.05 5.13
N VAL A 488 -25.85 -32.91 6.05
CA VAL A 488 -25.53 -32.45 7.39
C VAL A 488 -24.71 -33.50 8.13
N ALA A 489 -25.18 -34.76 8.09
CA ALA A 489 -24.55 -35.81 8.87
C ALA A 489 -23.07 -35.93 8.57
N VAL A 490 -22.70 -35.91 7.29
CA VAL A 490 -21.32 -36.13 6.95
C VAL A 490 -20.50 -34.94 7.41
N HIS A 491 -21.12 -33.77 7.56
CA HIS A 491 -20.39 -32.58 7.94
C HIS A 491 -20.18 -32.53 9.45
N VAL A 492 -21.26 -32.71 10.23
CA VAL A 492 -21.19 -32.69 11.68
C VAL A 492 -20.51 -33.93 12.25
N ALA A 493 -20.31 -34.99 11.45
CA ALA A 493 -19.67 -36.17 12.02
C ALA A 493 -18.27 -35.87 12.54
N SER A 494 -17.61 -34.82 11.98
CA SER A 494 -16.27 -34.42 12.43
C SER A 494 -16.24 -33.63 13.74
N ALA A 495 -17.38 -33.12 14.18
CA ALA A 495 -17.47 -32.34 15.40
C ALA A 495 -17.50 -33.22 16.64
N CYS A 496 -17.12 -32.63 17.77
CA CYS A 496 -17.13 -33.38 19.02
C CYS A 496 -18.57 -33.67 19.44
N PRO A 497 -18.74 -34.62 20.36
CA PRO A 497 -20.11 -35.04 20.70
C PRO A 497 -21.00 -33.96 21.28
N GLU A 498 -20.45 -33.08 22.14
CA GLU A 498 -21.30 -32.03 22.72
C GLU A 498 -21.84 -31.11 21.64
N ILE A 499 -20.99 -30.74 20.67
CA ILE A 499 -21.45 -29.92 19.56
C ILE A 499 -22.46 -30.69 18.72
N GLN A 500 -22.17 -31.95 18.41
CA GLN A 500 -23.11 -32.79 17.67
C GLN A 500 -24.48 -32.79 18.30
N ASP A 501 -24.54 -32.96 19.63
CA ASP A 501 -25.84 -32.97 20.28
C ASP A 501 -26.55 -31.63 20.19
N ARG A 502 -25.82 -30.53 20.16
CA ARG A 502 -26.49 -29.24 19.97
C ARG A 502 -27.07 -29.14 18.56
N VAL A 503 -26.32 -29.63 17.56
CA VAL A 503 -26.79 -29.64 16.20
C VAL A 503 -28.04 -30.49 16.09
N PHE A 504 -28.01 -31.70 16.66
CA PHE A 504 -29.20 -32.54 16.58
C PHE A 504 -30.41 -31.81 17.15
N ALA A 505 -30.22 -31.13 18.29
CA ALA A 505 -31.34 -30.47 18.95
C ALA A 505 -31.87 -29.31 18.12
N MET A 506 -30.98 -28.54 17.48
CA MET A 506 -31.45 -27.39 16.72
C MET A 506 -32.30 -27.84 15.53
N PHE A 507 -31.84 -28.87 14.82
CA PHE A 507 -32.64 -29.36 13.71
C PHE A 507 -33.97 -29.96 14.16
N ALA A 508 -34.02 -30.51 15.35
CA ALA A 508 -35.30 -31.04 15.83
C ALA A 508 -36.34 -29.95 15.99
N ARG A 509 -35.90 -28.70 16.21
CA ARG A 509 -36.86 -27.60 16.22
C ARG A 509 -37.53 -27.47 14.87
N VAL A 510 -36.84 -27.85 13.81
CA VAL A 510 -37.46 -27.82 12.49
C VAL A 510 -38.34 -29.04 12.32
N ASP A 511 -37.77 -30.23 12.47
CA ASP A 511 -38.54 -31.45 12.33
C ASP A 511 -37.84 -32.59 13.04
N ARG A 512 -38.59 -33.27 13.92
CA ARG A 512 -38.04 -34.39 14.67
C ARG A 512 -37.43 -35.44 13.75
N GLY A 513 -38.09 -35.78 12.65
CA GLY A 513 -37.58 -36.83 11.78
C GLY A 513 -36.32 -36.46 11.03
N LEU A 514 -36.24 -35.23 10.54
CA LEU A 514 -34.99 -34.75 9.99
C LEU A 514 -33.88 -34.90 11.02
N SER A 515 -34.17 -34.54 12.28
CA SER A 515 -33.18 -34.67 13.33
C SER A 515 -32.75 -36.12 13.50
N GLU A 516 -33.70 -37.04 13.57
CA GLU A 516 -33.35 -38.44 13.84
C GLU A 516 -32.48 -38.99 12.70
N ASN A 517 -32.82 -38.61 11.46
CA ASN A 517 -32.03 -39.04 10.32
C ASN A 517 -30.62 -38.52 10.40
N ILE A 518 -30.44 -37.23 10.72
CA ILE A 518 -29.09 -36.69 10.86
C ILE A 518 -28.33 -37.45 11.94
N LYS A 519 -28.98 -37.65 13.09
CA LYS A 519 -28.31 -38.27 14.22
C LYS A 519 -27.86 -39.69 13.90
N LYS A 520 -28.78 -40.53 13.47
CA LYS A 520 -28.44 -41.92 13.16
C LYS A 520 -27.24 -41.99 12.23
N GLU A 521 -27.23 -41.19 11.16
CA GLU A 521 -26.14 -41.31 10.22
C GLU A 521 -24.86 -40.76 10.83
N ALA A 522 -24.95 -39.61 11.50
CA ALA A 522 -23.75 -39.01 12.08
C ALA A 522 -23.10 -39.96 13.07
N LEU A 523 -23.91 -40.62 13.90
CA LEU A 523 -23.34 -41.49 14.92
C LEU A 523 -22.73 -42.72 14.27
N SER A 524 -23.33 -43.21 13.19
CA SER A 524 -22.76 -44.33 12.44
C SER A 524 -21.39 -43.93 11.89
N LEU A 525 -21.23 -42.63 11.53
CA LEU A 525 -19.95 -42.13 11.05
C LEU A 525 -18.97 -41.83 12.18
N SER A 526 -19.46 -41.64 13.41
CA SER A 526 -18.58 -41.32 14.54
C SER A 526 -19.18 -41.94 15.79
N PRO A 527 -19.06 -43.24 15.96
CA PRO A 527 -19.73 -43.90 17.09
C PRO A 527 -19.03 -43.56 18.40
N ARG A 528 -19.78 -43.71 19.48
CA ARG A 528 -19.30 -43.39 20.81
C ARG A 528 -19.15 -44.70 21.61
N GLY B 28 6.18 -18.81 26.50
CA GLY B 28 6.54 -19.05 25.13
C GLY B 28 7.70 -18.21 24.62
N HIS B 29 8.27 -18.63 23.50
CA HIS B 29 9.38 -17.93 22.89
C HIS B 29 8.92 -16.62 22.27
N PRO B 30 9.75 -15.57 22.29
CA PRO B 30 9.36 -14.29 21.66
C PRO B 30 9.01 -14.44 20.18
N THR B 31 9.64 -15.38 19.45
CA THR B 31 9.27 -15.58 18.05
C THR B 31 7.92 -16.29 17.91
N ASN B 32 7.36 -16.87 19.00
CA ASN B 32 6.16 -17.70 18.89
C ASN B 32 5.39 -17.60 20.22
N THR B 33 4.73 -16.46 20.43
CA THR B 33 3.93 -16.26 21.63
C THR B 33 2.86 -15.19 21.36
N ALA B 34 2.11 -14.85 22.41
CA ALA B 34 1.05 -13.87 22.33
C ALA B 34 0.85 -13.27 23.72
N ASP B 35 0.01 -12.25 23.80
CA ASP B 35 -0.33 -11.65 25.09
C ASP B 35 -1.84 -11.42 25.15
N VAL B 36 -2.50 -12.12 26.05
CA VAL B 36 -3.96 -12.10 26.14
C VAL B 36 -4.35 -11.66 27.55
N ARG B 37 -5.22 -10.67 27.61
CA ARG B 37 -5.67 -10.14 28.90
C ARG B 37 -6.10 -11.30 29.78
N LYS B 38 -5.67 -11.27 31.04
CA LYS B 38 -6.01 -12.36 31.95
C LYS B 38 -7.43 -12.21 32.48
N ASP B 39 -7.93 -10.98 32.53
CA ASP B 39 -9.31 -10.73 32.93
C ASP B 39 -10.31 -11.00 31.82
N ARG B 40 -9.87 -11.32 30.60
CA ARG B 40 -10.76 -11.71 29.53
C ARG B 40 -11.77 -10.61 29.18
N VAL B 41 -11.50 -9.36 29.54
CA VAL B 41 -12.39 -8.25 29.20
C VAL B 41 -12.22 -7.92 27.73
N VAL B 42 -13.32 -7.93 27.00
CA VAL B 42 -13.32 -7.66 25.55
C VAL B 42 -13.38 -6.16 25.32
N THR B 43 -12.51 -5.67 24.43
CA THR B 43 -12.35 -4.25 24.15
C THR B 43 -12.38 -4.00 22.65
N ASN B 44 -12.43 -2.72 22.26
CA ASN B 44 -12.25 -2.36 20.86
C ASN B 44 -10.74 -2.17 20.62
N SER B 45 -10.37 -1.76 19.42
CA SER B 45 -8.97 -1.63 19.03
C SER B 45 -8.22 -0.52 19.77
N GLN B 46 -8.91 0.25 20.60
CA GLN B 46 -8.30 1.33 21.36
C GLN B 46 -8.37 1.06 22.83
N GLY B 47 -8.72 -0.16 23.21
CA GLY B 47 -8.72 -0.59 24.59
C GLY B 47 -9.96 -0.21 25.36
N ALA B 48 -10.95 0.37 24.69
CA ALA B 48 -12.18 0.73 25.40
C ALA B 48 -13.06 -0.51 25.51
N PRO B 49 -13.69 -0.72 26.65
CA PRO B 49 -14.50 -1.94 26.83
C PRO B 49 -15.78 -1.90 26.00
N ILE B 50 -16.13 -3.06 25.47
CA ILE B 50 -17.39 -3.26 24.77
C ILE B 50 -18.38 -3.87 25.75
N ASN B 51 -19.55 -3.23 25.92
CA ASN B 51 -20.51 -3.67 26.91
C ASN B 51 -21.59 -4.61 26.34
N GLU B 52 -21.56 -4.91 25.07
CA GLU B 52 -22.43 -5.92 24.46
C GLU B 52 -21.74 -6.40 23.20
N PRO B 53 -21.51 -7.71 23.04
CA PRO B 53 -20.75 -8.18 21.86
C PRO B 53 -21.34 -7.78 20.52
N PHE B 54 -22.66 -7.71 20.38
CA PHE B 54 -23.20 -7.56 19.04
C PHE B 54 -24.21 -6.45 18.81
N ALA B 55 -24.59 -5.68 19.83
CA ALA B 55 -25.56 -4.62 19.60
C ALA B 55 -24.99 -3.53 18.71
N THR B 56 -25.80 -3.04 17.76
CA THR B 56 -25.39 -1.95 16.88
C THR B 56 -26.40 -0.82 17.00
N GLN B 57 -25.92 0.41 16.86
CA GLN B 57 -26.77 1.57 17.07
C GLN B 57 -27.60 1.90 15.84
N ARG B 58 -28.87 2.11 16.08
CA ARG B 58 -29.80 2.60 15.09
C ARG B 58 -30.80 3.52 15.76
N VAL B 59 -31.64 4.13 14.94
CA VAL B 59 -32.70 5.00 15.44
C VAL B 59 -33.84 4.13 15.94
N GLY B 60 -34.13 4.21 17.23
CA GLY B 60 -35.15 3.32 17.72
C GLY B 60 -34.76 1.84 17.61
N GLN B 61 -35.78 0.99 17.60
CA GLN B 61 -35.49 -0.44 17.54
C GLN B 61 -35.08 -0.88 16.14
N HIS B 62 -35.69 -0.33 15.09
CA HIS B 62 -35.47 -0.88 13.76
C HIS B 62 -35.18 0.17 12.69
N GLY B 63 -34.75 1.37 13.08
CA GLY B 63 -34.41 2.38 12.11
C GLY B 63 -33.08 2.12 11.45
N PRO B 64 -32.71 3.02 10.53
CA PRO B 64 -31.43 2.87 9.83
C PRO B 64 -30.27 3.08 10.80
N LEU B 65 -29.12 2.52 10.42
CA LEU B 65 -27.97 2.55 11.30
C LEU B 65 -27.31 3.91 11.36
N LEU B 66 -26.77 4.23 12.52
CA LEU B 66 -26.13 5.50 12.77
C LEU B 66 -24.63 5.40 12.49
N LEU B 67 -24.11 6.44 11.84
CA LEU B 67 -22.69 6.59 11.54
C LEU B 67 -21.82 6.56 12.75
N GLN B 68 -22.34 6.90 13.92
CA GLN B 68 -21.53 7.05 15.12
C GLN B 68 -21.21 5.75 15.79
N ASP B 69 -21.55 4.63 15.18
CA ASP B 69 -21.26 3.33 15.79
C ASP B 69 -19.82 2.94 15.48
N PHE B 70 -18.88 3.48 16.29
CA PHE B 70 -17.46 3.26 16.09
C PHE B 70 -17.12 1.77 16.22
N ASN B 71 -17.73 1.08 17.19
CA ASN B 71 -17.31 -0.29 17.44
C ASN B 71 -17.61 -1.18 16.25
N LEU B 72 -18.75 -0.94 15.57
CA LEU B 72 -19.10 -1.68 14.37
C LEU B 72 -18.15 -1.38 13.22
N LEU B 73 -17.90 -0.10 12.93
CA LEU B 73 -17.01 0.23 11.82
C LEU B 73 -15.58 -0.24 12.07
N ASP B 74 -15.11 -0.17 13.34
CA ASP B 74 -13.81 -0.72 13.72
C ASP B 74 -13.68 -2.20 13.34
N SER B 75 -14.68 -3.00 13.68
CA SER B 75 -14.64 -4.44 13.40
C SER B 75 -14.73 -4.70 11.91
N LEU B 76 -15.66 -4.02 11.24
CA LEU B 76 -15.83 -4.28 9.81
C LEU B 76 -14.63 -3.81 9.02
N ALA B 77 -14.02 -2.67 9.42
CA ALA B 77 -12.91 -2.16 8.64
C ALA B 77 -11.67 -3.02 8.82
N HIS B 78 -11.49 -3.61 9.99
CA HIS B 78 -10.32 -4.47 10.14
C HIS B 78 -10.53 -5.77 9.39
N PHE B 79 -11.73 -6.30 9.44
CA PHE B 79 -12.08 -7.48 8.64
C PHE B 79 -11.75 -7.27 7.16
N ASN B 80 -12.05 -6.09 6.60
CA ASN B 80 -11.70 -5.79 5.22
C ASN B 80 -10.17 -5.81 4.96
N ARG B 81 -9.33 -5.80 5.99
CA ARG B 81 -7.88 -5.69 5.83
C ARG B 81 -7.09 -6.91 6.36
N GLU B 82 -7.78 -8.01 6.66
CA GLU B 82 -7.12 -9.20 7.20
C GLU B 82 -6.14 -9.82 6.21
N ARG B 83 -6.47 -9.73 4.91
CA ARG B 83 -5.71 -10.46 3.91
C ARG B 83 -4.57 -9.60 3.40
N ILE B 84 -3.45 -10.26 3.13
CA ILE B 84 -2.33 -9.63 2.43
C ILE B 84 -2.13 -10.41 1.14
N PRO B 85 -1.35 -9.89 0.21
CA PRO B 85 -1.10 -10.65 -1.03
C PRO B 85 -0.40 -11.97 -0.75
N GLU B 86 -0.85 -13.03 -1.43
CA GLU B 86 -0.21 -14.35 -1.30
C GLU B 86 1.17 -14.34 -1.97
N ARG B 87 2.04 -15.26 -1.51
CA ARG B 87 3.33 -15.42 -2.14
C ARG B 87 3.16 -15.80 -3.61
N ASN B 88 4.12 -15.38 -4.41
CA ASN B 88 4.16 -15.71 -5.84
C ASN B 88 5.57 -16.17 -6.17
N PRO B 89 5.84 -17.48 -6.26
CA PRO B 89 4.93 -18.60 -6.05
C PRO B 89 4.98 -19.07 -4.61
N HIS B 90 4.64 -20.34 -4.35
CA HIS B 90 4.69 -20.96 -3.03
C HIS B 90 3.67 -20.34 -2.07
N ALA B 91 2.49 -19.99 -2.57
CA ALA B 91 1.47 -19.36 -1.74
C ALA B 91 0.93 -20.27 -0.63
N HIS B 92 0.86 -21.58 -0.90
CA HIS B 92 0.18 -22.53 -0.02
C HIS B 92 1.20 -23.29 0.81
N GLY B 93 1.01 -23.36 2.13
CA GLY B 93 2.09 -23.99 2.88
C GLY B 93 1.83 -24.19 4.36
N SER B 94 2.87 -24.71 5.03
CA SER B 94 2.76 -25.08 6.42
C SER B 94 4.09 -24.77 7.09
N GLY B 95 4.09 -24.62 8.41
CA GLY B 95 5.30 -24.31 9.12
C GLY B 95 5.38 -24.96 10.48
N ALA B 96 6.61 -25.05 10.98
CA ALA B 96 6.88 -25.52 12.32
C ALA B 96 8.22 -24.97 12.79
N PHE B 97 8.37 -24.87 14.12
CA PHE B 97 9.62 -24.48 14.74
C PHE B 97 10.41 -25.71 15.24
N GLY B 98 11.72 -25.54 15.35
CA GLY B 98 12.60 -26.57 15.85
C GLY B 98 14.00 -26.07 16.14
N TYR B 99 15.00 -26.93 15.96
CA TYR B 99 16.39 -26.55 16.12
C TYR B 99 17.28 -27.46 15.28
N LEU B 100 18.46 -26.93 14.98
CA LEU B 100 19.53 -27.71 14.42
C LEU B 100 20.57 -27.98 15.52
N GLU B 101 20.97 -29.24 15.65
CA GLU B 101 22.02 -29.63 16.57
C GLU B 101 23.26 -30.04 15.78
N ILE B 102 24.42 -29.53 16.18
CA ILE B 102 25.67 -29.89 15.51
C ILE B 102 26.20 -31.18 16.12
N THR B 103 26.44 -32.18 15.26
CA THR B 103 26.96 -33.47 15.71
C THR B 103 28.35 -33.79 15.18
N ASP B 104 28.87 -33.00 14.24
CA ASP B 104 30.18 -33.25 13.66
C ASP B 104 30.89 -31.92 13.49
N ASP B 105 32.22 -31.98 13.50
CA ASP B 105 33.05 -30.78 13.41
C ASP B 105 33.36 -30.53 11.94
N ILE B 106 32.79 -29.45 11.39
CA ILE B 106 33.13 -29.06 10.03
C ILE B 106 33.78 -27.67 9.95
N THR B 107 34.42 -27.23 11.04
CA THR B 107 35.04 -25.90 11.06
C THR B 107 36.20 -25.77 10.07
N ASP B 108 36.71 -26.88 9.55
CA ASP B 108 37.68 -26.83 8.46
C ASP B 108 37.04 -26.30 7.17
N VAL B 109 35.73 -26.41 7.03
CA VAL B 109 35.02 -25.91 5.85
C VAL B 109 34.43 -24.53 6.11
N CYS B 110 33.77 -24.35 7.24
CA CYS B 110 32.92 -23.19 7.44
C CYS B 110 33.08 -22.62 8.84
N GLY B 111 33.34 -21.30 8.90
CA GLY B 111 33.60 -20.60 10.13
C GLY B 111 32.40 -19.98 10.81
N SER B 112 31.20 -20.17 10.27
CA SER B 112 29.99 -19.60 10.87
C SER B 112 29.79 -20.10 12.29
N ALA B 113 29.27 -19.20 13.13
CA ALA B 113 29.10 -19.51 14.55
C ALA B 113 28.18 -20.70 14.75
N MET B 114 27.11 -20.82 13.94
CA MET B 114 26.20 -21.94 14.11
C MET B 114 26.89 -23.30 13.97
N PHE B 115 28.13 -23.34 13.48
CA PHE B 115 28.86 -24.58 13.37
C PHE B 115 30.03 -24.70 14.32
N ASP B 116 30.30 -23.72 15.17
CA ASP B 116 31.63 -23.63 15.76
C ASP B 116 31.84 -24.57 16.96
N THR B 117 30.81 -25.26 17.41
CA THR B 117 30.92 -26.14 18.58
C THR B 117 30.05 -27.37 18.36
N VAL B 118 30.63 -28.54 18.54
CA VAL B 118 29.82 -29.74 18.46
C VAL B 118 28.86 -29.72 19.65
N GLY B 119 27.59 -29.97 19.38
CA GLY B 119 26.57 -29.91 20.40
C GLY B 119 25.81 -28.61 20.45
N LYS B 120 26.18 -27.63 19.64
CA LYS B 120 25.54 -26.32 19.67
C LYS B 120 24.18 -26.41 19.02
N ARG B 121 23.18 -25.82 19.65
CA ARG B 121 21.84 -25.79 19.09
C ARG B 121 21.49 -24.39 18.62
N THR B 122 20.95 -24.31 17.42
CA THR B 122 20.38 -23.08 16.87
C THR B 122 18.89 -23.31 16.59
N ARG B 123 18.07 -22.41 17.09
CA ARG B 123 16.63 -22.46 16.81
C ARG B 123 16.39 -22.21 15.33
N CYS B 124 15.36 -22.85 14.80
CA CYS B 124 15.03 -22.68 13.40
C CYS B 124 13.53 -22.74 13.19
N LEU B 125 13.11 -22.16 12.06
CA LEU B 125 11.74 -22.14 11.59
C LEU B 125 11.75 -22.71 10.17
N VAL B 126 10.82 -23.61 9.89
CA VAL B 126 10.70 -24.21 8.57
C VAL B 126 9.33 -23.91 8.03
N ARG B 127 9.26 -23.54 6.75
CA ARG B 127 7.99 -23.46 6.02
C ARG B 127 8.07 -24.40 4.83
N PHE B 128 7.11 -25.36 4.79
CA PHE B 128 6.93 -26.26 3.67
C PHE B 128 5.84 -25.69 2.76
N SER B 129 5.95 -25.93 1.46
CA SER B 129 4.95 -25.38 0.55
C SER B 129 4.89 -26.18 -0.73
N THR B 130 3.79 -26.03 -1.46
CA THR B 130 3.77 -26.37 -2.87
C THR B 130 4.24 -25.15 -3.64
N VAL B 131 4.19 -25.20 -4.97
CA VAL B 131 4.74 -24.15 -5.82
C VAL B 131 3.65 -23.42 -6.58
N GLY B 132 2.88 -24.15 -7.37
CA GLY B 132 1.99 -23.55 -8.32
C GLY B 132 0.65 -23.14 -7.76
N GLY B 133 0.19 -23.86 -6.74
CA GLY B 133 -1.16 -23.66 -6.27
C GLY B 133 -1.33 -22.38 -5.46
N GLU B 134 -2.53 -21.79 -5.59
CA GLU B 134 -2.87 -20.59 -4.83
C GLU B 134 -3.20 -21.01 -3.40
N LYS B 135 -3.54 -20.03 -2.57
CA LYS B 135 -3.63 -20.28 -1.13
C LYS B 135 -4.60 -21.41 -0.79
N GLY B 136 -5.73 -21.48 -1.49
CA GLY B 136 -6.64 -22.55 -1.11
C GLY B 136 -6.52 -23.86 -1.85
N SER B 137 -5.41 -24.08 -2.55
CA SER B 137 -5.24 -25.29 -3.33
C SER B 137 -4.86 -26.48 -2.42
N ALA B 138 -4.72 -27.65 -3.02
CA ALA B 138 -4.56 -28.90 -2.29
C ALA B 138 -3.12 -29.25 -1.97
N ASP B 139 -2.92 -29.78 -0.75
CA ASP B 139 -1.62 -30.24 -0.29
C ASP B 139 -0.99 -31.29 -1.22
N THR B 140 -1.82 -32.16 -1.82
CA THR B 140 -1.30 -33.30 -2.57
C THR B 140 -1.21 -33.04 -4.08
N ALA B 141 -1.22 -31.77 -4.50
CA ALA B 141 -0.95 -31.49 -5.90
C ALA B 141 0.45 -31.98 -6.31
N ARG B 142 0.60 -32.33 -7.59
CA ARG B 142 1.93 -32.62 -8.11
C ARG B 142 2.70 -31.30 -8.28
N ASP B 143 3.86 -31.23 -7.71
CA ASP B 143 4.65 -29.99 -7.65
C ASP B 143 5.95 -30.32 -6.94
N PRO B 144 7.01 -29.57 -7.16
CA PRO B 144 8.06 -29.52 -6.16
C PRO B 144 7.47 -28.98 -4.88
N ARG B 145 8.10 -29.29 -3.77
CA ARG B 145 7.74 -28.68 -2.50
C ARG B 145 8.88 -27.79 -2.05
N GLY B 146 8.54 -26.60 -1.54
CA GLY B 146 9.53 -25.81 -0.84
C GLY B 146 9.81 -26.40 0.53
N PHE B 147 11.02 -26.17 1.00
CA PHE B 147 11.49 -26.67 2.29
C PHE B 147 12.47 -25.59 2.78
N ALA B 148 11.93 -24.42 3.10
CA ALA B 148 12.76 -23.28 3.47
C ALA B 148 13.01 -23.24 4.97
N ILE B 149 14.25 -22.95 5.36
CA ILE B 149 14.67 -22.97 6.75
C ILE B 149 15.31 -21.63 7.15
N LYS B 150 14.80 -21.05 8.23
CA LYS B 150 15.38 -19.87 8.84
C LYS B 150 16.06 -20.25 10.15
N PHE B 151 17.34 -19.97 10.24
CA PHE B 151 18.11 -20.21 11.45
C PHE B 151 18.33 -18.87 12.15
N TYR B 152 17.99 -18.83 13.45
CA TYR B 152 18.18 -17.64 14.25
C TYR B 152 19.52 -17.73 14.98
N SER B 153 20.60 -17.31 14.31
CA SER B 153 21.93 -17.46 14.89
C SER B 153 22.44 -16.18 15.55
N GLU B 154 23.61 -16.28 16.19
CA GLU B 154 24.24 -15.15 16.87
C GLU B 154 24.89 -14.17 15.92
N GLU B 155 25.13 -14.55 14.68
CA GLU B 155 25.68 -13.68 13.66
C GLU B 155 24.58 -13.21 12.68
N GLY B 156 23.32 -13.37 13.06
CA GLY B 156 22.21 -13.00 12.22
C GLY B 156 21.35 -14.19 11.85
N ASN B 157 20.22 -13.86 11.25
CA ASN B 157 19.32 -14.86 10.70
C ASN B 157 19.76 -15.27 9.32
N VAL B 158 20.05 -16.55 9.14
CA VAL B 158 20.43 -17.11 7.86
C VAL B 158 19.32 -18.03 7.37
N ASP B 159 18.93 -17.85 6.12
CA ASP B 159 17.86 -18.62 5.52
C ASP B 159 18.42 -19.54 4.45
N TRP B 160 18.02 -20.81 4.51
CA TRP B 160 18.34 -21.79 3.48
C TRP B 160 17.04 -22.04 2.73
N VAL B 161 16.86 -21.36 1.59
CA VAL B 161 15.57 -21.35 0.90
C VAL B 161 15.66 -22.47 -0.14
N ASN B 162 15.25 -23.67 0.26
CA ASN B 162 15.51 -24.87 -0.49
C ASN B 162 14.18 -25.47 -0.96
N ASN B 163 14.26 -26.30 -2.01
CA ASN B 163 13.18 -27.19 -2.43
C ASN B 163 13.54 -28.64 -2.06
N ASN B 164 12.62 -29.56 -2.35
CA ASN B 164 12.82 -30.97 -2.08
C ASN B 164 13.45 -31.71 -3.23
N THR B 165 14.07 -30.98 -4.14
CA THR B 165 14.80 -31.54 -5.27
C THR B 165 16.14 -30.86 -5.36
N PRO B 166 17.18 -31.57 -5.81
CA PRO B 166 18.50 -30.96 -5.96
C PRO B 166 18.68 -30.20 -7.25
N VAL B 167 17.64 -30.14 -8.09
CA VAL B 167 17.76 -29.40 -9.36
C VAL B 167 16.53 -28.53 -9.52
N PHE B 168 16.40 -27.88 -10.67
CA PHE B 168 15.25 -27.03 -10.94
C PHE B 168 15.05 -26.94 -12.46
N PHE B 169 13.99 -26.26 -12.87
CA PHE B 169 13.60 -26.24 -14.26
C PHE B 169 14.46 -25.36 -15.17
N ILE B 170 15.15 -24.36 -14.64
CA ILE B 170 15.82 -23.36 -15.45
C ILE B 170 17.21 -23.07 -14.92
N ARG B 171 18.08 -22.54 -15.80
CA ARG B 171 19.36 -21.96 -15.41
C ARG B 171 19.55 -20.53 -15.93
N ASP B 172 18.52 -19.94 -16.54
CA ASP B 172 18.45 -18.51 -16.86
C ASP B 172 17.40 -17.85 -15.99
N PRO B 173 17.75 -16.85 -15.14
CA PRO B 173 16.73 -16.26 -14.25
C PRO B 173 15.66 -15.46 -15.00
N SER B 174 15.96 -14.97 -16.20
CA SER B 174 14.93 -14.23 -16.95
C SER B 174 13.76 -15.12 -17.34
N LYS B 175 13.97 -16.44 -17.39
CA LYS B 175 12.89 -17.36 -17.72
C LYS B 175 11.97 -17.65 -16.54
N PHE B 176 12.32 -17.21 -15.33
CA PHE B 176 11.52 -17.62 -14.18
C PHE B 176 10.10 -17.13 -14.25
N PRO B 177 9.81 -15.86 -14.59
CA PRO B 177 8.41 -15.43 -14.66
C PRO B 177 7.60 -16.18 -15.72
N HIS B 178 8.26 -16.46 -16.85
CA HIS B 178 7.62 -17.20 -17.92
C HIS B 178 7.27 -18.60 -17.45
N PHE B 179 8.25 -19.30 -16.88
CA PHE B 179 8.01 -20.64 -16.41
C PHE B 179 6.86 -20.67 -15.42
N ILE B 180 6.90 -19.80 -14.41
CA ILE B 180 5.84 -19.79 -13.41
C ILE B 180 4.49 -19.48 -14.03
N HIS B 181 4.44 -18.53 -14.98
CA HIS B 181 3.16 -18.25 -15.62
C HIS B 181 2.60 -19.52 -16.26
N THR B 182 3.46 -20.33 -16.92
CA THR B 182 2.94 -21.49 -17.63
C THR B 182 2.58 -22.63 -16.68
N GLN B 183 3.08 -22.61 -15.44
CA GLN B 183 2.68 -23.56 -14.42
C GLN B 183 1.38 -23.15 -13.75
N LYS B 184 0.87 -21.93 -14.01
CA LYS B 184 -0.35 -21.48 -13.35
C LYS B 184 -1.51 -21.37 -14.33
N ARG B 185 -2.34 -20.36 -14.15
CA ARG B 185 -3.61 -20.25 -14.87
C ARG B 185 -3.44 -19.47 -16.16
N ASN B 186 -4.18 -19.90 -17.17
CA ASN B 186 -4.24 -19.20 -18.44
C ASN B 186 -4.84 -17.80 -18.23
N PRO B 187 -4.23 -16.77 -18.77
CA PRO B 187 -4.70 -15.40 -18.46
C PRO B 187 -6.06 -15.09 -19.02
N GLU B 188 -6.52 -15.81 -20.04
CA GLU B 188 -7.88 -15.62 -20.54
C GLU B 188 -8.90 -16.51 -19.83
N THR B 189 -8.64 -17.83 -19.71
CA THR B 189 -9.61 -18.78 -19.18
C THR B 189 -9.51 -19.01 -17.67
N ASN B 190 -8.40 -18.60 -17.05
CA ASN B 190 -8.14 -18.78 -15.62
C ASN B 190 -8.05 -20.25 -15.19
N MET B 191 -7.63 -21.12 -16.10
CA MET B 191 -7.47 -22.54 -15.79
C MET B 191 -6.07 -23.02 -16.08
N LYS B 192 -5.62 -24.03 -15.33
CA LYS B 192 -4.39 -24.73 -15.72
C LYS B 192 -4.51 -25.16 -17.18
N ASP B 193 -3.37 -25.21 -17.86
CA ASP B 193 -3.34 -25.35 -19.30
C ASP B 193 -2.14 -26.22 -19.66
N ALA B 194 -2.41 -27.46 -20.07
CA ALA B 194 -1.30 -28.36 -20.42
C ALA B 194 -0.55 -27.86 -21.65
N ASP B 195 -1.24 -27.16 -22.53
CA ASP B 195 -0.62 -26.65 -23.74
C ASP B 195 0.50 -25.68 -23.41
N MET B 196 0.24 -24.70 -22.54
N MET B 196 0.23 -24.70 -22.54
CA MET B 196 1.32 -23.77 -22.21
CA MET B 196 1.30 -23.76 -22.21
C MET B 196 2.33 -24.42 -21.28
C MET B 196 2.33 -24.42 -21.28
N PHE B 197 1.88 -25.29 -20.38
CA PHE B 197 2.78 -26.06 -19.55
C PHE B 197 3.88 -26.70 -20.39
N TRP B 198 3.48 -27.50 -21.39
CA TRP B 198 4.45 -28.24 -22.17
C TRP B 198 5.02 -27.44 -23.34
N ASP B 199 4.28 -26.48 -23.89
CA ASP B 199 4.86 -25.61 -24.90
C ASP B 199 6.19 -25.01 -24.41
N PHE B 200 6.19 -24.51 -23.18
CA PHE B 200 7.42 -23.91 -22.65
C PHE B 200 8.50 -24.96 -22.42
N LEU B 201 8.12 -26.11 -21.87
CA LEU B 201 9.13 -27.11 -21.53
C LEU B 201 9.75 -27.75 -22.75
N THR B 202 9.04 -27.83 -23.88
CA THR B 202 9.62 -28.44 -25.07
C THR B 202 10.30 -27.45 -26.02
N THR B 203 10.15 -26.13 -25.78
CA THR B 203 10.93 -25.18 -26.57
C THR B 203 12.40 -25.58 -26.43
N GLU B 204 13.11 -25.72 -27.54
CA GLU B 204 14.40 -26.39 -27.48
C GLU B 204 15.38 -25.67 -26.56
N GLU B 205 15.35 -24.32 -26.56
CA GLU B 205 16.22 -23.57 -25.66
C GLU B 205 15.91 -23.82 -24.18
N ASN B 206 14.71 -24.32 -23.88
CA ASN B 206 14.31 -24.53 -22.50
C ASN B 206 14.40 -25.98 -22.04
N GLN B 207 14.76 -26.91 -22.93
CA GLN B 207 14.68 -28.33 -22.58
C GLN B 207 15.68 -28.77 -21.54
N VAL B 208 16.61 -27.92 -21.14
CA VAL B 208 17.44 -28.20 -19.98
C VAL B 208 16.62 -28.43 -18.70
N ALA B 209 15.32 -28.14 -18.73
CA ALA B 209 14.45 -28.49 -17.63
C ALA B 209 14.19 -29.99 -17.51
N ILE B 210 14.66 -30.82 -18.42
CA ILE B 210 14.19 -32.22 -18.47
C ILE B 210 14.59 -32.97 -17.21
N HIS B 211 15.72 -32.65 -16.60
CA HIS B 211 16.12 -33.29 -15.36
C HIS B 211 15.06 -33.09 -14.27
N GLN B 212 14.59 -31.85 -14.07
CA GLN B 212 13.60 -31.61 -13.03
C GLN B 212 12.23 -32.18 -13.41
N VAL B 213 11.89 -32.16 -14.69
CA VAL B 213 10.61 -32.72 -15.13
C VAL B 213 10.52 -34.22 -14.81
N MET B 214 11.59 -34.97 -15.08
CA MET B 214 11.62 -36.37 -14.67
C MET B 214 11.37 -36.52 -13.18
N ILE B 215 12.00 -35.67 -12.38
CA ILE B 215 11.82 -35.75 -10.94
C ILE B 215 10.39 -35.37 -10.58
N LEU B 216 9.86 -34.31 -11.21
CA LEU B 216 8.51 -33.85 -10.90
C LEU B 216 7.44 -34.90 -11.16
N PHE B 217 7.56 -35.65 -12.27
CA PHE B 217 6.55 -36.64 -12.65
C PHE B 217 6.88 -38.05 -12.18
N SER B 218 7.98 -38.21 -11.45
CA SER B 218 8.15 -39.40 -10.63
C SER B 218 7.21 -39.28 -9.43
N ASP B 219 7.09 -40.36 -8.66
CA ASP B 219 6.20 -40.29 -7.52
C ASP B 219 6.71 -39.38 -6.40
N ARG B 220 7.96 -38.90 -6.46
CA ARG B 220 8.36 -37.88 -5.48
C ARG B 220 7.74 -36.50 -5.78
N GLY B 221 6.98 -36.34 -6.87
CA GLY B 221 6.15 -35.18 -7.09
C GLY B 221 4.91 -35.11 -6.25
N THR B 222 4.56 -36.21 -5.56
CA THR B 222 3.40 -36.23 -4.65
C THR B 222 3.87 -36.95 -3.39
N PRO B 223 4.63 -36.27 -2.55
CA PRO B 223 5.09 -36.86 -1.28
C PRO B 223 3.89 -37.22 -0.40
N ALA B 224 4.11 -38.18 0.49
CA ALA B 224 3.05 -38.60 1.39
C ALA B 224 2.84 -37.63 2.54
N SER B 225 3.88 -36.90 2.92
CA SER B 225 3.80 -35.86 3.94
C SER B 225 5.11 -35.10 3.92
N TYR B 226 5.12 -33.91 4.53
CA TYR B 226 6.37 -33.16 4.60
C TYR B 226 7.44 -33.88 5.42
N ARG B 227 7.02 -34.74 6.37
CA ARG B 227 7.98 -35.49 7.16
C ARG B 227 8.71 -36.53 6.32
N ASN B 228 8.23 -36.87 5.13
CA ASN B 228 8.79 -37.94 4.32
C ASN B 228 9.44 -37.42 3.03
N MET B 229 10.18 -36.30 3.16
CA MET B 229 10.87 -35.73 2.01
C MET B 229 12.17 -35.07 2.44
N ASN B 230 13.03 -34.85 1.45
CA ASN B 230 14.33 -34.26 1.70
C ASN B 230 14.30 -32.77 1.33
N SER B 231 15.40 -32.09 1.68
CA SER B 231 15.68 -30.68 1.39
C SER B 231 17.08 -30.59 0.80
N TYR B 232 17.23 -29.79 -0.25
CA TYR B 232 18.50 -29.64 -0.93
C TYR B 232 18.80 -28.17 -1.21
N SER B 233 20.06 -27.75 -1.04
CA SER B 233 20.41 -26.40 -1.42
C SER B 233 20.10 -26.17 -2.89
N GLY B 234 20.30 -27.18 -3.73
CA GLY B 234 20.08 -27.07 -5.16
C GLY B 234 21.20 -26.33 -5.84
N HIS B 235 21.41 -25.06 -5.47
CA HIS B 235 22.57 -24.32 -5.92
C HIS B 235 23.84 -24.74 -5.17
N THR B 236 24.98 -24.50 -5.78
CA THR B 236 26.23 -24.42 -5.06
C THR B 236 26.30 -23.13 -4.28
N TYR B 237 26.76 -23.22 -3.04
CA TYR B 237 27.17 -22.06 -2.25
C TYR B 237 28.67 -22.13 -2.01
N LYS B 238 29.22 -21.06 -1.48
CA LYS B 238 30.65 -21.03 -1.14
C LYS B 238 30.81 -20.83 0.35
N TRP B 239 31.49 -21.77 1.00
CA TRP B 239 31.71 -21.73 2.45
C TRP B 239 33.20 -21.60 2.71
N SER B 240 33.57 -20.72 3.65
CA SER B 240 34.93 -20.39 3.97
C SER B 240 35.20 -20.69 5.44
N ASN B 241 36.45 -21.01 5.77
CA ASN B 241 36.85 -21.18 7.16
C ASN B 241 37.57 -19.93 7.67
N LYS B 242 37.85 -19.94 8.98
CA LYS B 242 38.40 -18.75 9.61
C LYS B 242 39.82 -18.45 9.19
N GLN B 243 40.45 -19.38 8.49
CA GLN B 243 41.77 -19.21 7.91
C GLN B 243 41.72 -18.68 6.51
N GLY B 244 40.55 -18.55 5.93
CA GLY B 244 40.45 -18.00 4.59
C GLY B 244 40.45 -19.00 3.45
N GLU B 245 40.43 -20.30 3.74
CA GLU B 245 40.21 -21.29 2.71
C GLU B 245 38.71 -21.46 2.52
N TRP B 246 38.32 -21.82 1.31
CA TRP B 246 36.90 -21.93 0.96
C TRP B 246 36.66 -23.11 0.03
N ARG B 247 35.37 -23.45 -0.11
CA ARG B 247 34.92 -24.57 -0.92
C ARG B 247 33.55 -24.30 -1.53
N TYR B 248 33.32 -24.90 -2.69
CA TYR B 248 31.96 -25.05 -3.21
C TYR B 248 31.22 -26.11 -2.41
N VAL B 249 29.97 -25.83 -2.06
CA VAL B 249 29.21 -26.66 -1.14
C VAL B 249 27.80 -26.93 -1.66
N GLN B 250 27.35 -28.17 -1.46
CA GLN B 250 25.97 -28.57 -1.68
C GLN B 250 25.45 -29.11 -0.36
N VAL B 251 24.23 -28.73 -0.02
CA VAL B 251 23.60 -29.09 1.25
C VAL B 251 22.51 -30.14 1.00
N HIS B 252 22.46 -31.14 1.86
CA HIS B 252 21.51 -32.24 1.74
C HIS B 252 20.90 -32.49 3.11
N LEU B 253 19.58 -32.37 3.21
CA LEU B 253 18.86 -32.71 4.44
C LEU B 253 18.01 -33.94 4.16
N LYS B 254 18.39 -35.09 4.74
CA LYS B 254 17.71 -36.36 4.47
C LYS B 254 16.75 -36.72 5.61
N THR B 255 15.53 -37.13 5.27
CA THR B 255 14.54 -37.35 6.30
C THR B 255 14.87 -38.60 7.12
N ASP B 256 14.79 -38.46 8.44
CA ASP B 256 14.93 -39.59 9.35
C ASP B 256 13.66 -40.42 9.43
N GLN B 257 12.59 -39.99 8.75
CA GLN B 257 11.35 -40.76 8.67
C GLN B 257 11.27 -41.64 7.44
N GLY B 258 12.16 -41.50 6.49
CA GLY B 258 12.14 -42.25 5.25
C GLY B 258 11.33 -41.57 4.16
N ILE B 259 11.73 -41.80 2.92
CA ILE B 259 10.97 -41.33 1.77
C ILE B 259 9.68 -42.14 1.65
N LYS B 260 8.55 -41.43 1.48
CA LYS B 260 7.28 -42.05 1.17
C LYS B 260 6.47 -41.19 0.20
N ASN B 261 5.87 -41.83 -0.80
CA ASN B 261 5.16 -41.12 -1.86
C ASN B 261 3.74 -41.61 -2.03
N LEU B 262 2.88 -40.73 -2.56
CA LEU B 262 1.58 -41.08 -3.09
C LEU B 262 1.72 -41.42 -4.57
N ASN B 263 0.77 -42.17 -5.10
CA ASN B 263 0.62 -42.27 -6.55
C ASN B 263 -0.42 -41.25 -7.01
N ASN B 264 -0.51 -41.09 -8.33
CA ASN B 264 -1.30 -40.00 -8.90
C ASN B 264 -2.74 -40.04 -8.43
N GLU B 265 -3.31 -41.24 -8.33
CA GLU B 265 -4.72 -41.39 -7.97
C GLU B 265 -4.96 -41.18 -6.48
N GLU B 266 -4.03 -41.60 -5.64
CA GLU B 266 -4.14 -41.31 -4.22
C GLU B 266 -4.07 -39.80 -3.99
N ALA B 267 -3.16 -39.14 -4.72
CA ALA B 267 -3.03 -37.68 -4.62
C ALA B 267 -4.31 -36.98 -5.07
N THR B 268 -4.94 -37.47 -6.15
CA THR B 268 -6.14 -36.80 -6.67
C THR B 268 -7.32 -36.96 -5.72
N LYS B 269 -7.45 -38.15 -5.14
CA LYS B 269 -8.57 -38.44 -4.29
C LYS B 269 -8.48 -37.61 -3.01
N LEU B 270 -7.27 -37.50 -2.44
CA LEU B 270 -7.07 -36.73 -1.23
C LEU B 270 -7.29 -35.24 -1.47
N ALA B 271 -6.96 -34.78 -2.67
CA ALA B 271 -7.20 -33.38 -3.03
C ALA B 271 -8.67 -33.01 -2.85
N GLY B 272 -9.58 -33.89 -3.24
CA GLY B 272 -10.99 -33.58 -3.12
C GLY B 272 -11.47 -33.83 -1.71
N GLU B 273 -10.96 -34.88 -1.08
CA GLU B 273 -11.47 -35.27 0.22
C GLU B 273 -10.77 -34.60 1.37
N ASN B 274 -9.51 -34.22 1.22
CA ASN B 274 -8.78 -33.53 2.29
C ASN B 274 -7.69 -32.66 1.70
N PRO B 275 -8.03 -31.45 1.28
CA PRO B 275 -7.01 -30.55 0.69
C PRO B 275 -5.94 -30.13 1.71
N ASP B 276 -6.16 -30.35 3.01
CA ASP B 276 -5.18 -29.98 4.02
C ASP B 276 -4.49 -31.18 4.67
N TYR B 277 -4.33 -32.25 3.89
CA TYR B 277 -3.80 -33.51 4.40
C TYR B 277 -2.41 -33.35 5.01
N CYS B 278 -1.53 -32.63 4.33
CA CYS B 278 -0.16 -32.53 4.82
C CYS B 278 -0.07 -31.60 6.02
N GLN B 279 -0.85 -30.53 6.03
CA GLN B 279 -0.88 -29.67 7.22
C GLN B 279 -1.35 -30.45 8.45
N LYS B 280 -2.39 -31.27 8.29
CA LYS B 280 -2.88 -32.06 9.41
C LYS B 280 -1.84 -33.04 9.91
N ASP B 281 -1.14 -33.70 8.98
CA ASP B 281 -0.10 -34.66 9.36
C ASP B 281 1.01 -34.00 10.17
N LEU B 282 1.52 -32.87 9.66
CA LEU B 282 2.60 -32.16 10.34
C LEU B 282 2.15 -31.71 11.71
N PHE B 283 1.03 -31.01 11.78
CA PHE B 283 0.59 -30.47 13.05
C PHE B 283 0.34 -31.58 14.07
N GLU B 284 -0.39 -32.61 13.66
CA GLU B 284 -0.79 -33.65 14.62
C GLU B 284 0.41 -34.45 15.09
N ASN B 285 1.35 -34.75 14.20
CA ASN B 285 2.49 -35.55 14.66
C ASN B 285 3.33 -34.75 15.65
N ILE B 286 3.50 -33.45 15.42
CA ILE B 286 4.22 -32.64 16.40
C ILE B 286 3.45 -32.55 17.70
N ALA B 287 2.14 -32.33 17.62
CA ALA B 287 1.35 -32.13 18.84
C ALA B 287 1.39 -33.34 19.77
N LYS B 288 1.59 -34.55 19.23
CA LYS B 288 1.63 -35.75 20.06
C LYS B 288 3.04 -36.19 20.43
N GLY B 289 4.06 -35.49 19.97
CA GLY B 289 5.42 -35.84 20.32
C GLY B 289 6.19 -36.61 19.29
N ASN B 290 5.58 -36.96 18.15
CA ASN B 290 6.27 -37.70 17.10
C ASN B 290 7.00 -36.71 16.19
N TYR B 291 8.01 -36.07 16.78
CA TYR B 291 8.74 -34.99 16.13
C TYR B 291 9.56 -35.50 14.96
N PRO B 292 9.36 -35.00 13.76
CA PRO B 292 10.20 -35.44 12.64
C PRO B 292 11.60 -34.84 12.73
N SER B 293 12.57 -35.56 12.16
CA SER B 293 13.94 -35.10 12.16
C SER B 293 14.60 -35.35 10.81
N TRP B 294 15.70 -34.66 10.60
CA TRP B 294 16.47 -34.80 9.38
C TRP B 294 17.96 -34.77 9.72
N THR B 295 18.74 -35.43 8.88
CA THR B 295 20.19 -35.45 9.04
C THR B 295 20.82 -34.55 8.00
N LEU B 296 21.64 -33.62 8.47
CA LEU B 296 22.27 -32.65 7.60
C LEU B 296 23.63 -33.17 7.15
N TYR B 297 23.83 -33.20 5.83
CA TYR B 297 25.08 -33.52 5.21
C TYR B 297 25.46 -32.39 4.25
N ILE B 298 26.75 -32.36 3.87
CA ILE B 298 27.21 -31.47 2.81
C ILE B 298 28.10 -32.22 1.84
N GLN B 299 28.13 -31.74 0.60
CA GLN B 299 29.18 -32.05 -0.35
C GLN B 299 30.11 -30.86 -0.49
N THR B 300 31.40 -31.12 -0.66
CA THR B 300 32.37 -30.05 -0.87
C THR B 300 33.20 -30.36 -2.12
N MET B 301 33.79 -29.32 -2.68
CA MET B 301 34.56 -29.41 -3.92
C MET B 301 35.56 -28.27 -3.97
N THR B 302 36.76 -28.57 -4.44
CA THR B 302 37.80 -27.56 -4.57
C THR B 302 37.63 -26.81 -5.90
N GLU B 303 38.28 -25.65 -5.98
CA GLU B 303 38.23 -24.88 -7.22
C GLU B 303 38.86 -25.68 -8.35
N GLU B 304 39.91 -26.46 -8.04
CA GLU B 304 40.56 -27.28 -9.05
C GLU B 304 39.62 -28.38 -9.54
N GLU B 305 38.97 -29.07 -8.62
CA GLU B 305 38.03 -30.10 -9.03
C GLU B 305 36.93 -29.51 -9.90
N ALA B 306 36.50 -28.27 -9.61
CA ALA B 306 35.34 -27.72 -10.31
C ALA B 306 35.63 -27.48 -11.79
N GLU B 307 36.88 -27.14 -12.13
CA GLU B 307 37.21 -26.84 -13.52
C GLU B 307 37.36 -28.10 -14.35
N LYS B 308 37.64 -29.25 -13.73
CA LYS B 308 37.73 -30.51 -14.44
C LYS B 308 36.38 -31.15 -14.70
N LEU B 309 35.29 -30.60 -14.17
CA LEU B 309 33.98 -31.21 -14.34
C LEU B 309 33.53 -31.13 -15.80
N PRO B 310 32.77 -32.11 -16.27
CA PRO B 310 32.12 -32.00 -17.58
C PRO B 310 30.89 -31.10 -17.60
N PHE B 311 30.48 -30.56 -16.47
CA PHE B 311 29.40 -29.57 -16.42
C PHE B 311 29.85 -28.44 -15.51
N SER B 312 28.97 -27.48 -15.30
CA SER B 312 29.28 -26.31 -14.50
C SER B 312 28.70 -26.44 -13.10
N VAL B 313 29.52 -26.16 -12.10
CA VAL B 313 29.08 -26.05 -10.72
C VAL B 313 28.08 -24.92 -10.55
N PHE B 314 27.98 -24.03 -11.52
CA PHE B 314 27.01 -22.96 -11.53
C PHE B 314 25.70 -23.33 -12.18
N ASP B 315 25.54 -24.57 -12.62
CA ASP B 315 24.36 -25.01 -13.34
C ASP B 315 23.38 -25.69 -12.37
N LEU B 316 22.25 -25.02 -12.15
CA LEU B 316 21.22 -25.49 -11.24
C LEU B 316 20.57 -26.80 -11.69
N THR B 317 20.65 -27.14 -12.97
CA THR B 317 20.00 -28.34 -13.44
C THR B 317 20.88 -29.57 -13.33
N LYS B 318 22.06 -29.44 -12.71
CA LYS B 318 23.02 -30.52 -12.60
C LYS B 318 23.22 -30.86 -11.13
N VAL B 319 23.51 -32.15 -10.87
CA VAL B 319 23.84 -32.64 -9.54
C VAL B 319 25.30 -33.11 -9.51
N TRP B 320 25.85 -33.19 -8.29
CA TRP B 320 27.20 -33.70 -8.11
C TRP B 320 27.15 -35.18 -7.75
N PRO B 321 27.67 -36.06 -8.60
CA PRO B 321 27.57 -37.52 -8.31
C PRO B 321 28.17 -37.91 -6.96
N HIS B 322 27.44 -38.75 -6.23
CA HIS B 322 27.80 -39.09 -4.85
C HIS B 322 29.15 -39.83 -4.77
N LYS B 323 29.43 -40.70 -5.75
CA LYS B 323 30.65 -41.51 -5.66
C LYS B 323 31.90 -40.63 -5.64
N GLN B 324 31.90 -39.57 -6.47
CA GLN B 324 33.04 -38.64 -6.51
C GLN B 324 32.99 -37.61 -5.39
N PHE B 325 31.80 -37.24 -4.95
CA PHE B 325 31.59 -36.21 -3.93
C PHE B 325 30.69 -36.76 -2.84
N PRO B 326 31.27 -37.50 -1.91
CA PRO B 326 30.46 -38.15 -0.88
C PRO B 326 29.89 -37.16 0.11
N LEU B 327 28.80 -37.58 0.72
CA LEU B 327 28.17 -36.78 1.76
C LEU B 327 28.97 -36.87 3.05
N ARG B 328 29.02 -35.76 3.77
CA ARG B 328 29.72 -35.65 5.04
C ARG B 328 28.71 -35.15 6.06
N ARG B 329 28.63 -35.83 7.19
CA ARG B 329 27.60 -35.50 8.16
C ARG B 329 27.93 -34.25 8.98
N VAL B 330 26.87 -33.52 9.35
CA VAL B 330 27.05 -32.28 10.04
C VAL B 330 26.24 -32.21 11.33
N GLY B 331 24.97 -32.58 11.26
CA GLY B 331 24.13 -32.46 12.44
C GLY B 331 22.76 -33.03 12.20
N LYS B 332 21.83 -32.66 13.08
CA LYS B 332 20.47 -33.14 13.05
C LYS B 332 19.53 -31.95 13.27
N MET B 333 18.46 -31.90 12.48
CA MET B 333 17.43 -30.89 12.65
C MET B 333 16.17 -31.57 13.18
N VAL B 334 15.55 -30.95 14.19
CA VAL B 334 14.32 -31.48 14.78
C VAL B 334 13.27 -30.39 14.73
N LEU B 335 12.05 -30.74 14.31
CA LEU B 335 10.89 -29.86 14.42
C LEU B 335 10.04 -30.39 15.57
N ASN B 336 9.82 -29.56 16.57
CA ASN B 336 9.16 -30.02 17.78
C ASN B 336 8.19 -29.02 18.33
N GLU B 337 7.81 -27.99 17.56
CA GLU B 337 7.00 -26.90 18.08
C GLU B 337 6.03 -26.39 17.02
N ASN B 338 4.74 -26.51 17.30
CA ASN B 338 3.79 -25.96 16.35
C ASN B 338 3.67 -24.45 16.52
N PRO B 339 3.32 -23.75 15.45
CA PRO B 339 3.00 -22.32 15.58
C PRO B 339 1.76 -22.08 16.41
N GLU B 340 1.80 -21.00 17.20
CA GLU B 340 0.62 -20.62 17.97
C GLU B 340 -0.43 -19.96 17.09
N ASN B 341 -0.02 -19.18 16.09
CA ASN B 341 -0.92 -18.45 15.20
C ASN B 341 -0.37 -18.59 13.79
N TYR B 342 -1.12 -19.26 12.92
CA TYR B 342 -0.65 -19.51 11.56
C TYR B 342 -0.32 -18.21 10.83
N PHE B 343 -1.22 -17.23 10.86
CA PHE B 343 -0.97 -15.99 10.12
C PHE B 343 0.25 -15.27 10.66
N ALA B 344 0.33 -15.13 11.99
CA ALA B 344 1.41 -14.34 12.57
C ALA B 344 2.77 -14.97 12.33
N GLN B 345 2.86 -16.31 12.39
CA GLN B 345 4.17 -16.96 12.28
C GLN B 345 4.46 -17.66 10.96
N VAL B 346 3.45 -18.13 10.23
CA VAL B 346 3.72 -18.81 8.97
C VAL B 346 3.48 -17.90 7.79
N GLU B 347 2.27 -17.34 7.67
CA GLU B 347 1.97 -16.48 6.53
C GLU B 347 2.89 -15.26 6.48
N GLN B 348 3.24 -14.68 7.64
CA GLN B 348 4.09 -13.51 7.67
C GLN B 348 5.57 -13.88 7.68
N ALA B 349 5.93 -15.18 7.74
CA ALA B 349 7.33 -15.53 7.67
C ALA B 349 7.95 -15.09 6.34
N ALA B 350 9.18 -14.58 6.41
CA ALA B 350 9.90 -14.09 5.24
C ALA B 350 11.27 -14.74 5.13
N PHE B 351 11.51 -15.49 4.06
CA PHE B 351 12.79 -16.12 3.77
C PHE B 351 13.45 -15.53 2.53
N SER B 352 14.76 -15.44 2.53
CA SER B 352 15.52 -15.00 1.37
C SER B 352 16.89 -15.66 1.34
N PRO B 353 17.36 -16.12 0.18
CA PRO B 353 18.76 -16.59 0.13
C PRO B 353 19.80 -15.51 0.43
N SER B 354 19.45 -14.25 0.29
CA SER B 354 20.42 -13.19 0.59
C SER B 354 20.49 -12.91 2.08
N HIS B 355 19.62 -13.53 2.89
CA HIS B 355 19.79 -13.55 4.34
C HIS B 355 20.82 -14.61 4.71
N THR B 356 22.07 -14.19 4.93
CA THR B 356 23.13 -15.12 5.22
C THR B 356 24.00 -14.60 6.36
N VAL B 357 24.97 -15.40 6.74
CA VAL B 357 25.88 -15.10 7.85
C VAL B 357 27.32 -15.03 7.35
N PRO B 358 28.24 -14.50 8.16
CA PRO B 358 29.67 -14.56 7.82
C PRO B 358 30.09 -15.98 7.52
N TYR B 359 30.94 -16.13 6.51
CA TYR B 359 31.56 -17.36 6.04
C TYR B 359 30.64 -18.20 5.16
N GLN B 360 29.39 -17.80 4.93
CA GLN B 360 28.51 -18.44 3.95
C GLN B 360 28.09 -17.47 2.84
N GLU B 361 28.38 -17.84 1.60
CA GLU B 361 28.11 -16.97 0.48
C GLU B 361 27.50 -17.69 -0.72
N ALA B 362 26.87 -16.91 -1.58
CA ALA B 362 26.32 -17.45 -2.81
C ALA B 362 27.39 -17.59 -3.88
N SER B 363 27.24 -18.59 -4.73
CA SER B 363 28.09 -18.72 -5.90
C SER B 363 27.49 -17.91 -7.06
N ALA B 364 28.18 -17.93 -8.20
CA ALA B 364 27.76 -17.22 -9.39
C ALA B 364 26.67 -17.94 -10.18
N ASP B 365 26.08 -19.00 -9.63
CA ASP B 365 24.88 -19.57 -10.23
C ASP B 365 23.89 -18.44 -10.56
N PRO B 366 23.59 -18.22 -11.83
CA PRO B 366 22.81 -17.01 -12.19
C PRO B 366 21.40 -17.03 -11.66
N VAL B 367 20.80 -18.20 -11.50
CA VAL B 367 19.50 -18.28 -10.88
C VAL B 367 19.60 -17.83 -9.44
N LEU B 368 20.62 -18.34 -8.72
CA LEU B 368 20.83 -17.94 -7.33
C LEU B 368 21.09 -16.42 -7.22
N GLN B 369 21.91 -15.88 -8.13
CA GLN B 369 22.20 -14.43 -8.15
C GLN B 369 20.93 -13.59 -8.23
N ALA B 370 19.98 -13.99 -9.08
CA ALA B 370 18.72 -13.28 -9.21
C ALA B 370 17.81 -13.37 -7.99
N ARG B 371 17.84 -14.50 -7.28
CA ARG B 371 17.07 -14.67 -6.06
C ARG B 371 17.55 -13.73 -4.96
N LEU B 372 18.84 -13.38 -4.95
CA LEU B 372 19.35 -12.44 -3.95
C LEU B 372 18.63 -11.10 -4.04
N PHE B 373 18.23 -10.70 -5.24
CA PHE B 373 17.43 -9.50 -5.38
C PHE B 373 15.96 -9.76 -5.13
N SER B 374 15.41 -10.82 -5.73
CA SER B 374 13.95 -10.98 -5.82
C SER B 374 13.29 -11.10 -4.46
N TYR B 375 13.89 -11.81 -3.51
CA TYR B 375 13.12 -12.12 -2.31
C TYR B 375 12.93 -10.92 -1.41
N PRO B 376 13.96 -10.16 -1.01
CA PRO B 376 13.70 -8.95 -0.19
C PRO B 376 12.75 -7.98 -0.87
N ASP B 377 12.81 -7.87 -2.18
CA ASP B 377 11.89 -7.02 -2.92
C ASP B 377 10.46 -7.53 -2.79
N ALA B 378 10.25 -8.84 -2.89
CA ALA B 378 8.93 -9.40 -2.68
C ALA B 378 8.45 -9.11 -1.27
N HIS B 379 9.30 -9.35 -0.27
CA HIS B 379 8.88 -9.15 1.11
C HIS B 379 8.44 -7.70 1.33
N ARG B 380 9.15 -6.74 0.76
CA ARG B 380 8.79 -5.34 1.01
C ARG B 380 7.42 -5.02 0.46
N TYR B 381 7.02 -5.67 -0.65
CA TYR B 381 5.67 -5.45 -1.17
C TYR B 381 4.63 -6.23 -0.38
N ARG B 382 4.88 -7.53 -0.12
CA ARG B 382 3.88 -8.42 0.46
C ARG B 382 3.65 -8.13 1.95
N LEU B 383 4.72 -7.89 2.70
CA LEU B 383 4.63 -7.68 4.14
C LEU B 383 4.84 -6.24 4.57
N GLY B 384 5.58 -5.46 3.80
CA GLY B 384 5.82 -4.08 4.19
C GLY B 384 7.30 -3.81 4.39
N PRO B 385 7.68 -2.54 4.29
CA PRO B 385 9.12 -2.21 4.40
C PRO B 385 9.78 -2.59 5.71
N ASN B 386 9.05 -2.60 6.82
CA ASN B 386 9.68 -2.96 8.11
C ASN B 386 9.32 -4.39 8.54
N TYR B 387 9.25 -5.30 7.56
CA TYR B 387 8.88 -6.69 7.85
C TYR B 387 9.86 -7.41 8.78
N SER B 388 11.11 -6.94 8.87
CA SER B 388 12.04 -7.57 9.80
C SER B 388 11.71 -7.28 11.26
N GLN B 389 10.76 -6.40 11.54
CA GLN B 389 10.29 -6.15 12.91
C GLN B 389 9.15 -7.05 13.32
N ILE B 390 8.60 -7.82 12.42
CA ILE B 390 7.63 -8.87 12.79
C ILE B 390 8.36 -9.93 13.61
N PRO B 391 7.82 -10.33 14.76
CA PRO B 391 8.57 -11.24 15.66
C PRO B 391 9.20 -12.43 14.99
N VAL B 392 8.43 -13.17 14.19
CA VAL B 392 8.93 -14.37 13.56
C VAL B 392 10.12 -14.05 12.68
N ASN B 393 10.19 -12.84 12.14
CA ASN B 393 11.32 -12.45 11.29
C ASN B 393 12.43 -11.71 12.04
N CYS B 394 12.28 -11.43 13.33
CA CYS B 394 13.27 -10.68 14.07
CA CYS B 394 13.28 -10.68 14.05
C CYS B 394 14.52 -11.52 14.30
N PRO B 395 15.69 -10.95 14.16
CA PRO B 395 16.91 -11.70 14.52
C PRO B 395 17.13 -11.57 16.03
N TYR B 396 16.35 -12.34 16.80
CA TYR B 396 16.30 -12.14 18.23
C TYR B 396 17.63 -12.45 18.90
N ALA B 397 18.52 -13.18 18.26
CA ALA B 397 19.81 -13.49 18.86
C ALA B 397 20.94 -12.58 18.38
N SER B 398 20.65 -11.62 17.49
CA SER B 398 21.61 -10.68 16.91
C SER B 398 20.79 -9.44 16.53
N LYS B 399 20.37 -8.72 17.58
CA LYS B 399 19.58 -7.50 17.44
C LYS B 399 20.09 -6.62 16.31
N VAL B 400 19.17 -5.95 15.62
CA VAL B 400 19.52 -5.06 14.50
C VAL B 400 19.98 -3.72 15.08
N PHE B 401 21.12 -3.22 14.58
CA PHE B 401 21.56 -1.88 14.92
C PHE B 401 22.21 -1.28 13.68
N ASN B 402 21.46 -0.47 12.95
CA ASN B 402 21.98 0.27 11.81
C ASN B 402 21.45 1.70 11.89
N PRO B 403 22.35 2.66 12.13
CA PRO B 403 21.87 4.04 12.33
C PRO B 403 21.10 4.61 11.17
N ALA B 404 21.44 4.21 9.95
CA ALA B 404 20.87 4.75 8.73
C ALA B 404 19.64 4.00 8.22
N ILE B 405 19.18 2.97 8.90
CA ILE B 405 17.94 2.28 8.51
C ILE B 405 16.89 2.68 9.53
N ARG B 406 15.98 3.57 9.14
CA ARG B 406 15.10 4.22 10.09
C ARG B 406 13.77 4.51 9.41
N ASP B 407 12.76 4.80 10.24
CA ASP B 407 11.45 5.23 9.80
C ASP B 407 10.74 4.12 9.00
N GLY B 408 9.94 4.52 8.02
CA GLY B 408 9.15 3.58 7.27
C GLY B 408 7.84 3.32 7.98
N PRO B 409 6.79 2.96 7.22
CA PRO B 409 5.51 2.66 7.85
C PRO B 409 5.59 1.50 8.82
N MET B 410 4.76 1.60 9.86
CA MET B 410 4.66 0.56 10.87
C MET B 410 6.03 0.26 11.46
N ASN B 411 6.74 1.33 11.78
CA ASN B 411 7.95 1.21 12.57
C ASN B 411 7.50 1.06 14.02
N VAL B 412 7.71 -0.12 14.61
CA VAL B 412 7.09 -0.45 15.87
C VAL B 412 8.08 -0.66 17.00
N ASN B 413 9.40 -0.61 16.74
CA ASN B 413 10.38 -0.94 17.78
C ASN B 413 11.11 0.27 18.36
N GLY B 414 10.60 1.48 18.15
CA GLY B 414 11.21 2.71 18.66
C GLY B 414 12.14 3.45 17.72
N ASN B 415 12.55 2.82 16.62
CA ASN B 415 13.30 3.53 15.59
C ASN B 415 14.63 4.03 16.14
N LEU B 416 15.18 3.29 17.12
CA LEU B 416 16.46 3.54 17.79
C LEU B 416 16.47 4.83 18.61
N GLY B 417 15.31 5.43 18.85
CA GLY B 417 15.19 6.61 19.67
C GLY B 417 15.99 7.73 19.07
N LYS B 418 16.74 8.41 19.93
CA LYS B 418 17.47 9.62 19.53
C LYS B 418 18.84 9.30 18.92
N GLU B 419 19.15 8.02 18.69
CA GLU B 419 20.39 7.69 18.02
C GLU B 419 20.51 8.52 16.73
N PRO B 420 21.65 9.10 16.45
CA PRO B 420 21.85 9.72 15.12
C PRO B 420 21.59 8.75 13.97
N ASN B 421 21.20 9.32 12.83
CA ASN B 421 20.89 8.54 11.63
C ASN B 421 22.04 8.58 10.64
N TYR B 422 23.26 8.75 11.12
CA TYR B 422 24.48 8.68 10.30
C TYR B 422 25.58 8.29 11.27
N LEU B 423 26.80 8.12 10.77
CA LEU B 423 27.90 7.70 11.65
C LEU B 423 28.50 8.95 12.29
N SER B 424 27.90 9.36 13.40
CA SER B 424 28.33 10.55 14.11
C SER B 424 29.68 10.35 14.77
N THR B 425 30.56 11.33 14.63
CA THR B 425 31.85 11.30 15.31
C THR B 425 31.75 11.55 16.81
N SER B 426 30.57 11.87 17.34
CA SER B 426 30.37 11.98 18.77
C SER B 426 30.01 10.64 19.40
N LYS B 427 29.78 9.61 18.58
CA LYS B 427 29.37 8.30 19.04
C LYS B 427 30.39 7.25 18.63
N LYS B 428 30.18 6.04 19.16
CA LYS B 428 31.02 4.89 18.90
C LYS B 428 30.24 3.87 18.10
N TYR B 429 30.91 3.25 17.13
CA TYR B 429 30.35 2.21 16.28
C TYR B 429 31.39 1.10 16.13
N GLN B 430 30.98 -0.13 16.30
CA GLN B 430 31.88 -1.27 16.22
C GLN B 430 31.59 -2.00 14.92
N PHE B 431 32.61 -2.13 14.07
CA PHE B 431 32.56 -2.93 12.86
C PHE B 431 33.45 -4.13 13.04
N ILE B 432 32.82 -5.29 13.26
CA ILE B 432 33.62 -6.47 13.55
C ILE B 432 33.97 -7.22 12.28
N GLN B 433 34.93 -8.14 12.41
CA GLN B 433 35.37 -9.03 11.34
C GLN B 433 35.90 -8.25 10.15
N GLN B 434 36.63 -7.15 10.44
CA GLN B 434 37.10 -6.27 9.37
C GLN B 434 38.06 -7.01 8.46
N SER B 435 38.75 -8.01 8.99
CA SER B 435 39.72 -8.77 8.22
C SER B 435 39.16 -10.01 7.55
N LYS B 436 37.88 -10.29 7.74
CA LYS B 436 37.27 -11.45 7.11
C LYS B 436 36.89 -11.08 5.69
N PRO B 437 37.46 -11.70 4.66
CA PRO B 437 37.04 -11.39 3.30
C PRO B 437 35.60 -11.82 3.09
N ILE B 438 34.98 -11.20 2.09
CA ILE B 438 33.62 -11.58 1.70
C ILE B 438 33.73 -12.56 0.54
N GLN B 439 34.12 -12.07 -0.62
CA GLN B 439 34.36 -12.91 -1.78
C GLN B 439 35.67 -12.56 -2.51
N GLN B 440 36.44 -11.60 -2.01
CA GLN B 440 37.63 -11.19 -2.76
C GLN B 440 38.74 -12.24 -2.70
N HIS B 441 38.61 -13.24 -1.85
CA HIS B 441 39.60 -14.32 -1.79
C HIS B 441 39.24 -15.50 -2.67
N GLN B 442 38.17 -15.42 -3.44
CA GLN B 442 37.64 -16.54 -4.22
C GLN B 442 37.93 -16.32 -5.69
N GLU B 443 36.98 -16.45 -6.60
CA GLU B 443 37.31 -16.48 -8.02
C GLU B 443 37.68 -15.11 -8.56
N VAL B 444 38.54 -15.13 -9.58
CA VAL B 444 38.91 -13.91 -10.31
C VAL B 444 38.22 -13.91 -11.66
N TRP B 445 37.32 -12.93 -11.85
CA TRP B 445 36.52 -12.83 -13.05
C TRP B 445 37.16 -11.96 -14.09
N SER B 446 36.81 -12.21 -15.35
CA SER B 446 37.37 -11.48 -16.46
C SER B 446 36.43 -11.47 -17.64
N GLY B 447 36.37 -10.33 -18.31
CA GLY B 447 35.53 -10.17 -19.45
C GLY B 447 34.78 -8.85 -19.43
N PRO B 448 34.10 -8.55 -20.53
CA PRO B 448 33.21 -7.38 -20.59
C PRO B 448 31.86 -7.71 -19.95
N ALA B 449 31.06 -6.66 -19.79
CA ALA B 449 29.68 -6.83 -19.43
C ALA B 449 28.95 -7.49 -20.58
N MET B 450 28.46 -8.70 -20.36
CA MET B 450 28.05 -9.57 -21.45
C MET B 450 26.67 -10.14 -21.19
N PRO B 451 25.73 -9.96 -22.10
CA PRO B 451 24.44 -10.64 -21.96
C PRO B 451 24.54 -12.07 -22.50
N VAL B 452 24.13 -13.03 -21.66
CA VAL B 452 24.23 -14.43 -21.98
C VAL B 452 22.86 -15.07 -21.75
N HIS B 453 22.39 -15.79 -22.78
CA HIS B 453 21.21 -16.66 -22.71
C HIS B 453 21.74 -18.09 -22.69
N TRP B 454 21.68 -18.73 -21.52
CA TRP B 454 22.30 -20.03 -21.30
C TRP B 454 21.39 -21.15 -21.83
N ALA B 455 21.08 -21.06 -23.13
CA ALA B 455 20.15 -22.02 -23.72
C ALA B 455 20.68 -23.44 -23.63
N THR B 456 19.78 -24.40 -23.78
CA THR B 456 20.11 -25.83 -23.78
C THR B 456 21.35 -26.09 -24.62
N SER B 457 22.34 -26.77 -24.03
CA SER B 457 23.61 -27.00 -24.73
C SER B 457 23.42 -28.09 -25.80
N PRO B 458 24.21 -28.05 -26.87
CA PRO B 458 24.19 -29.14 -27.86
C PRO B 458 24.76 -30.43 -27.32
N GLY B 459 24.43 -31.51 -28.01
CA GLY B 459 24.88 -32.81 -27.56
C GLY B 459 24.01 -33.29 -26.41
N ASP B 460 24.60 -34.11 -25.56
CA ASP B 460 23.83 -34.90 -24.62
C ASP B 460 23.97 -34.44 -23.18
N ILE B 461 24.78 -33.41 -22.94
CA ILE B 461 25.15 -33.08 -21.57
C ILE B 461 23.94 -32.74 -20.71
N ASP B 462 22.94 -32.06 -21.29
CA ASP B 462 21.77 -31.63 -20.53
C ASP B 462 20.69 -32.68 -20.46
N PHE B 463 20.97 -33.88 -20.95
CA PHE B 463 20.08 -35.03 -20.83
C PHE B 463 20.68 -36.21 -20.06
N VAL B 464 22.00 -36.26 -19.87
CA VAL B 464 22.60 -37.46 -19.34
C VAL B 464 22.17 -37.71 -17.91
N GLN B 465 22.03 -36.66 -17.10
CA GLN B 465 21.61 -36.85 -15.72
C GLN B 465 20.14 -37.27 -15.66
N ALA B 466 19.34 -36.89 -16.64
CA ALA B 466 17.98 -37.41 -16.70
C ALA B 466 17.98 -38.89 -17.03
N ARG B 467 18.85 -39.31 -17.95
CA ARG B 467 18.92 -40.73 -18.27
C ARG B 467 19.46 -41.53 -17.09
N ASP B 468 20.47 -41.01 -16.37
CA ASP B 468 21.00 -41.73 -15.24
C ASP B 468 19.94 -41.92 -14.16
N LEU B 469 19.12 -40.89 -13.92
CA LEU B 469 18.02 -41.04 -12.99
C LEU B 469 17.09 -42.17 -13.40
N TYR B 470 16.75 -42.23 -14.68
CA TYR B 470 15.82 -43.29 -15.11
C TYR B 470 16.49 -44.68 -15.05
N ASN B 471 17.63 -44.82 -15.71
CA ASN B 471 18.34 -46.12 -15.84
C ASN B 471 19.06 -46.55 -14.55
N LYS B 472 19.47 -45.66 -13.67
CA LYS B 472 20.26 -46.17 -12.53
C LYS B 472 19.60 -45.93 -11.18
N VAL B 473 18.48 -45.23 -11.14
CA VAL B 473 17.85 -44.92 -9.87
C VAL B 473 16.43 -45.48 -9.79
N LEU B 474 15.57 -45.01 -10.70
CA LEU B 474 14.19 -45.47 -10.70
C LEU B 474 14.08 -46.96 -11.02
N SER B 475 15.05 -47.51 -11.74
CA SER B 475 15.03 -48.94 -12.04
C SER B 475 15.18 -49.79 -10.79
N LYS B 476 15.84 -49.27 -9.74
CA LYS B 476 16.02 -49.98 -8.49
C LYS B 476 14.78 -49.89 -7.61
N GLN B 477 13.74 -49.22 -8.07
CA GLN B 477 12.50 -49.04 -7.32
C GLN B 477 11.36 -49.72 -8.06
N PRO B 478 10.79 -50.79 -7.52
CA PRO B 478 9.82 -51.59 -8.31
C PRO B 478 8.65 -50.76 -8.78
N GLY B 479 8.44 -50.73 -10.10
CA GLY B 479 7.29 -50.05 -10.65
C GLY B 479 7.43 -48.55 -10.77
N GLN B 480 8.59 -47.99 -10.47
CA GLN B 480 8.68 -46.54 -10.53
C GLN B 480 8.89 -46.05 -11.95
N GLN B 481 9.61 -46.82 -12.79
CA GLN B 481 9.74 -46.43 -14.18
C GLN B 481 8.38 -46.35 -14.87
N LYS B 482 7.46 -47.26 -14.51
CA LYS B 482 6.13 -47.21 -15.13
C LYS B 482 5.32 -46.05 -14.57
N ALA B 483 5.43 -45.78 -13.27
CA ALA B 483 4.64 -44.72 -12.66
C ALA B 483 5.02 -43.37 -13.27
N LEU B 484 6.30 -43.17 -13.59
CA LEU B 484 6.73 -41.96 -14.27
C LEU B 484 6.00 -41.80 -15.59
N ALA B 485 5.97 -42.85 -16.43
CA ALA B 485 5.29 -42.78 -17.71
C ALA B 485 3.80 -42.46 -17.52
N HIS B 486 3.14 -43.19 -16.62
CA HIS B 486 1.73 -42.93 -16.37
C HIS B 486 1.51 -41.48 -15.93
N ASN B 487 2.35 -40.97 -15.04
CA ASN B 487 2.12 -39.62 -14.51
C ASN B 487 2.24 -38.55 -15.60
N VAL B 488 3.16 -38.73 -16.54
CA VAL B 488 3.23 -37.79 -17.66
C VAL B 488 2.02 -37.97 -18.57
N ALA B 489 1.70 -39.23 -18.91
CA ALA B 489 0.67 -39.50 -19.90
C ALA B 489 -0.65 -38.85 -19.52
N VAL B 490 -1.07 -38.99 -18.26
CA VAL B 490 -2.39 -38.48 -17.91
C VAL B 490 -2.41 -36.96 -17.96
N HIS B 491 -1.25 -36.31 -17.81
CA HIS B 491 -1.14 -34.86 -17.80
C HIS B 491 -1.09 -34.33 -19.21
N VAL B 492 -0.21 -34.89 -20.03
CA VAL B 492 -0.08 -34.42 -21.40
C VAL B 492 -1.27 -34.81 -22.26
N ALA B 493 -2.07 -35.77 -21.82
CA ALA B 493 -3.21 -36.20 -22.61
C ALA B 493 -4.17 -35.06 -22.86
N SER B 494 -4.13 -34.03 -22.04
CA SER B 494 -4.97 -32.85 -22.23
C SER B 494 -4.45 -31.90 -23.31
N ALA B 495 -3.18 -32.02 -23.67
CA ALA B 495 -2.59 -31.12 -24.65
C ALA B 495 -3.01 -31.49 -26.07
N CYS B 496 -3.01 -30.49 -26.97
CA CYS B 496 -3.29 -30.71 -28.36
C CYS B 496 -2.25 -31.63 -28.98
N PRO B 497 -2.60 -32.26 -30.10
CA PRO B 497 -1.72 -33.31 -30.64
C PRO B 497 -0.30 -32.87 -30.95
N GLU B 498 -0.11 -31.73 -31.63
CA GLU B 498 1.25 -31.31 -31.98
C GLU B 498 2.10 -31.12 -30.72
N ILE B 499 1.50 -30.64 -29.64
CA ILE B 499 2.26 -30.49 -28.39
C ILE B 499 2.55 -31.86 -27.80
N GLN B 500 1.56 -32.75 -27.81
CA GLN B 500 1.80 -34.13 -27.39
C GLN B 500 3.01 -34.71 -28.12
N ASP B 501 3.07 -34.49 -29.44
CA ASP B 501 4.16 -35.06 -30.23
C ASP B 501 5.50 -34.50 -29.79
N ARG B 502 5.58 -33.19 -29.51
CA ARG B 502 6.82 -32.60 -29.03
C ARG B 502 7.24 -33.23 -27.70
N VAL B 503 6.27 -33.43 -26.80
CA VAL B 503 6.57 -34.06 -25.52
C VAL B 503 7.15 -35.45 -25.75
N PHE B 504 6.53 -36.24 -26.64
CA PHE B 504 7.05 -37.58 -26.92
C PHE B 504 8.49 -37.54 -27.41
N ALA B 505 8.80 -36.62 -28.33
CA ALA B 505 10.15 -36.56 -28.88
C ALA B 505 11.18 -36.22 -27.81
N MET B 506 10.81 -35.32 -26.88
CA MET B 506 11.76 -34.89 -25.86
C MET B 506 12.13 -36.04 -24.93
N PHE B 507 11.13 -36.80 -24.47
CA PHE B 507 11.39 -37.95 -23.59
C PHE B 507 12.14 -39.06 -24.33
N ALA B 508 11.94 -39.18 -25.62
CA ALA B 508 12.67 -40.17 -26.40
C ALA B 508 14.16 -39.90 -26.35
N ARG B 509 14.57 -38.65 -26.20
CA ARG B 509 15.98 -38.35 -26.04
C ARG B 509 16.53 -38.96 -24.76
N VAL B 510 15.67 -39.09 -23.74
CA VAL B 510 16.10 -39.73 -22.50
C VAL B 510 16.14 -41.23 -22.67
N ASP B 511 15.01 -41.84 -23.06
CA ASP B 511 14.90 -43.29 -23.18
C ASP B 511 13.75 -43.59 -24.12
N ARG B 512 14.01 -44.36 -25.17
CA ARG B 512 12.99 -44.58 -26.18
C ARG B 512 11.80 -45.35 -25.62
N GLY B 513 12.07 -46.30 -24.71
CA GLY B 513 10.98 -47.07 -24.13
C GLY B 513 10.10 -46.24 -23.24
N LEU B 514 10.70 -45.38 -22.41
CA LEU B 514 9.93 -44.42 -21.64
C LEU B 514 9.02 -43.60 -22.54
N SER B 515 9.56 -43.11 -23.67
CA SER B 515 8.76 -42.32 -24.61
C SER B 515 7.59 -43.12 -25.16
N GLU B 516 7.81 -44.38 -25.51
CA GLU B 516 6.72 -45.18 -26.06
C GLU B 516 5.66 -45.48 -25.01
N ASN B 517 6.05 -45.72 -23.76
CA ASN B 517 5.06 -45.97 -22.73
C ASN B 517 4.15 -44.76 -22.54
N ILE B 518 4.73 -43.55 -22.55
CA ILE B 518 3.93 -42.33 -22.44
C ILE B 518 2.99 -42.22 -23.62
N LYS B 519 3.53 -42.41 -24.82
CA LYS B 519 2.73 -42.25 -26.04
C LYS B 519 1.53 -43.17 -26.01
N LYS B 520 1.77 -44.46 -25.74
CA LYS B 520 0.68 -45.42 -25.79
C LYS B 520 -0.43 -45.03 -24.85
N GLU B 521 -0.11 -44.79 -23.58
CA GLU B 521 -1.15 -44.45 -22.62
C GLU B 521 -1.81 -43.14 -22.98
N ALA B 522 -1.01 -42.14 -23.35
CA ALA B 522 -1.56 -40.84 -23.69
C ALA B 522 -2.52 -40.93 -24.87
N LEU B 523 -2.15 -41.69 -25.88
CA LEU B 523 -2.99 -41.82 -27.06
C LEU B 523 -4.28 -42.56 -26.76
N SER B 524 -4.26 -43.54 -25.86
CA SER B 524 -5.51 -44.22 -25.51
C SER B 524 -6.49 -43.24 -24.85
N LEU B 525 -5.98 -42.30 -24.07
CA LEU B 525 -6.85 -41.35 -23.41
C LEU B 525 -7.30 -40.21 -24.31
N SER B 526 -6.68 -40.02 -25.47
CA SER B 526 -7.02 -38.92 -26.35
C SER B 526 -6.82 -39.33 -27.80
N PRO B 527 -7.75 -40.09 -28.35
CA PRO B 527 -7.59 -40.59 -29.73
C PRO B 527 -7.75 -39.48 -30.75
N ARG B 528 -7.20 -39.72 -31.95
CA ARG B 528 -7.20 -38.69 -32.99
C ARG B 528 -8.09 -38.99 -34.19
N HIS C 29 -2.52 17.09 -25.45
CA HIS C 29 -1.64 15.94 -25.67
C HIS C 29 -2.01 14.79 -24.73
N PRO C 30 -1.80 13.54 -25.15
CA PRO C 30 -2.15 12.44 -24.24
C PRO C 30 -1.44 12.49 -22.89
N THR C 31 -0.21 13.00 -22.83
CA THR C 31 0.47 13.12 -21.55
C THR C 31 -0.07 14.27 -20.70
N ASN C 32 -0.85 15.20 -21.31
CA ASN C 32 -1.26 16.44 -20.62
C ASN C 32 -2.66 16.88 -21.06
N THR C 33 -3.68 16.13 -20.63
CA THR C 33 -5.05 16.51 -20.95
C THR C 33 -5.99 15.82 -19.95
N ALA C 34 -7.29 16.03 -20.15
CA ALA C 34 -8.31 15.47 -19.26
C ALA C 34 -9.62 15.34 -20.03
N ASP C 35 -10.64 14.77 -19.39
CA ASP C 35 -11.96 14.66 -19.98
C ASP C 35 -13.02 15.08 -18.96
N VAL C 36 -13.74 16.15 -19.28
CA VAL C 36 -14.72 16.72 -18.38
C VAL C 36 -16.06 16.75 -19.06
N ARG C 37 -17.10 16.21 -18.38
CA ARG C 37 -18.43 16.16 -18.95
C ARG C 37 -18.82 17.53 -19.49
N LYS C 38 -19.28 17.56 -20.74
CA LYS C 38 -19.67 18.83 -21.34
C LYS C 38 -20.97 19.38 -20.74
N ASP C 39 -21.85 18.50 -20.25
CA ASP C 39 -23.07 18.99 -19.62
C ASP C 39 -22.87 19.49 -18.19
N ARG C 40 -21.66 19.36 -17.63
CA ARG C 40 -21.34 19.88 -16.30
C ARG C 40 -22.18 19.23 -15.19
N VAL C 41 -22.76 18.05 -15.43
CA VAL C 41 -23.55 17.39 -14.42
C VAL C 41 -22.65 16.79 -13.37
N VAL C 42 -22.90 17.15 -12.10
CA VAL C 42 -22.09 16.69 -11.01
C VAL C 42 -22.59 15.33 -10.54
N THR C 43 -21.66 14.42 -10.33
CA THR C 43 -21.98 13.05 -9.98
C THR C 43 -21.08 12.56 -8.86
N ASN C 44 -21.39 11.37 -8.31
CA ASN C 44 -20.49 10.69 -7.39
C ASN C 44 -19.47 9.86 -8.18
N SER C 45 -18.65 9.08 -7.48
CA SER C 45 -17.58 8.37 -8.18
C SER C 45 -18.06 7.20 -9.04
N GLN C 46 -19.35 6.89 -9.04
CA GLN C 46 -19.91 5.82 -9.86
C GLN C 46 -20.83 6.34 -10.94
N GLY C 47 -20.84 7.66 -11.16
CA GLY C 47 -21.58 8.26 -12.24
C GLY C 47 -23.00 8.56 -11.91
N ALA C 48 -23.43 8.35 -10.72
CA ALA C 48 -24.79 8.73 -10.39
C ALA C 48 -24.84 10.23 -10.10
N PRO C 49 -25.85 10.92 -10.58
CA PRO C 49 -25.93 12.36 -10.35
C PRO C 49 -26.21 12.65 -8.89
N ILE C 50 -25.61 13.72 -8.40
CA ILE C 50 -25.86 14.25 -7.07
C ILE C 50 -26.89 15.36 -7.21
N ASN C 51 -27.96 15.31 -6.43
CA ASN C 51 -29.04 16.27 -6.63
C ASN C 51 -28.98 17.47 -5.71
N GLU C 52 -27.99 17.53 -4.79
CA GLU C 52 -27.75 18.68 -3.87
C GLU C 52 -26.27 18.64 -3.55
N PRO C 53 -25.53 19.72 -3.74
CA PRO C 53 -24.08 19.64 -3.54
C PRO C 53 -23.66 19.24 -2.13
N PHE C 54 -24.39 19.68 -1.10
CA PHE C 54 -23.90 19.52 0.25
C PHE C 54 -24.84 18.90 1.26
N ALA C 55 -26.07 18.58 0.87
CA ALA C 55 -26.99 18.01 1.83
C ALA C 55 -26.50 16.65 2.31
N THR C 56 -26.60 16.38 3.62
CA THR C 56 -26.26 15.10 4.23
C THR C 56 -27.45 14.54 4.99
N GLN C 57 -27.57 13.20 5.00
CA GLN C 57 -28.76 12.54 5.56
C GLN C 57 -28.64 12.35 7.07
N ARG C 58 -29.68 12.73 7.79
CA ARG C 58 -29.74 12.50 9.21
C ARG C 58 -31.19 12.27 9.57
N VAL C 59 -31.42 11.92 10.82
CA VAL C 59 -32.77 11.69 11.29
C VAL C 59 -33.42 13.05 11.56
N GLY C 60 -34.50 13.34 10.83
CA GLY C 60 -35.13 14.62 11.05
C GLY C 60 -34.20 15.73 10.62
N GLN C 61 -34.45 16.91 11.19
CA GLN C 61 -33.66 18.05 10.74
C GLN C 61 -32.28 18.06 11.37
N HIS C 62 -32.14 17.63 12.64
CA HIS C 62 -30.86 17.81 13.31
C HIS C 62 -30.41 16.59 14.09
N GLY C 63 -30.91 15.42 13.75
CA GLY C 63 -30.48 14.20 14.41
C GLY C 63 -29.10 13.73 13.94
N PRO C 64 -28.67 12.61 14.47
CA PRO C 64 -27.34 12.09 14.11
C PRO C 64 -27.30 11.62 12.67
N LEU C 65 -26.09 11.56 12.14
CA LEU C 65 -25.91 11.18 10.74
C LEU C 65 -26.11 9.67 10.51
N LEU C 66 -26.60 9.35 9.30
CA LEU C 66 -26.90 7.99 8.91
C LEU C 66 -25.76 7.39 8.09
N LEU C 67 -25.44 6.14 8.39
CA LEU C 67 -24.43 5.40 7.66
C LEU C 67 -24.75 5.31 6.17
N GLN C 68 -26.02 5.38 5.80
CA GLN C 68 -26.43 5.11 4.40
C GLN C 68 -26.17 6.29 3.45
N ASP C 69 -25.49 7.36 3.90
CA ASP C 69 -25.18 8.49 3.01
C ASP C 69 -23.89 8.15 2.27
N PHE C 70 -24.05 7.40 1.17
CA PHE C 70 -22.88 7.01 0.38
C PHE C 70 -22.13 8.23 -0.16
N ASN C 71 -22.85 9.29 -0.52
CA ASN C 71 -22.18 10.42 -1.16
C ASN C 71 -21.22 11.13 -0.19
N LEU C 72 -21.57 11.21 1.10
CA LEU C 72 -20.68 11.81 2.07
C LEU C 72 -19.43 10.95 2.29
N LEU C 73 -19.62 9.66 2.57
CA LEU C 73 -18.47 8.79 2.82
C LEU C 73 -17.58 8.68 1.59
N ASP C 74 -18.19 8.64 0.40
CA ASP C 74 -17.44 8.63 -0.85
C ASP C 74 -16.47 9.81 -0.89
N SER C 75 -16.98 11.02 -0.68
N SER C 75 -16.97 11.02 -0.67
CA SER C 75 -16.12 12.21 -0.73
CA SER C 75 -16.12 12.21 -0.73
C SER C 75 -15.09 12.18 0.40
C SER C 75 -15.10 12.22 0.40
N LEU C 76 -15.53 11.92 1.63
CA LEU C 76 -14.62 11.97 2.77
C LEU C 76 -13.51 10.91 2.67
N ALA C 77 -13.84 9.71 2.18
CA ALA C 77 -12.80 8.68 2.08
C ALA C 77 -11.80 8.98 0.99
N HIS C 78 -12.22 9.58 -0.13
CA HIS C 78 -11.24 9.87 -1.16
C HIS C 78 -10.31 11.03 -0.74
N PHE C 79 -10.87 12.01 -0.06
CA PHE C 79 -10.10 13.09 0.53
C PHE C 79 -9.00 12.53 1.43
N ASN C 80 -9.32 11.51 2.24
CA ASN C 80 -8.32 10.87 3.09
C ASN C 80 -7.21 10.21 2.31
N ARG C 81 -7.35 10.04 1.00
CA ARG C 81 -6.36 9.28 0.23
C ARG C 81 -5.73 10.13 -0.86
N GLU C 82 -5.88 11.44 -0.77
CA GLU C 82 -5.36 12.29 -1.84
C GLU C 82 -3.85 12.26 -1.92
N ARG C 83 -3.19 12.11 -0.79
CA ARG C 83 -1.75 12.23 -0.68
C ARG C 83 -1.04 10.92 -0.94
N ILE C 84 0.10 10.99 -1.60
CA ILE C 84 0.97 9.84 -1.75
C ILE C 84 2.27 10.25 -1.05
N PRO C 85 3.16 9.31 -0.78
CA PRO C 85 4.45 9.67 -0.17
C PRO C 85 5.23 10.61 -1.09
N GLU C 86 5.82 11.64 -0.48
CA GLU C 86 6.68 12.56 -1.21
C GLU C 86 7.95 11.84 -1.65
N ARG C 87 8.56 12.35 -2.71
CA ARG C 87 9.87 11.86 -3.12
C ARG C 87 10.87 12.03 -1.99
N ASN C 88 11.83 11.11 -1.95
CA ASN C 88 12.93 11.13 -1.01
C ASN C 88 14.22 10.89 -1.78
N PRO C 89 14.99 11.93 -2.10
CA PRO C 89 14.73 13.34 -1.84
C PRO C 89 14.06 14.02 -3.03
N HIS C 90 14.23 15.33 -3.15
CA HIS C 90 13.68 16.10 -4.25
C HIS C 90 12.17 16.13 -4.19
N ALA C 91 11.64 16.22 -2.99
CA ALA C 91 10.19 16.25 -2.78
C ALA C 91 9.51 17.48 -3.38
N HIS C 92 10.17 18.64 -3.35
CA HIS C 92 9.54 19.91 -3.71
C HIS C 92 9.96 20.34 -5.09
N GLY C 93 9.01 20.68 -5.95
CA GLY C 93 9.41 20.96 -7.30
C GLY C 93 8.30 21.49 -8.18
N SER C 94 8.64 21.63 -9.45
CA SER C 94 7.81 22.27 -10.45
C SER C 94 8.08 21.62 -11.79
N GLY C 95 7.11 21.71 -12.72
CA GLY C 95 7.25 21.04 -13.99
C GLY C 95 6.67 21.80 -15.16
N ALA C 96 7.14 21.41 -16.35
CA ALA C 96 6.65 21.95 -17.61
C ALA C 96 6.95 20.97 -18.75
N PHE C 97 6.19 21.11 -19.84
CA PHE C 97 6.40 20.35 -21.06
C PHE C 97 7.07 21.17 -22.15
N GLY C 98 7.74 20.46 -23.08
CA GLY C 98 8.39 21.07 -24.20
C GLY C 98 8.90 20.11 -25.24
N TYR C 99 9.98 20.50 -25.92
CA TYR C 99 10.58 19.64 -26.91
C TYR C 99 12.06 19.98 -26.99
N LEU C 100 12.82 19.01 -27.49
CA LEU C 100 14.20 19.16 -27.92
C LEU C 100 14.26 19.12 -29.44
N GLU C 101 14.91 20.09 -30.06
CA GLU C 101 15.13 20.11 -31.49
C GLU C 101 16.60 19.86 -31.78
N ILE C 102 16.87 18.96 -32.71
CA ILE C 102 18.25 18.69 -33.10
C ILE C 102 18.72 19.76 -34.08
N THR C 103 19.86 20.40 -33.78
CA THR C 103 20.39 21.40 -34.69
C THR C 103 21.72 21.00 -35.30
N ASP C 104 22.33 19.91 -34.83
CA ASP C 104 23.61 19.45 -35.34
C ASP C 104 23.61 17.92 -35.48
N ASP C 105 24.49 17.44 -36.37
CA ASP C 105 24.63 16.01 -36.61
C ASP C 105 25.67 15.43 -35.66
N ILE C 106 25.22 14.62 -34.70
CA ILE C 106 26.11 13.90 -33.80
C ILE C 106 25.94 12.38 -33.94
N THR C 107 25.48 11.92 -35.11
CA THR C 107 25.29 10.50 -35.29
C THR C 107 26.61 9.76 -35.31
N ASP C 108 27.73 10.47 -35.48
CA ASP C 108 29.03 9.81 -35.34
C ASP C 108 29.25 9.33 -33.91
N VAL C 109 28.58 9.94 -32.95
CA VAL C 109 28.69 9.59 -31.54
C VAL C 109 27.57 8.66 -31.10
N CYS C 110 26.34 8.97 -31.50
CA CYS C 110 25.17 8.30 -30.93
C CYS C 110 24.12 8.04 -32.00
N GLY C 111 23.68 6.80 -32.10
CA GLY C 111 22.72 6.34 -33.08
C GLY C 111 21.29 6.38 -32.62
N SER C 112 21.03 6.92 -31.44
CA SER C 112 19.65 6.97 -30.94
C SER C 112 18.76 7.69 -31.94
N ALA C 113 17.49 7.25 -32.01
CA ALA C 113 16.53 7.80 -32.94
C ALA C 113 16.32 9.30 -32.72
N MET C 114 16.26 9.73 -31.45
CA MET C 114 16.05 11.13 -31.14
C MET C 114 17.14 12.04 -31.69
N PHE C 115 18.27 11.51 -32.12
CA PHE C 115 19.30 12.34 -32.71
C PHE C 115 19.46 12.12 -34.21
N ASP C 116 18.68 11.23 -34.84
CA ASP C 116 19.10 10.71 -36.14
C ASP C 116 18.80 11.65 -37.30
N THR C 117 18.16 12.78 -37.05
CA THR C 117 17.77 13.66 -38.14
C THR C 117 17.86 15.10 -37.66
N VAL C 118 18.60 15.92 -38.40
CA VAL C 118 18.71 17.32 -38.05
C VAL C 118 17.37 18.00 -38.25
N GLY C 119 16.93 18.76 -37.25
CA GLY C 119 15.63 19.38 -37.29
C GLY C 119 14.58 18.58 -36.55
N LYS C 120 14.90 17.36 -36.11
CA LYS C 120 13.93 16.48 -35.47
C LYS C 120 13.61 16.97 -34.06
N ARG C 121 12.32 16.96 -33.71
CA ARG C 121 11.82 17.38 -32.42
C ARG C 121 11.25 16.17 -31.66
N THR C 122 11.60 16.05 -30.38
CA THR C 122 11.06 15.05 -29.46
C THR C 122 10.38 15.76 -28.29
N ARG C 123 9.18 15.31 -27.93
CA ARG C 123 8.50 15.90 -26.77
C ARG C 123 9.25 15.57 -25.48
N CYS C 124 9.17 16.50 -24.51
CA CYS C 124 9.82 16.26 -23.23
C CYS C 124 9.04 16.86 -22.08
N LEU C 125 9.30 16.30 -20.91
CA LEU C 125 8.79 16.79 -19.66
C LEU C 125 9.99 17.07 -18.78
N VAL C 126 9.96 18.21 -18.10
CA VAL C 126 11.03 18.59 -17.17
C VAL C 126 10.41 18.80 -15.79
N ARG C 127 11.05 18.22 -14.76
CA ARG C 127 10.72 18.53 -13.38
C ARG C 127 11.94 19.18 -12.75
N PHE C 128 11.76 20.39 -12.24
CA PHE C 128 12.73 21.12 -11.44
C PHE C 128 12.43 20.87 -9.95
N SER C 129 13.48 20.90 -9.14
CA SER C 129 13.27 20.66 -7.71
C SER C 129 14.44 21.14 -6.85
N THR C 130 14.17 21.29 -5.54
CA THR C 130 15.23 21.32 -4.55
C THR C 130 15.54 19.88 -4.10
N VAL C 131 16.41 19.69 -3.14
CA VAL C 131 16.89 18.37 -2.75
C VAL C 131 16.40 17.99 -1.36
N GLY C 132 16.77 18.79 -0.35
CA GLY C 132 16.54 18.40 1.05
C GLY C 132 15.16 18.76 1.57
N GLY C 133 14.55 19.83 1.05
CA GLY C 133 13.35 20.31 1.66
C GLY C 133 12.17 19.38 1.41
N GLU C 134 11.25 19.36 2.36
CA GLU C 134 10.07 18.56 2.18
C GLU C 134 9.08 19.29 1.25
N LYS C 135 7.99 18.64 0.95
CA LYS C 135 6.89 19.29 0.25
C LYS C 135 6.46 20.53 1.03
N GLY C 136 6.32 21.64 0.37
CA GLY C 136 5.93 22.84 1.08
C GLY C 136 7.05 23.71 1.61
N SER C 137 8.30 23.26 1.57
CA SER C 137 9.42 24.10 1.93
C SER C 137 9.63 25.17 0.85
N ALA C 138 10.60 26.05 1.05
CA ALA C 138 10.70 27.23 0.21
C ALA C 138 11.46 26.93 -1.08
N ASP C 139 10.97 27.50 -2.17
CA ASP C 139 11.64 27.39 -3.47
C ASP C 139 13.06 27.93 -3.41
N THR C 140 13.30 28.96 -2.58
CA THR C 140 14.58 29.67 -2.64
C THR C 140 15.60 29.18 -1.61
N ALA C 141 15.37 28.01 -1.03
CA ALA C 141 16.38 27.42 -0.17
C ALA C 141 17.70 27.23 -0.88
N ARG C 142 18.80 27.22 -0.11
CA ARG C 142 20.11 26.87 -0.63
C ARG C 142 20.16 25.36 -0.80
N ASP C 143 20.50 24.93 -1.98
CA ASP C 143 20.43 23.52 -2.31
C ASP C 143 20.95 23.42 -3.72
N PRO C 144 21.43 22.26 -4.14
CA PRO C 144 21.41 21.95 -5.58
C PRO C 144 19.97 21.99 -6.08
N ARG C 145 19.82 22.16 -7.38
CA ARG C 145 18.50 22.00 -7.98
C ARG C 145 18.50 20.76 -8.86
N GLY C 146 17.45 19.95 -8.76
CA GLY C 146 17.20 18.95 -9.79
C GLY C 146 16.67 19.57 -11.07
N PHE C 147 17.01 18.98 -12.17
CA PHE C 147 16.67 19.40 -13.51
C PHE C 147 16.54 18.09 -14.30
N ALA C 148 15.47 17.34 -14.02
CA ALA C 148 15.26 16.05 -14.69
C ALA C 148 14.39 16.19 -15.92
N ILE C 149 14.81 15.49 -16.98
CA ILE C 149 14.18 15.56 -18.29
C ILE C 149 13.80 14.17 -18.78
N LYS C 150 12.53 14.01 -19.14
CA LYS C 150 11.98 12.82 -19.78
C LYS C 150 11.74 13.09 -21.27
N PHE C 151 12.31 12.26 -22.13
CA PHE C 151 12.09 12.33 -23.57
C PHE C 151 11.20 11.18 -24.03
N TYR C 152 10.13 11.51 -24.80
CA TYR C 152 9.19 10.52 -25.33
C TYR C 152 9.60 10.16 -26.76
N SER C 153 10.50 9.17 -26.90
CA SER C 153 11.06 8.85 -28.22
C SER C 153 10.37 7.63 -28.80
N GLU C 154 10.64 7.37 -30.08
CA GLU C 154 10.07 6.23 -30.77
C GLU C 154 10.69 4.92 -30.35
N GLU C 155 11.83 4.99 -29.65
CA GLU C 155 12.53 3.84 -29.10
C GLU C 155 12.36 3.74 -27.59
N GLY C 156 11.41 4.46 -27.02
CA GLY C 156 11.17 4.43 -25.60
C GLY C 156 11.39 5.78 -24.93
N ASN C 157 10.99 5.83 -23.66
CA ASN C 157 11.23 7.00 -22.83
C ASN C 157 12.61 6.93 -22.22
N VAL C 158 13.45 7.93 -22.51
CA VAL C 158 14.76 8.02 -21.90
C VAL C 158 14.71 9.24 -20.98
N ASP C 159 15.18 9.06 -19.74
CA ASP C 159 15.22 10.13 -18.76
C ASP C 159 16.68 10.56 -18.56
N TRP C 160 16.93 11.86 -18.54
CA TRP C 160 18.24 12.44 -18.19
C TRP C 160 18.01 13.06 -16.81
N VAL C 161 18.41 12.34 -15.77
CA VAL C 161 18.03 12.71 -14.40
C VAL C 161 19.22 13.46 -13.84
N ASN C 162 19.16 14.78 -13.97
CA ASN C 162 20.29 15.67 -13.79
C ASN C 162 20.05 16.66 -12.67
N ASN C 163 21.15 17.19 -12.14
CA ASN C 163 21.12 18.36 -11.27
C ASN C 163 21.67 19.58 -12.01
N ASN C 164 21.66 20.73 -11.32
CA ASN C 164 22.14 21.97 -11.90
C ASN C 164 23.60 22.19 -11.64
N THR C 165 24.32 21.14 -11.28
CA THR C 165 25.76 21.12 -11.10
C THR C 165 26.37 19.91 -11.78
N PRO C 166 27.60 20.04 -12.26
CA PRO C 166 28.27 18.93 -12.92
C PRO C 166 28.90 17.94 -11.96
N VAL C 167 28.80 18.12 -10.65
CA VAL C 167 29.40 17.24 -9.69
C VAL C 167 28.38 16.95 -8.57
N PHE C 168 28.84 16.23 -7.57
CA PHE C 168 27.98 15.88 -6.43
C PHE C 168 28.88 15.59 -5.25
N PHE C 169 28.24 15.35 -4.09
CA PHE C 169 28.92 15.25 -2.80
C PHE C 169 29.62 13.94 -2.54
N ILE C 170 29.22 12.84 -3.20
CA ILE C 170 29.73 11.53 -2.87
C ILE C 170 30.15 10.84 -4.14
N ARG C 171 31.05 9.87 -3.99
CA ARG C 171 31.37 8.90 -5.03
C ARG C 171 31.26 7.46 -4.55
N ASP C 172 30.78 7.23 -3.32
CA ASP C 172 30.40 5.89 -2.83
C ASP C 172 28.87 5.84 -2.70
N PRO C 173 28.17 4.96 -3.42
CA PRO C 173 26.70 5.01 -3.34
C PRO C 173 26.14 4.70 -1.97
N SER C 174 26.89 3.93 -1.18
CA SER C 174 26.49 3.55 0.17
C SER C 174 26.38 4.72 1.12
N LYS C 175 27.08 5.81 0.84
CA LYS C 175 26.99 7.01 1.67
C LYS C 175 25.76 7.85 1.38
N PHE C 176 24.96 7.55 0.34
CA PHE C 176 23.85 8.43 0.01
C PHE C 176 22.82 8.53 1.13
N PRO C 177 22.34 7.43 1.71
CA PRO C 177 21.35 7.58 2.79
C PRO C 177 21.91 8.38 3.95
N HIS C 178 23.18 8.18 4.28
CA HIS C 178 23.81 8.92 5.36
C HIS C 178 23.87 10.41 5.05
N PHE C 179 24.35 10.72 3.86
CA PHE C 179 24.46 12.10 3.46
C PHE C 179 23.09 12.81 3.48
N ILE C 180 22.09 12.23 2.83
CA ILE C 180 20.78 12.85 2.77
C ILE C 180 20.22 13.05 4.15
N HIS C 181 20.43 12.09 5.05
CA HIS C 181 19.93 12.27 6.40
C HIS C 181 20.53 13.53 7.05
N THR C 182 21.84 13.77 6.87
CA THR C 182 22.51 14.89 7.55
C THR C 182 22.15 16.24 6.95
N GLN C 183 21.58 16.23 5.73
CA GLN C 183 21.02 17.36 5.05
C GLN C 183 19.60 17.65 5.46
N LYS C 184 18.97 16.74 6.16
CA LYS C 184 17.57 16.94 6.55
C LYS C 184 17.46 17.12 8.05
N ARG C 185 16.38 16.61 8.65
CA ARG C 185 16.09 16.94 10.03
C ARG C 185 16.69 15.95 11.01
N ASN C 186 17.12 16.47 12.16
CA ASN C 186 17.60 15.66 13.26
C ASN C 186 16.51 14.70 13.72
N PRO C 187 16.85 13.42 13.96
CA PRO C 187 15.79 12.43 14.25
C PRO C 187 15.09 12.59 15.60
N GLU C 188 15.70 13.29 16.56
CA GLU C 188 15.10 13.61 17.86
C GLU C 188 14.35 14.94 17.81
N THR C 189 14.99 16.01 17.31
CA THR C 189 14.46 17.37 17.39
C THR C 189 13.66 17.79 16.17
N ASN C 190 13.79 17.08 15.06
CA ASN C 190 13.08 17.39 13.83
C ASN C 190 13.45 18.77 13.28
N MET C 191 14.69 19.20 13.49
CA MET C 191 15.15 20.47 12.95
C MET C 191 16.38 20.21 12.08
N LYS C 192 16.56 21.06 11.05
CA LYS C 192 17.86 21.07 10.38
C LYS C 192 18.95 21.27 11.42
N ASP C 193 20.15 20.75 11.15
CA ASP C 193 21.18 20.66 12.17
C ASP C 193 22.55 20.88 11.56
N ALA C 194 23.15 22.04 11.83
CA ALA C 194 24.47 22.35 11.28
C ALA C 194 25.53 21.37 11.79
N ASP C 195 25.39 20.86 13.00
CA ASP C 195 26.40 19.93 13.49
C ASP C 195 26.46 18.64 12.65
N MET C 196 25.33 17.99 12.39
CA MET C 196 25.41 16.75 11.58
C MET C 196 25.72 17.07 10.12
N PHE C 197 25.15 18.13 9.59
CA PHE C 197 25.53 18.60 8.27
C PHE C 197 27.05 18.62 8.10
N TRP C 198 27.76 19.33 8.99
CA TRP C 198 29.19 19.53 8.78
C TRP C 198 30.00 18.38 9.36
N ASP C 199 29.49 17.71 10.40
CA ASP C 199 30.16 16.52 10.91
C ASP C 199 30.42 15.54 9.78
N PHE C 200 29.38 15.26 8.98
CA PHE C 200 29.51 14.28 7.91
C PHE C 200 30.48 14.76 6.83
N LEU C 201 30.34 16.04 6.43
CA LEU C 201 31.14 16.52 5.29
C LEU C 201 32.61 16.71 5.64
N THR C 202 32.93 16.93 6.94
CA THR C 202 34.33 17.09 7.33
C THR C 202 34.98 15.78 7.78
N THR C 203 34.24 14.70 7.93
CA THR C 203 34.83 13.39 8.16
C THR C 203 35.83 13.10 7.06
N GLU C 204 37.06 12.77 7.43
CA GLU C 204 38.14 12.72 6.45
C GLU C 204 37.74 11.92 5.21
N GLU C 205 37.21 10.71 5.40
CA GLU C 205 36.87 9.84 4.29
C GLU C 205 35.83 10.43 3.35
N ASN C 206 35.12 11.47 3.78
CA ASN C 206 34.02 12.05 3.02
C ASN C 206 34.38 13.40 2.36
N GLN C 207 35.58 13.93 2.59
CA GLN C 207 35.89 15.29 2.16
C GLN C 207 36.02 15.43 0.66
N VAL C 208 35.97 14.35 -0.10
N VAL C 208 35.94 14.32 -0.09
CA VAL C 208 35.82 14.44 -1.54
CA VAL C 208 35.79 14.41 -1.54
C VAL C 208 34.57 15.23 -1.93
C VAL C 208 34.64 15.29 -1.90
N ALA C 209 33.69 15.46 -0.99
CA ALA C 209 32.53 16.30 -1.24
C ALA C 209 32.92 17.77 -1.40
N ILE C 210 34.19 18.12 -1.26
CA ILE C 210 34.51 19.56 -1.16
C ILE C 210 34.16 20.33 -2.41
N HIS C 211 34.28 19.73 -3.59
CA HIS C 211 33.96 20.44 -4.83
C HIS C 211 32.50 20.88 -4.85
N GLN C 212 31.57 19.99 -4.51
CA GLN C 212 30.17 20.36 -4.59
C GLN C 212 29.82 21.33 -3.49
N VAL C 213 30.47 21.20 -2.34
CA VAL C 213 30.26 22.11 -1.22
C VAL C 213 30.63 23.55 -1.63
N MET C 214 31.75 23.72 -2.33
CA MET C 214 32.08 25.04 -2.85
C MET C 214 30.95 25.56 -3.73
N ILE C 215 30.46 24.68 -4.63
CA ILE C 215 29.43 25.10 -5.57
C ILE C 215 28.16 25.43 -4.84
N LEU C 216 27.79 24.62 -3.87
CA LEU C 216 26.56 24.81 -3.11
C LEU C 216 26.56 26.14 -2.37
N PHE C 217 27.71 26.55 -1.82
CA PHE C 217 27.79 27.76 -1.02
C PHE C 217 28.24 28.99 -1.81
N SER C 218 28.44 28.86 -3.11
CA SER C 218 28.43 29.99 -4.01
C SER C 218 26.98 30.46 -4.23
N ASP C 219 26.85 31.60 -4.88
CA ASP C 219 25.50 32.15 -5.08
C ASP C 219 24.71 31.28 -6.06
N ARG C 220 25.37 30.37 -6.78
CA ARG C 220 24.60 29.43 -7.60
C ARG C 220 23.86 28.39 -6.77
N GLY C 221 24.10 28.33 -5.47
CA GLY C 221 23.26 27.55 -4.58
C GLY C 221 21.88 28.13 -4.35
N THR C 222 21.64 29.36 -4.83
CA THR C 222 20.34 30.00 -4.76
C THR C 222 20.06 30.68 -6.09
N PRO C 223 19.69 29.90 -7.11
CA PRO C 223 19.35 30.51 -8.42
C PRO C 223 18.19 31.49 -8.35
N ALA C 224 18.21 32.45 -9.26
CA ALA C 224 17.14 33.44 -9.27
C ALA C 224 15.84 32.86 -9.82
N SER C 225 15.92 31.83 -10.68
CA SER C 225 14.75 31.11 -11.15
C SER C 225 15.25 29.87 -11.87
N TYR C 226 14.32 28.90 -12.09
CA TYR C 226 14.68 27.69 -12.82
C TYR C 226 15.08 27.99 -14.25
N ARG C 227 14.61 29.11 -14.81
CA ARG C 227 15.04 29.54 -16.14
C ARG C 227 16.49 30.04 -16.21
N ASN C 228 17.11 30.30 -15.07
CA ASN C 228 18.42 30.92 -15.06
C ASN C 228 19.47 29.99 -14.47
N MET C 229 19.38 28.69 -14.79
CA MET C 229 20.37 27.72 -14.35
C MET C 229 20.60 26.64 -15.41
N ASN C 230 21.70 25.93 -15.25
CA ASN C 230 22.09 24.89 -16.20
C ASN C 230 21.68 23.51 -15.68
N SER C 231 21.89 22.52 -16.53
CA SER C 231 21.64 21.10 -16.28
C SER C 231 22.87 20.35 -16.73
N TYR C 232 23.30 19.38 -15.92
CA TYR C 232 24.51 18.62 -16.23
C TYR C 232 24.26 17.15 -15.98
N SER C 233 24.77 16.30 -16.86
CA SER C 233 24.66 14.86 -16.62
C SER C 233 25.33 14.48 -15.32
N GLY C 234 26.40 15.17 -14.96
CA GLY C 234 27.13 14.88 -13.73
C GLY C 234 27.98 13.64 -13.93
N HIS C 235 27.34 12.49 -14.13
CA HIS C 235 28.07 11.30 -14.45
C HIS C 235 28.56 11.31 -15.91
N THR C 236 29.57 10.51 -16.17
CA THR C 236 29.87 10.06 -17.53
C THR C 236 28.90 8.98 -17.98
N TYR C 237 28.41 9.10 -19.21
CA TYR C 237 27.63 8.05 -19.83
C TYR C 237 28.41 7.51 -21.03
N LYS C 238 27.89 6.42 -21.62
CA LYS C 238 28.46 5.79 -22.82
C LYS C 238 27.43 5.83 -23.96
N TRP C 239 27.81 6.45 -25.06
CA TRP C 239 26.98 6.59 -26.25
C TRP C 239 27.68 5.88 -27.38
N SER C 240 26.93 5.15 -28.19
CA SER C 240 27.49 4.37 -29.29
C SER C 240 26.81 4.76 -30.59
N ASN C 241 27.52 4.59 -31.70
CA ASN C 241 26.89 4.83 -32.98
C ASN C 241 26.51 3.51 -33.63
N LYS C 242 25.86 3.61 -34.80
CA LYS C 242 25.37 2.45 -35.52
C LYS C 242 26.48 1.64 -36.13
N GLN C 243 27.71 2.15 -36.12
CA GLN C 243 28.88 1.40 -36.56
C GLN C 243 29.57 0.67 -35.41
N GLY C 244 29.09 0.85 -34.18
CA GLY C 244 29.59 0.12 -33.05
C GLY C 244 30.73 0.76 -32.29
N GLU C 245 31.16 1.95 -32.66
CA GLU C 245 32.14 2.65 -31.85
C GLU C 245 31.40 3.45 -30.78
N TRP C 246 32.08 3.73 -29.67
CA TRP C 246 31.48 4.39 -28.53
C TRP C 246 32.43 5.41 -27.93
N ARG C 247 31.89 6.27 -27.07
CA ARG C 247 32.65 7.34 -26.44
C ARG C 247 32.07 7.57 -25.05
N TYR C 248 32.92 7.98 -24.11
CA TYR C 248 32.44 8.56 -22.85
C TYR C 248 31.88 9.95 -23.12
N VAL C 249 30.76 10.28 -22.48
CA VAL C 249 30.00 11.49 -22.79
C VAL C 249 29.59 12.21 -21.52
N GLN C 250 29.65 13.53 -21.57
CA GLN C 250 29.09 14.39 -20.55
C GLN C 250 28.13 15.32 -21.25
N VAL C 251 26.96 15.51 -20.68
CA VAL C 251 25.90 16.34 -21.28
C VAL C 251 25.82 17.66 -20.52
N HIS C 252 25.69 18.76 -21.28
CA HIS C 252 25.64 20.12 -20.74
C HIS C 252 24.45 20.85 -21.37
N LEU C 253 23.53 21.33 -20.55
CA LEU C 253 22.42 22.17 -21.01
C LEU C 253 22.60 23.59 -20.46
N LYS C 254 22.98 24.53 -21.30
CA LYS C 254 23.30 25.88 -20.82
C LYS C 254 22.11 26.81 -21.08
N THR C 255 21.73 27.59 -20.05
CA THR C 255 20.54 28.41 -20.17
C THR C 255 20.71 29.56 -21.16
N ASP C 256 19.74 29.72 -22.07
CA ASP C 256 19.74 30.88 -22.97
C ASP C 256 19.20 32.16 -22.33
N GLN C 257 18.70 32.08 -21.10
CA GLN C 257 18.29 33.26 -20.38
C GLN C 257 19.43 33.87 -19.58
N GLY C 258 20.56 33.18 -19.46
CA GLY C 258 21.69 33.58 -18.66
C GLY C 258 21.57 33.12 -17.22
N ILE C 259 22.72 32.91 -16.59
CA ILE C 259 22.78 32.65 -15.17
C ILE C 259 22.38 33.92 -14.43
N LYS C 260 21.47 33.76 -13.45
CA LYS C 260 21.11 34.83 -12.51
C LYS C 260 20.92 34.15 -11.16
N ASN C 261 21.49 34.73 -10.11
CA ASN C 261 21.50 34.12 -8.78
C ASN C 261 20.94 35.09 -7.77
N LEU C 262 20.38 34.57 -6.68
CA LEU C 262 20.06 35.33 -5.49
C LEU C 262 21.23 35.30 -4.54
N ASN C 263 21.28 36.28 -3.66
CA ASN C 263 22.21 36.16 -2.54
C ASN C 263 21.45 35.64 -1.31
N ASN C 264 22.23 35.32 -0.25
CA ASN C 264 21.68 34.60 0.88
C ASN C 264 20.53 35.36 1.52
N GLU C 265 20.64 36.68 1.55
CA GLU C 265 19.64 37.50 2.21
C GLU C 265 18.40 37.62 1.35
N GLU C 266 18.56 37.72 0.03
CA GLU C 266 17.42 37.76 -0.87
C GLU C 266 16.64 36.47 -0.79
N ALA C 267 17.36 35.33 -0.78
CA ALA C 267 16.71 34.02 -0.76
C ALA C 267 15.93 33.81 0.53
N THR C 268 16.47 34.30 1.65
CA THR C 268 15.82 34.15 2.94
C THR C 268 14.53 34.95 2.99
N LYS C 269 14.58 36.19 2.50
CA LYS C 269 13.41 37.06 2.52
C LYS C 269 12.30 36.51 1.65
N LEU C 270 12.67 35.97 0.47
CA LEU C 270 11.69 35.34 -0.40
C LEU C 270 11.12 34.07 0.20
N ALA C 271 11.94 33.32 0.94
CA ALA C 271 11.41 32.13 1.60
C ALA C 271 10.22 32.49 2.48
N GLY C 272 10.28 33.65 3.16
CA GLY C 272 9.19 34.02 4.03
C GLY C 272 8.05 34.66 3.27
N GLU C 273 8.37 35.51 2.28
CA GLU C 273 7.36 36.30 1.60
C GLU C 273 6.72 35.58 0.42
N ASN C 274 7.42 34.67 -0.26
CA ASN C 274 6.85 33.90 -1.36
C ASN C 274 7.58 32.56 -1.48
N PRO C 275 7.20 31.59 -0.68
CA PRO C 275 7.86 30.27 -0.76
C PRO C 275 7.69 29.58 -2.13
N ASP C 276 6.84 30.10 -3.02
CA ASP C 276 6.60 29.51 -4.33
C ASP C 276 7.16 30.40 -5.42
N TYR C 277 8.21 31.16 -5.08
CA TYR C 277 8.74 32.18 -5.97
C TYR C 277 9.12 31.59 -7.32
N CYS C 278 9.80 30.46 -7.32
CA CYS C 278 10.27 29.90 -8.58
C CYS C 278 9.15 29.22 -9.37
N GLN C 279 8.22 28.55 -8.69
CA GLN C 279 7.06 28.00 -9.39
C GLN C 279 6.25 29.11 -10.04
N LYS C 280 6.06 30.22 -9.36
CA LYS C 280 5.34 31.35 -9.96
C LYS C 280 6.03 31.86 -11.22
N ASP C 281 7.34 31.98 -11.17
CA ASP C 281 8.09 32.50 -12.29
C ASP C 281 7.99 31.60 -13.51
N LEU C 282 8.18 30.30 -13.32
CA LEU C 282 8.12 29.39 -14.45
C LEU C 282 6.74 29.43 -15.06
N PHE C 283 5.70 29.28 -14.25
CA PHE C 283 4.35 29.19 -14.80
C PHE C 283 3.98 30.47 -15.56
N GLU C 284 4.24 31.62 -14.97
CA GLU C 284 3.80 32.87 -15.61
C GLU C 284 4.56 33.15 -16.90
N ASN C 285 5.84 32.85 -16.94
CA ASN C 285 6.60 33.14 -18.16
C ASN C 285 6.16 32.24 -19.31
N ILE C 286 5.86 30.95 -19.01
CA ILE C 286 5.34 30.10 -20.06
C ILE C 286 3.96 30.58 -20.49
N ALA C 287 3.10 30.92 -19.53
CA ALA C 287 1.75 31.35 -19.86
C ALA C 287 1.74 32.61 -20.72
N LYS C 288 2.72 33.48 -20.57
CA LYS C 288 2.71 34.71 -21.34
C LYS C 288 3.54 34.60 -22.61
N GLY C 289 4.12 33.44 -22.88
CA GLY C 289 4.80 33.20 -24.13
C GLY C 289 6.29 33.40 -24.10
N ASN C 290 6.84 33.79 -22.96
CA ASN C 290 8.27 33.97 -22.83
C ASN C 290 8.89 32.60 -22.50
N TYR C 291 8.86 31.73 -23.52
CA TYR C 291 9.25 30.35 -23.36
C TYR C 291 10.75 30.28 -23.12
N PRO C 292 11.21 29.68 -22.01
CA PRO C 292 12.65 29.51 -21.80
C PRO C 292 13.23 28.37 -22.61
N SER C 293 14.51 28.55 -22.98
CA SER C 293 15.24 27.56 -23.76
C SER C 293 16.66 27.37 -23.23
N TRP C 294 17.24 26.26 -23.65
CA TRP C 294 18.59 25.87 -23.27
C TRP C 294 19.28 25.31 -24.50
N THR C 295 20.60 25.47 -24.58
CA THR C 295 21.37 24.92 -25.69
C THR C 295 22.07 23.68 -25.21
N LEU C 296 21.91 22.57 -25.93
CA LEU C 296 22.45 21.28 -25.55
C LEU C 296 23.85 21.06 -26.14
N TYR C 297 24.81 20.74 -25.28
CA TYR C 297 26.14 20.40 -25.71
C TYR C 297 26.54 19.06 -25.14
N ILE C 298 27.61 18.49 -25.66
CA ILE C 298 28.25 17.33 -25.04
C ILE C 298 29.75 17.53 -25.03
N GLN C 299 30.41 16.85 -24.10
CA GLN C 299 31.83 16.56 -24.18
C GLN C 299 31.99 15.07 -24.49
N THR C 300 32.99 14.72 -25.28
CA THR C 300 33.27 13.32 -25.58
C THR C 300 34.77 13.02 -25.35
N MET C 301 35.02 11.73 -25.09
CA MET C 301 36.35 11.23 -24.77
C MET C 301 36.39 9.74 -25.09
N THR C 302 37.49 9.28 -25.63
CA THR C 302 37.70 7.86 -25.89
C THR C 302 38.31 7.16 -24.67
N GLU C 303 38.23 5.83 -24.69
CA GLU C 303 38.81 5.03 -23.61
C GLU C 303 40.30 5.30 -23.44
N GLU C 304 41.02 5.55 -24.55
CA GLU C 304 42.44 5.85 -24.45
C GLU C 304 42.68 7.17 -23.73
N GLU C 305 41.97 8.23 -24.14
CA GLU C 305 42.16 9.53 -23.50
C GLU C 305 41.87 9.43 -22.01
N ALA C 306 40.87 8.62 -21.66
CA ALA C 306 40.45 8.51 -20.27
C ALA C 306 41.47 7.79 -19.42
N GLU C 307 42.22 6.83 -20.00
CA GLU C 307 43.24 6.15 -19.25
C GLU C 307 44.44 7.02 -18.94
N LYS C 308 44.60 8.15 -19.61
CA LYS C 308 45.73 9.03 -19.37
C LYS C 308 45.42 10.13 -18.38
N LEU C 309 44.16 10.26 -17.96
CA LEU C 309 43.79 11.34 -17.08
C LEU C 309 44.35 11.12 -15.68
N PRO C 310 44.68 12.21 -14.97
CA PRO C 310 45.08 12.06 -13.57
C PRO C 310 43.94 11.78 -12.61
N PHE C 311 42.70 11.74 -13.08
CA PHE C 311 41.54 11.34 -12.28
C PHE C 311 40.68 10.34 -13.08
N SER C 312 39.58 9.86 -12.48
CA SER C 312 38.74 8.84 -13.12
C SER C 312 37.49 9.45 -13.74
N VAL C 313 37.17 8.99 -14.95
CA VAL C 313 35.91 9.35 -15.58
C VAL C 313 34.70 8.76 -14.83
N PHE C 314 34.97 7.85 -13.91
CA PHE C 314 33.94 7.21 -13.07
C PHE C 314 33.75 7.98 -11.76
N ASP C 315 34.46 9.10 -11.61
CA ASP C 315 34.38 9.92 -10.38
C ASP C 315 33.42 11.08 -10.59
N LEU C 316 32.30 11.04 -9.90
CA LEU C 316 31.24 12.06 -9.95
C LEU C 316 31.74 13.39 -9.41
N THR C 317 32.77 13.39 -8.57
CA THR C 317 33.19 14.64 -7.95
C THR C 317 34.16 15.45 -8.83
N LYS C 318 34.42 14.99 -10.04
CA LYS C 318 35.37 15.62 -10.96
C LYS C 318 34.65 16.12 -12.22
N VAL C 319 35.18 17.16 -12.84
CA VAL C 319 34.69 17.65 -14.14
C VAL C 319 35.79 17.45 -15.18
N TRP C 320 35.40 17.55 -16.47
CA TRP C 320 36.37 17.50 -17.55
C TRP C 320 36.70 18.93 -17.97
N PRO C 321 37.93 19.42 -17.79
CA PRO C 321 38.22 20.81 -18.16
C PRO C 321 37.91 21.10 -19.63
N HIS C 322 37.32 22.27 -19.86
CA HIS C 322 36.77 22.59 -21.19
C HIS C 322 37.88 22.67 -22.27
N LYS C 323 39.08 23.15 -21.95
CA LYS C 323 40.10 23.27 -22.98
C LYS C 323 40.55 21.93 -23.53
N GLN C 324 40.73 20.93 -22.63
CA GLN C 324 41.07 19.60 -23.16
C GLN C 324 39.86 18.86 -23.72
N PHE C 325 38.65 19.16 -23.25
CA PHE C 325 37.43 18.52 -23.74
C PHE C 325 36.41 19.58 -24.08
N PRO C 326 36.51 20.16 -25.27
CA PRO C 326 35.60 21.25 -25.63
C PRO C 326 34.20 20.74 -25.84
N LEU C 327 33.24 21.64 -25.66
CA LEU C 327 31.84 21.37 -25.91
C LEU C 327 31.54 21.36 -27.41
N ARG C 328 30.58 20.52 -27.78
CA ARG C 328 30.07 20.33 -29.12
C ARG C 328 28.58 20.52 -29.07
N ARG C 329 28.04 21.38 -29.95
CA ARG C 329 26.61 21.67 -29.94
C ARG C 329 25.81 20.53 -30.57
N VAL C 330 24.59 20.33 -30.06
CA VAL C 330 23.71 19.27 -30.51
C VAL C 330 22.35 19.81 -30.92
N GLY C 331 21.77 20.64 -30.07
CA GLY C 331 20.42 21.10 -30.34
C GLY C 331 19.93 22.10 -29.31
N LYS C 332 18.63 22.28 -29.28
CA LYS C 332 17.96 23.26 -28.43
C LYS C 332 16.76 22.63 -27.75
N MET C 333 16.59 22.91 -26.46
CA MET C 333 15.41 22.49 -25.72
C MET C 333 14.58 23.71 -25.34
N VAL C 334 13.27 23.62 -25.56
CA VAL C 334 12.34 24.69 -25.25
C VAL C 334 11.22 24.18 -24.39
N LEU C 335 10.83 24.95 -23.37
CA LEU C 335 9.64 24.61 -22.58
C LEU C 335 8.51 25.59 -22.89
N ASN C 336 7.37 25.05 -23.37
CA ASN C 336 6.31 25.94 -23.85
C ASN C 336 4.90 25.52 -23.45
N GLU C 337 4.77 24.64 -22.47
CA GLU C 337 3.47 24.13 -22.08
C GLU C 337 3.49 23.85 -20.58
N ASN C 338 2.60 24.52 -19.86
CA ASN C 338 2.45 24.23 -18.45
C ASN C 338 1.56 23.00 -18.32
N PRO C 339 1.72 22.24 -17.24
CA PRO C 339 0.79 21.13 -16.97
C PRO C 339 -0.61 21.63 -16.71
N GLU C 340 -1.60 20.80 -17.09
CA GLU C 340 -2.99 21.11 -16.78
C GLU C 340 -3.25 20.83 -15.32
N ASN C 341 -2.63 19.80 -14.77
CA ASN C 341 -2.92 19.37 -13.40
C ASN C 341 -1.61 18.97 -12.76
N TYR C 342 -1.19 19.74 -11.76
CA TYR C 342 0.10 19.52 -11.09
C TYR C 342 0.24 18.08 -10.55
N PHE C 343 -0.74 17.62 -9.79
CA PHE C 343 -0.61 16.31 -9.19
C PHE C 343 -0.43 15.25 -10.26
N ALA C 344 -1.30 15.29 -11.28
CA ALA C 344 -1.38 14.21 -12.26
C ALA C 344 -0.15 14.13 -13.14
N GLN C 345 0.44 15.29 -13.46
CA GLN C 345 1.59 15.29 -14.37
C GLN C 345 2.93 15.55 -13.71
N VAL C 346 2.97 16.27 -12.58
CA VAL C 346 4.26 16.60 -11.99
C VAL C 346 4.49 15.69 -10.80
N GLU C 347 3.57 15.68 -9.86
CA GLU C 347 3.76 14.87 -8.66
C GLU C 347 3.89 13.40 -9.02
N GLN C 348 3.12 12.94 -9.99
CA GLN C 348 3.14 11.53 -10.36
C GLN C 348 4.21 11.16 -11.38
N ALA C 349 4.98 12.12 -11.90
CA ALA C 349 6.04 11.79 -12.85
C ALA C 349 7.13 10.92 -12.22
N ALA C 350 7.62 9.94 -13.00
CA ALA C 350 8.66 9.01 -12.57
C ALA C 350 9.86 9.11 -13.49
N PHE C 351 11.00 9.52 -12.95
CA PHE C 351 12.25 9.60 -13.72
C PHE C 351 13.23 8.56 -13.20
N SER C 352 14.03 7.98 -14.11
CA SER C 352 15.07 7.08 -13.67
C SER C 352 16.23 7.10 -14.64
N PRO C 353 17.47 7.11 -14.17
CA PRO C 353 18.59 6.99 -15.11
C PRO C 353 18.58 5.66 -15.85
N SER C 354 17.86 4.65 -15.32
CA SER C 354 17.80 3.38 -16.01
C SER C 354 16.75 3.33 -17.12
N HIS C 355 15.91 4.37 -17.25
CA HIS C 355 15.03 4.53 -18.40
C HIS C 355 15.89 5.14 -19.51
N THR C 356 16.40 4.32 -20.41
CA THR C 356 17.31 4.76 -21.46
C THR C 356 16.87 4.13 -22.77
N VAL C 357 17.53 4.50 -23.87
CA VAL C 357 17.15 4.04 -25.19
C VAL C 357 18.35 3.35 -25.84
N PRO C 358 18.17 2.62 -26.95
CA PRO C 358 19.34 2.08 -27.66
C PRO C 358 20.37 3.17 -27.93
N TYR C 359 21.64 2.81 -27.75
CA TYR C 359 22.86 3.56 -28.04
C TYR C 359 23.23 4.53 -26.93
N GLN C 360 22.48 4.58 -25.84
CA GLN C 360 22.82 5.31 -24.62
C GLN C 360 22.85 4.31 -23.47
N GLU C 361 23.99 4.21 -22.80
CA GLU C 361 24.20 3.31 -21.69
C GLU C 361 24.87 4.07 -20.55
N ALA C 362 24.72 3.55 -19.34
CA ALA C 362 25.40 4.10 -18.18
C ALA C 362 26.86 3.65 -18.12
N SER C 363 27.69 4.47 -17.51
CA SER C 363 29.08 4.12 -17.26
C SER C 363 29.17 3.38 -15.91
N ALA C 364 30.39 2.92 -15.59
CA ALA C 364 30.69 2.22 -14.34
C ALA C 364 30.92 3.16 -13.16
N ASP C 365 30.59 4.45 -13.29
CA ASP C 365 30.49 5.34 -12.14
C ASP C 365 29.64 4.66 -11.06
N PRO C 366 30.22 4.38 -9.89
CA PRO C 366 29.48 3.56 -8.91
C PRO C 366 28.24 4.25 -8.37
N VAL C 367 28.21 5.59 -8.30
CA VAL C 367 26.96 6.25 -7.89
C VAL C 367 25.86 6.02 -8.93
N LEU C 368 26.18 6.21 -10.19
CA LEU C 368 25.23 6.03 -11.25
C LEU C 368 24.72 4.58 -11.27
N GLN C 369 25.63 3.62 -11.13
CA GLN C 369 25.22 2.22 -11.10
C GLN C 369 24.14 1.98 -10.05
N ALA C 370 24.31 2.53 -8.85
CA ALA C 370 23.33 2.32 -7.80
C ALA C 370 22.01 3.02 -8.11
N ARG C 371 22.07 4.17 -8.78
CA ARG C 371 20.84 4.88 -9.14
C ARG C 371 19.98 4.06 -10.10
N LEU C 372 20.62 3.25 -10.97
CA LEU C 372 19.86 2.38 -11.85
C LEU C 372 18.91 1.48 -11.09
N PHE C 373 19.25 1.10 -9.87
CA PHE C 373 18.39 0.27 -9.04
C PHE C 373 17.39 1.11 -8.25
N SER C 374 17.89 2.20 -7.64
CA SER C 374 17.12 2.89 -6.63
C SER C 374 15.86 3.48 -7.19
N TYR C 375 15.91 4.10 -8.40
CA TYR C 375 14.76 4.90 -8.83
C TYR C 375 13.58 4.01 -9.20
N PRO C 376 13.72 2.97 -10.02
CA PRO C 376 12.54 2.09 -10.23
C PRO C 376 11.97 1.57 -8.93
N ASP C 377 12.82 1.26 -7.96
CA ASP C 377 12.32 0.73 -6.69
C ASP C 377 11.51 1.78 -5.93
N ALA C 378 11.98 3.03 -5.93
CA ALA C 378 11.22 4.10 -5.31
C ALA C 378 9.90 4.32 -6.04
N HIS C 379 9.93 4.31 -7.37
CA HIS C 379 8.68 4.49 -8.10
C HIS C 379 7.65 3.43 -7.72
N ARG C 380 8.06 2.17 -7.61
CA ARG C 380 7.07 1.13 -7.31
C ARG C 380 6.49 1.30 -5.92
N TYR C 381 7.27 1.83 -4.98
CA TYR C 381 6.70 2.11 -3.67
C TYR C 381 5.85 3.38 -3.69
N ARG C 382 6.38 4.47 -4.25
CA ARG C 382 5.73 5.78 -4.12
C ARG C 382 4.46 5.85 -4.95
N LEU C 383 4.52 5.30 -6.17
CA LEU C 383 3.43 5.41 -7.12
C LEU C 383 2.60 4.16 -7.31
N GLY C 384 3.18 2.98 -7.14
CA GLY C 384 2.47 1.74 -7.38
C GLY C 384 3.19 0.94 -8.44
N PRO C 385 2.97 -0.36 -8.46
CA PRO C 385 3.66 -1.20 -9.45
C PRO C 385 3.39 -0.91 -10.91
N ASN C 386 2.21 -0.41 -11.26
CA ASN C 386 1.89 -0.10 -12.65
C ASN C 386 1.98 1.41 -12.96
N TYR C 387 2.93 2.09 -12.31
CA TYR C 387 3.09 3.54 -12.45
C TYR C 387 3.37 3.99 -13.87
N SER C 388 3.96 3.12 -14.69
CA SER C 388 4.18 3.42 -16.11
C SER C 388 2.89 3.45 -16.93
N GLN C 389 1.76 3.07 -16.37
CA GLN C 389 0.49 3.24 -17.05
C GLN C 389 -0.12 4.61 -16.77
N ILE C 390 0.43 5.36 -15.82
CA ILE C 390 0.01 6.76 -15.62
C ILE C 390 0.39 7.57 -16.86
N PRO C 391 -0.55 8.32 -17.46
CA PRO C 391 -0.28 8.94 -18.77
C PRO C 391 1.04 9.66 -18.89
N VAL C 392 1.37 10.51 -17.91
CA VAL C 392 2.63 11.24 -18.02
C VAL C 392 3.80 10.29 -18.11
N ASN C 393 3.70 9.11 -17.51
CA ASN C 393 4.83 8.18 -17.57
C ASN C 393 4.75 7.20 -18.76
N CYS C 394 3.66 7.25 -19.55
CA CYS C 394 3.44 6.25 -20.61
CA CYS C 394 3.44 6.26 -20.61
C CYS C 394 4.35 6.53 -21.80
N PRO C 395 5.04 5.49 -22.37
CA PRO C 395 5.82 5.77 -23.59
C PRO C 395 4.89 5.85 -24.80
N TYR C 396 4.20 6.98 -24.92
CA TYR C 396 3.13 7.10 -25.89
C TYR C 396 3.64 6.96 -27.32
N ALA C 397 4.92 7.13 -27.56
CA ALA C 397 5.49 6.97 -28.89
C ALA C 397 6.12 5.59 -29.10
N SER C 398 6.11 4.74 -28.09
CA SER C 398 6.65 3.39 -28.20
C SER C 398 5.94 2.55 -27.16
N LYS C 399 4.71 2.15 -27.47
CA LYS C 399 3.83 1.54 -26.49
C LYS C 399 4.42 0.23 -25.97
N VAL C 400 4.09 -0.11 -24.76
CA VAL C 400 4.69 -1.26 -24.10
C VAL C 400 4.05 -2.53 -24.59
N PHE C 401 4.88 -3.52 -24.92
CA PHE C 401 4.44 -4.88 -25.22
C PHE C 401 5.44 -5.89 -24.64
N ASN C 402 5.12 -6.45 -23.46
CA ASN C 402 5.89 -7.53 -22.87
C ASN C 402 4.93 -8.59 -22.32
N PRO C 403 4.89 -9.77 -22.95
CA PRO C 403 3.95 -10.81 -22.50
C PRO C 403 4.11 -11.24 -21.04
N ALA C 404 5.30 -11.16 -20.50
CA ALA C 404 5.54 -11.63 -19.15
C ALA C 404 5.27 -10.58 -18.06
N ILE C 405 4.88 -9.37 -18.43
CA ILE C 405 4.67 -8.30 -17.44
C ILE C 405 3.17 -8.04 -17.37
N ARG C 406 2.53 -8.56 -16.31
CA ARG C 406 1.09 -8.61 -16.28
C ARG C 406 0.57 -8.45 -14.86
N ASP C 407 -0.73 -8.16 -14.79
CA ASP C 407 -1.51 -8.05 -13.56
C ASP C 407 -0.97 -6.84 -12.76
N GLY C 408 -0.98 -6.94 -11.43
CA GLY C 408 -0.60 -5.86 -10.56
C GLY C 408 -1.75 -4.93 -10.25
N PRO C 409 -1.73 -4.32 -9.07
CA PRO C 409 -2.83 -3.40 -8.72
C PRO C 409 -2.93 -2.26 -9.71
N MET C 410 -4.16 -1.81 -9.94
CA MET C 410 -4.48 -0.71 -10.84
C MET C 410 -3.91 -0.93 -12.21
N ASN C 411 -4.07 -2.14 -12.72
CA ASN C 411 -3.79 -2.38 -14.13
C ASN C 411 -4.98 -1.83 -14.90
N VAL C 412 -4.77 -0.75 -15.66
CA VAL C 412 -5.88 0.02 -16.21
C VAL C 412 -5.97 -0.03 -17.73
N ASN C 413 -5.01 -0.67 -18.40
CA ASN C 413 -4.98 -0.67 -19.86
C ASN C 413 -5.37 -2.03 -20.48
N GLY C 414 -6.08 -2.89 -19.75
CA GLY C 414 -6.55 -4.12 -20.30
C GLY C 414 -5.62 -5.30 -20.15
N ASN C 415 -4.37 -5.06 -19.76
CA ASN C 415 -3.46 -6.13 -19.40
C ASN C 415 -3.20 -7.05 -20.57
N LEU C 416 -3.20 -6.48 -21.77
CA LEU C 416 -2.94 -7.20 -23.02
C LEU C 416 -3.99 -8.24 -23.36
N GLY C 417 -5.11 -8.24 -22.68
CA GLY C 417 -6.18 -9.11 -23.09
C GLY C 417 -5.76 -10.56 -23.02
N LYS C 418 -6.08 -11.32 -24.06
CA LYS C 418 -5.88 -12.75 -24.04
C LYS C 418 -4.51 -13.16 -24.54
N GLU C 419 -3.61 -12.22 -24.77
CA GLU C 419 -2.24 -12.56 -25.12
C GLU C 419 -1.68 -13.56 -24.11
N PRO C 420 -1.05 -14.63 -24.55
CA PRO C 420 -0.33 -15.48 -23.60
C PRO C 420 0.66 -14.66 -22.78
N ASN C 421 0.93 -15.13 -21.58
CA ASN C 421 1.82 -14.44 -20.66
C ASN C 421 3.21 -15.06 -20.64
N TYR C 422 3.60 -15.67 -21.77
CA TYR C 422 4.91 -16.24 -22.00
C TYR C 422 5.14 -16.22 -23.51
N LEU C 423 6.29 -16.72 -23.96
CA LEU C 423 6.58 -16.70 -25.40
C LEU C 423 6.03 -17.98 -26.06
N SER C 424 4.74 -17.94 -26.40
CA SER C 424 4.08 -19.06 -27.05
C SER C 424 4.64 -19.26 -28.45
N THR C 425 4.91 -20.53 -28.80
CA THR C 425 5.41 -20.80 -30.13
C THR C 425 4.32 -20.68 -31.20
N SER C 426 3.06 -20.47 -30.80
CA SER C 426 1.98 -20.21 -31.73
C SER C 426 1.83 -18.74 -32.11
N LYS C 427 2.58 -17.85 -31.46
CA LYS C 427 2.47 -16.41 -31.69
C LYS C 427 3.79 -15.88 -32.24
N LYS C 428 3.72 -14.66 -32.80
CA LYS C 428 4.90 -13.98 -33.33
C LYS C 428 5.42 -12.93 -32.34
N TYR C 429 6.74 -12.82 -32.26
CA TYR C 429 7.39 -11.83 -31.38
C TYR C 429 8.62 -11.32 -32.10
N GLN C 430 8.76 -10.01 -32.18
CA GLN C 430 9.86 -9.38 -32.90
C GLN C 430 10.80 -8.79 -31.88
N PHE C 431 12.06 -9.21 -31.93
CA PHE C 431 13.15 -8.66 -31.11
C PHE C 431 14.05 -7.94 -32.09
N ILE C 432 14.00 -6.62 -32.08
CA ILE C 432 14.75 -5.86 -33.08
C ILE C 432 16.15 -5.52 -32.55
N GLN C 433 17.04 -5.17 -33.50
CA GLN C 433 18.41 -4.78 -33.19
C GLN C 433 19.19 -5.90 -32.51
N GLN C 434 18.99 -7.13 -32.99
CA GLN C 434 19.60 -8.26 -32.29
C GLN C 434 21.12 -8.22 -32.33
N SER C 435 21.71 -7.67 -33.39
CA SER C 435 23.16 -7.58 -33.54
C SER C 435 23.74 -6.25 -33.03
N LYS C 436 22.90 -5.38 -32.44
CA LYS C 436 23.37 -4.15 -31.82
C LYS C 436 23.90 -4.48 -30.43
N PRO C 437 25.19 -4.27 -30.15
CA PRO C 437 25.69 -4.55 -28.80
C PRO C 437 25.10 -3.60 -27.74
N ILE C 438 25.09 -4.11 -26.49
CA ILE C 438 24.66 -3.34 -25.33
C ILE C 438 25.89 -2.71 -24.68
N GLN C 439 26.71 -3.54 -24.02
CA GLN C 439 27.99 -3.10 -23.48
C GLN C 439 29.15 -4.06 -23.74
N GLN C 440 28.92 -5.18 -24.43
CA GLN C 440 29.95 -6.19 -24.60
C GLN C 440 31.01 -5.78 -25.64
N HIS C 441 30.80 -4.67 -26.35
CA HIS C 441 31.83 -4.15 -27.25
C HIS C 441 32.73 -3.12 -26.56
N GLN C 442 32.52 -2.87 -25.28
CA GLN C 442 33.16 -1.77 -24.56
C GLN C 442 34.24 -2.34 -23.61
N GLU C 443 34.26 -1.95 -22.34
CA GLU C 443 35.42 -2.22 -21.51
C GLU C 443 35.49 -3.69 -21.11
N VAL C 444 36.71 -4.16 -20.87
CA VAL C 444 36.94 -5.50 -20.35
C VAL C 444 37.34 -5.40 -18.89
N TRP C 445 36.51 -5.95 -18.02
CA TRP C 445 36.72 -5.90 -16.58
C TRP C 445 37.51 -7.10 -16.12
N SER C 446 38.15 -6.96 -14.99
CA SER C 446 38.95 -8.07 -14.49
C SER C 446 39.12 -7.93 -12.99
N GLY C 447 39.07 -9.06 -12.29
CA GLY C 447 39.27 -9.03 -10.86
C GLY C 447 38.28 -9.89 -10.12
N PRO C 448 38.52 -10.05 -8.82
CA PRO C 448 37.53 -10.73 -7.98
C PRO C 448 36.40 -9.76 -7.61
N ALA C 449 35.38 -10.32 -6.98
CA ALA C 449 34.31 -9.56 -6.36
C ALA C 449 34.85 -8.82 -5.14
N MET C 450 35.01 -7.50 -5.27
CA MET C 450 35.80 -6.76 -4.31
C MET C 450 34.92 -5.73 -3.62
N PRO C 451 34.83 -5.75 -2.29
CA PRO C 451 34.27 -4.60 -1.59
C PRO C 451 35.27 -3.46 -1.64
N VAL C 452 34.80 -2.29 -2.09
CA VAL C 452 35.62 -1.09 -2.25
C VAL C 452 34.92 0.11 -1.62
N HIS C 453 35.63 0.82 -0.75
CA HIS C 453 35.24 2.12 -0.20
C HIS C 453 36.15 3.18 -0.77
N TRP C 454 35.64 3.96 -1.70
CA TRP C 454 36.41 4.95 -2.44
C TRP C 454 36.63 6.22 -1.59
N ALA C 455 37.27 6.03 -0.43
CA ALA C 455 37.48 7.13 0.50
C ALA C 455 38.36 8.22 -0.11
N THR C 456 38.28 9.41 0.49
CA THR C 456 39.08 10.54 0.05
C THR C 456 40.55 10.18 -0.12
N SER C 457 41.12 10.55 -1.26
CA SER C 457 42.49 10.18 -1.58
C SER C 457 43.46 11.00 -0.73
N PRO C 458 44.64 10.44 -0.41
CA PRO C 458 45.67 11.27 0.22
C PRO C 458 46.15 12.30 -0.78
N GLY C 459 46.80 13.33 -0.27
CA GLY C 459 47.27 14.36 -1.17
C GLY C 459 46.14 15.27 -1.63
N ASP C 460 46.32 15.85 -2.82
CA ASP C 460 45.51 17.00 -3.22
C ASP C 460 44.54 16.73 -4.36
N ILE C 461 44.52 15.51 -4.90
CA ILE C 461 43.76 15.28 -6.15
C ILE C 461 42.29 15.58 -5.97
N ASP C 462 41.73 15.32 -4.80
CA ASP C 462 40.32 15.59 -4.55
C ASP C 462 40.08 17.02 -4.09
N PHE C 463 41.10 17.86 -4.08
CA PHE C 463 40.93 19.29 -3.75
C PHE C 463 41.27 20.24 -4.88
N VAL C 464 42.00 19.78 -5.89
CA VAL C 464 42.54 20.71 -6.86
C VAL C 464 41.42 21.37 -7.68
N GLN C 465 40.38 20.62 -8.05
CA GLN C 465 39.33 21.23 -8.86
C GLN C 465 38.49 22.21 -8.05
N ALA C 466 38.37 21.97 -6.76
CA ALA C 466 37.68 22.93 -5.88
C ALA C 466 38.50 24.23 -5.85
N ARG C 467 39.80 24.09 -5.78
CA ARG C 467 40.71 25.25 -5.77
C ARG C 467 40.61 25.97 -7.11
N ASP C 468 40.50 25.23 -8.21
CA ASP C 468 40.38 25.81 -9.57
C ASP C 468 39.10 26.63 -9.68
N LEU C 469 38.03 26.14 -9.08
CA LEU C 469 36.82 26.95 -9.08
C LEU C 469 37.06 28.29 -8.40
N TYR C 470 37.64 28.27 -7.20
CA TYR C 470 37.81 29.49 -6.43
C TYR C 470 38.76 30.45 -7.12
N ASN C 471 39.93 29.96 -7.55
CA ASN C 471 40.98 30.86 -8.02
C ASN C 471 40.84 31.23 -9.48
N LYS C 472 40.25 30.37 -10.30
CA LYS C 472 40.17 30.68 -11.72
C LYS C 472 38.79 31.05 -12.21
N VAL C 473 37.75 30.77 -11.44
CA VAL C 473 36.40 31.03 -11.86
C VAL C 473 35.76 32.13 -11.01
N LEU C 474 35.66 31.92 -9.70
CA LEU C 474 35.00 32.88 -8.85
C LEU C 474 35.77 34.20 -8.76
N SER C 475 37.09 34.16 -8.96
CA SER C 475 37.91 35.36 -8.91
C SER C 475 37.53 36.37 -10.00
N LYS C 476 36.98 35.88 -11.11
CA LYS C 476 36.58 36.75 -12.20
C LYS C 476 35.18 37.30 -12.03
N GLN C 477 34.49 36.95 -10.94
CA GLN C 477 33.13 37.41 -10.69
C GLN C 477 33.15 38.30 -9.47
N PRO C 478 33.00 39.62 -9.62
CA PRO C 478 33.27 40.53 -8.50
C PRO C 478 32.39 40.23 -7.29
N GLY C 479 33.03 40.04 -6.15
CA GLY C 479 32.37 39.78 -4.91
C GLY C 479 31.99 38.34 -4.69
N GLN C 480 32.19 37.46 -5.68
CA GLN C 480 31.74 36.08 -5.52
C GLN C 480 32.60 35.31 -4.55
N GLN C 481 33.91 35.65 -4.45
CA GLN C 481 34.77 34.98 -3.49
C GLN C 481 34.41 35.33 -2.06
N LYS C 482 34.10 36.61 -1.82
CA LYS C 482 33.60 37.00 -0.52
C LYS C 482 32.25 36.35 -0.22
N ALA C 483 31.35 36.34 -1.22
CA ALA C 483 30.00 35.82 -0.99
C ALA C 483 30.04 34.35 -0.57
N LEU C 484 30.93 33.55 -1.15
CA LEU C 484 31.09 32.16 -0.71
C LEU C 484 31.46 32.08 0.76
N ALA C 485 32.48 32.82 1.18
CA ALA C 485 32.85 32.78 2.59
C ALA C 485 31.68 33.18 3.47
N HIS C 486 30.98 34.25 3.10
CA HIS C 486 29.82 34.69 3.87
C HIS C 486 28.73 33.62 3.94
N ASN C 487 28.50 32.94 2.84
CA ASN C 487 27.46 31.93 2.83
C ASN C 487 27.79 30.75 3.75
N VAL C 488 29.08 30.33 3.80
CA VAL C 488 29.50 29.29 4.73
C VAL C 488 29.44 29.79 6.16
N ALA C 489 30.01 30.97 6.43
CA ALA C 489 30.05 31.50 7.79
C ALA C 489 28.68 31.57 8.47
N VAL C 490 27.66 32.04 7.76
CA VAL C 490 26.37 32.19 8.41
C VAL C 490 25.75 30.84 8.71
N HIS C 491 26.16 29.82 7.98
CA HIS C 491 25.60 28.47 8.16
C HIS C 491 26.33 27.74 9.28
N VAL C 492 27.66 27.72 9.23
CA VAL C 492 28.44 27.03 10.25
C VAL C 492 28.45 27.76 11.58
N ALA C 493 27.99 29.00 11.64
CA ALA C 493 28.02 29.69 12.94
C ALA C 493 27.17 28.98 13.98
N SER C 494 26.16 28.16 13.53
CA SER C 494 25.34 27.36 14.46
C SER C 494 26.04 26.10 14.95
N ALA C 495 27.10 25.66 14.30
CA ALA C 495 27.78 24.44 14.72
C ALA C 495 28.64 24.69 15.94
N CYS C 496 28.84 23.63 16.73
N CYS C 496 28.84 23.61 16.72
CA CYS C 496 29.69 23.71 17.90
CA CYS C 496 29.72 23.62 17.87
C CYS C 496 31.12 24.02 17.49
C CYS C 496 31.14 24.01 17.48
N PRO C 497 31.94 24.48 18.46
CA PRO C 497 33.27 24.99 18.11
C PRO C 497 34.19 23.96 17.51
N GLU C 498 34.08 22.70 17.94
CA GLU C 498 34.95 21.68 17.36
C GLU C 498 34.57 21.44 15.90
N ILE C 499 33.27 21.33 15.60
CA ILE C 499 32.86 21.22 14.21
C ILE C 499 33.29 22.47 13.45
N GLN C 500 33.06 23.64 14.03
CA GLN C 500 33.52 24.85 13.35
C GLN C 500 34.98 24.73 12.95
N ASP C 501 35.82 24.30 13.89
CA ASP C 501 37.26 24.21 13.59
C ASP C 501 37.56 23.24 12.44
N ARG C 502 36.83 22.12 12.38
CA ARG C 502 37.04 21.19 11.28
C ARG C 502 36.64 21.80 9.94
N VAL C 503 35.59 22.63 9.93
CA VAL C 503 35.19 23.28 8.70
C VAL C 503 36.26 24.27 8.26
N PHE C 504 36.73 25.11 9.18
CA PHE C 504 37.78 26.05 8.83
C PHE C 504 39.00 25.33 8.27
N ALA C 505 39.38 24.22 8.90
CA ALA C 505 40.56 23.49 8.44
C ALA C 505 40.35 22.93 7.06
N MET C 506 39.15 22.46 6.79
CA MET C 506 38.87 21.88 5.47
C MET C 506 38.92 22.94 4.37
N PHE C 507 38.33 24.11 4.59
CA PHE C 507 38.42 25.14 3.57
C PHE C 507 39.85 25.67 3.43
N ALA C 508 40.64 25.64 4.51
CA ALA C 508 42.02 26.10 4.39
C ALA C 508 42.83 25.24 3.43
N ARG C 509 42.47 23.94 3.26
CA ARG C 509 43.14 23.11 2.26
C ARG C 509 42.87 23.61 0.85
N VAL C 510 41.73 24.25 0.62
CA VAL C 510 41.46 24.87 -0.66
C VAL C 510 42.22 26.20 -0.75
N ASP C 511 41.98 27.09 0.22
CA ASP C 511 42.60 28.40 0.18
C ASP C 511 42.67 29.02 1.57
N ARG C 512 43.83 29.57 1.91
CA ARG C 512 44.06 30.19 3.22
C ARG C 512 43.08 31.33 3.46
N GLY C 513 43.05 32.31 2.54
CA GLY C 513 42.17 33.45 2.73
C GLY C 513 40.72 33.10 2.83
N LEU C 514 40.24 32.21 1.97
CA LEU C 514 38.86 31.72 2.10
C LEU C 514 38.59 31.25 3.52
N SER C 515 39.49 30.42 4.07
N SER C 515 39.49 30.43 4.08
CA SER C 515 39.32 29.91 5.41
CA SER C 515 39.24 29.92 5.43
C SER C 515 39.26 31.04 6.43
C SER C 515 39.31 31.01 6.49
N GLU C 516 40.19 31.99 6.31
CA GLU C 516 40.24 33.09 7.28
C GLU C 516 39.00 33.96 7.19
N ASN C 517 38.50 34.21 5.98
CA ASN C 517 37.28 34.98 5.83
C ASN C 517 36.11 34.28 6.52
N ILE C 518 35.98 32.98 6.28
CA ILE C 518 34.93 32.23 6.92
C ILE C 518 35.04 32.35 8.44
N LYS C 519 36.26 32.16 8.95
CA LYS C 519 36.50 32.11 10.39
C LYS C 519 36.18 33.43 11.05
N LYS C 520 36.65 34.54 10.49
CA LYS C 520 36.34 35.84 11.08
C LYS C 520 34.84 36.02 11.22
N GLU C 521 34.09 35.80 10.13
CA GLU C 521 32.66 36.03 10.16
C GLU C 521 31.95 35.05 11.09
N ALA C 522 32.31 33.77 11.04
CA ALA C 522 31.66 32.79 11.90
C ALA C 522 31.90 33.09 13.38
N LEU C 523 33.13 33.47 13.75
CA LEU C 523 33.42 33.73 15.16
C LEU C 523 32.74 35.02 15.63
N SER C 524 32.59 36.01 14.77
CA SER C 524 31.87 37.21 15.15
C SER C 524 30.40 36.89 15.46
N LEU C 525 29.80 35.93 14.75
CA LEU C 525 28.41 35.56 14.98
C LEU C 525 28.24 34.57 16.15
N SER C 526 29.31 33.91 16.59
CA SER C 526 29.22 32.94 17.70
C SER C 526 30.49 33.01 18.51
N PRO C 527 30.66 34.07 19.30
CA PRO C 527 31.93 34.24 20.02
C PRO C 527 32.07 33.22 21.15
N ARG C 528 33.32 32.94 21.51
CA ARG C 528 33.61 31.89 22.47
C ARG C 528 34.09 32.34 23.84
N GLY D 28 13.03 3.96 30.06
CA GLY D 28 12.05 4.81 29.40
C GLY D 28 10.62 4.25 29.36
N HIS D 29 9.65 5.13 29.14
CA HIS D 29 8.27 4.68 29.09
C HIS D 29 8.00 3.88 27.81
N PRO D 30 7.15 2.84 27.91
CA PRO D 30 6.89 2.03 26.70
C PRO D 30 6.36 2.80 25.49
N THR D 31 5.62 3.90 25.68
CA THR D 31 5.17 4.68 24.54
C THR D 31 6.28 5.52 23.91
N ASN D 32 7.42 5.67 24.60
CA ASN D 32 8.51 6.60 24.20
C ASN D 32 9.87 6.07 24.68
N THR D 33 10.37 5.03 24.00
CA THR D 33 11.69 4.45 24.31
C THR D 33 12.20 3.72 23.07
N ALA D 34 13.35 3.06 23.21
CA ALA D 34 13.96 2.33 22.11
C ALA D 34 14.84 1.22 22.70
N ASP D 35 15.42 0.40 21.81
CA ASP D 35 16.35 -0.64 22.22
C ASP D 35 17.57 -0.64 21.30
N VAL D 36 18.72 -0.28 21.85
CA VAL D 36 19.95 -0.13 21.08
C VAL D 36 21.02 -1.06 21.66
N ARG D 37 21.64 -1.86 20.78
CA ARG D 37 22.67 -2.81 21.17
C ARG D 37 23.76 -2.18 22.02
N LYS D 38 23.97 -2.71 23.22
CA LYS D 38 25.01 -2.13 24.08
C LYS D 38 26.41 -2.34 23.52
N ASP D 39 26.65 -3.35 22.68
CA ASP D 39 27.96 -3.51 22.06
C ASP D 39 28.18 -2.58 20.87
N ARG D 40 27.15 -1.86 20.43
CA ARG D 40 27.28 -0.91 19.33
C ARG D 40 27.71 -1.57 18.02
N VAL D 41 27.51 -2.89 17.89
CA VAL D 41 27.90 -3.59 16.67
C VAL D 41 26.89 -3.24 15.58
N VAL D 42 27.38 -2.76 14.46
CA VAL D 42 26.52 -2.33 13.37
C VAL D 42 26.17 -3.54 12.49
N THR D 43 24.88 -3.69 12.20
CA THR D 43 24.41 -4.84 11.46
C THR D 43 23.53 -4.39 10.32
N ASN D 44 23.15 -5.37 9.46
CA ASN D 44 22.14 -5.11 8.44
C ASN D 44 20.75 -5.41 9.03
N SER D 45 19.71 -5.30 8.21
CA SER D 45 18.36 -5.44 8.75
C SER D 45 18.03 -6.87 9.20
N GLN D 46 18.91 -7.83 8.96
CA GLN D 46 18.75 -9.20 9.38
C GLN D 46 19.73 -9.57 10.48
N GLY D 47 20.43 -8.61 11.06
CA GLY D 47 21.26 -8.90 12.22
C GLY D 47 22.64 -9.43 11.93
N ALA D 48 23.05 -9.52 10.66
CA ALA D 48 24.40 -9.94 10.33
C ALA D 48 25.33 -8.75 10.43
N PRO D 49 26.51 -8.93 11.00
CA PRO D 49 27.42 -7.79 11.14
C PRO D 49 27.93 -7.30 9.80
N ILE D 50 28.08 -5.99 9.70
CA ILE D 50 28.74 -5.35 8.56
C ILE D 50 30.21 -5.13 8.90
N ASN D 51 31.10 -5.58 8.03
CA ASN D 51 32.52 -5.54 8.37
C ASN D 51 33.23 -4.32 7.78
N GLU D 52 32.52 -3.49 7.01
CA GLU D 52 33.04 -2.18 6.52
C GLU D 52 31.84 -1.27 6.25
N PRO D 53 31.82 -0.07 6.81
CA PRO D 53 30.60 0.75 6.70
C PRO D 53 30.15 1.09 5.29
N PHE D 54 31.06 1.30 4.34
CA PHE D 54 30.63 1.80 3.05
C PHE D 54 31.17 1.04 1.85
N ALA D 55 32.01 0.02 2.04
CA ALA D 55 32.50 -0.71 0.88
C ALA D 55 31.33 -1.37 0.16
N THR D 56 31.35 -1.28 -1.16
CA THR D 56 30.36 -1.91 -2.01
C THR D 56 31.09 -2.80 -3.02
N GLN D 57 30.44 -3.92 -3.35
CA GLN D 57 31.07 -4.96 -4.17
C GLN D 57 30.98 -4.63 -5.65
N ARG D 58 32.11 -4.74 -6.33
CA ARG D 58 32.18 -4.58 -7.78
C ARG D 58 33.23 -5.54 -8.30
N VAL D 59 33.30 -5.66 -9.63
CA VAL D 59 34.33 -6.47 -10.24
C VAL D 59 35.62 -5.65 -10.30
N GLY D 60 36.66 -6.16 -9.63
CA GLY D 60 37.91 -5.44 -9.49
C GLY D 60 37.71 -4.19 -8.65
N GLN D 61 38.62 -3.25 -8.81
CA GLN D 61 38.53 -2.01 -8.03
C GLN D 61 37.53 -1.03 -8.61
N HIS D 62 37.38 -0.95 -9.94
CA HIS D 62 36.50 0.07 -10.51
C HIS D 62 35.54 -0.47 -11.57
N GLY D 63 35.30 -1.79 -11.60
CA GLY D 63 34.32 -2.35 -12.49
C GLY D 63 32.91 -2.07 -12.00
N PRO D 64 31.91 -2.56 -12.76
CA PRO D 64 30.52 -2.31 -12.38
C PRO D 64 30.09 -3.08 -11.15
N LEU D 65 29.05 -2.54 -10.51
CA LEU D 65 28.57 -3.05 -9.24
C LEU D 65 27.87 -4.40 -9.41
N LEU D 66 28.04 -5.24 -8.42
CA LEU D 66 27.45 -6.58 -8.49
C LEU D 66 26.10 -6.62 -7.78
N LEU D 67 25.15 -7.32 -8.42
CA LEU D 67 23.81 -7.50 -7.85
C LEU D 67 23.86 -8.17 -6.48
N GLN D 68 24.93 -8.89 -6.18
CA GLN D 68 24.98 -9.69 -4.96
C GLN D 68 25.32 -8.90 -3.69
N ASP D 69 25.42 -7.56 -3.76
CA ASP D 69 25.69 -6.74 -2.58
C ASP D 69 24.37 -6.50 -1.84
N PHE D 70 24.02 -7.47 -1.00
CA PHE D 70 22.78 -7.36 -0.24
C PHE D 70 22.80 -6.14 0.66
N ASN D 71 23.94 -5.81 1.25
CA ASN D 71 23.92 -4.73 2.23
C ASN D 71 23.58 -3.39 1.58
N LEU D 72 24.07 -3.15 0.35
CA LEU D 72 23.79 -1.89 -0.33
C LEU D 72 22.33 -1.76 -0.66
N LEU D 73 21.76 -2.78 -1.30
CA LEU D 73 20.36 -2.73 -1.69
C LEU D 73 19.46 -2.68 -0.46
N ASP D 74 19.84 -3.42 0.60
CA ASP D 74 19.10 -3.33 1.84
C ASP D 74 19.01 -1.89 2.33
N SER D 75 20.13 -1.17 2.35
CA SER D 75 20.09 0.21 2.83
C SER D 75 19.30 1.09 1.86
N LEU D 76 19.53 0.93 0.56
CA LEU D 76 18.93 1.83 -0.41
C LEU D 76 17.42 1.63 -0.52
N ALA D 77 16.97 0.37 -0.50
CA ALA D 77 15.55 0.10 -0.65
C ALA D 77 14.80 0.53 0.59
N HIS D 78 15.43 0.45 1.76
CA HIS D 78 14.73 0.96 2.94
C HIS D 78 14.70 2.49 2.93
N PHE D 79 15.75 3.13 2.43
CA PHE D 79 15.72 4.57 2.23
C PHE D 79 14.55 4.98 1.36
N ASN D 80 14.30 4.24 0.27
CA ASN D 80 13.17 4.57 -0.59
C ASN D 80 11.82 4.47 0.09
N ARG D 81 11.73 3.85 1.27
CA ARG D 81 10.43 3.63 1.92
C ARG D 81 10.37 4.39 3.24
N GLU D 82 11.23 5.37 3.47
CA GLU D 82 11.16 6.07 4.75
C GLU D 82 9.89 6.87 4.90
N ARG D 83 9.37 7.40 3.80
CA ARG D 83 8.28 8.35 3.88
C ARG D 83 6.94 7.63 3.82
N ILE D 84 5.98 8.15 4.57
CA ILE D 84 4.58 7.77 4.51
C ILE D 84 3.82 9.02 4.07
N PRO D 85 2.56 8.89 3.66
CA PRO D 85 1.81 10.09 3.25
C PRO D 85 1.66 11.02 4.43
N GLU D 86 1.74 12.34 4.18
CA GLU D 86 1.49 13.32 5.25
C GLU D 86 -0.01 13.36 5.60
N ARG D 87 -0.29 13.78 6.84
CA ARG D 87 -1.68 14.01 7.23
C ARG D 87 -2.37 15.00 6.30
N ASN D 88 -3.66 14.80 6.12
CA ASN D 88 -4.48 15.66 5.28
C ASN D 88 -5.72 16.06 6.04
N PRO D 89 -5.76 17.25 6.65
CA PRO D 89 -4.72 18.27 6.78
C PRO D 89 -3.94 18.09 8.09
N HIS D 90 -3.34 19.19 8.56
CA HIS D 90 -2.53 19.19 9.77
C HIS D 90 -1.24 18.37 9.57
N ALA D 91 -0.66 18.46 8.37
CA ALA D 91 0.55 17.71 8.05
C ALA D 91 1.75 18.11 8.93
N HIS D 92 1.86 19.39 9.29
CA HIS D 92 3.04 19.96 9.96
C HIS D 92 2.77 20.12 11.45
N GLY D 93 3.68 19.64 12.27
CA GLY D 93 3.40 19.67 13.69
C GLY D 93 4.56 19.32 14.58
N SER D 94 4.26 19.25 15.87
CA SER D 94 5.17 19.04 16.96
C SER D 94 4.44 18.31 18.08
N GLY D 95 5.19 17.59 18.90
CA GLY D 95 4.55 16.81 19.95
C GLY D 95 5.35 16.71 21.22
N ALA D 96 4.63 16.45 22.31
CA ALA D 96 5.28 16.25 23.60
C ALA D 96 4.39 15.39 24.47
N PHE D 97 5.02 14.68 25.40
CA PHE D 97 4.33 13.87 26.39
C PHE D 97 4.17 14.57 27.73
N GLY D 98 3.15 14.16 28.48
CA GLY D 98 2.96 14.67 29.82
C GLY D 98 1.89 13.95 30.59
N TYR D 99 1.21 14.69 31.48
CA TYR D 99 0.14 14.10 32.27
C TYR D 99 -0.92 15.15 32.56
N LEU D 100 -2.12 14.62 32.82
CA LEU D 100 -3.23 15.40 33.33
C LEU D 100 -3.42 15.03 34.79
N GLU D 101 -3.51 16.03 35.66
CA GLU D 101 -3.83 15.80 37.05
C GLU D 101 -5.25 16.32 37.33
N ILE D 102 -6.04 15.52 38.02
CA ILE D 102 -7.37 15.93 38.45
C ILE D 102 -7.20 16.70 39.74
N THR D 103 -7.73 17.92 39.76
CA THR D 103 -7.66 18.74 40.96
C THR D 103 -9.04 19.05 41.53
N ASP D 104 -10.11 18.70 40.85
CA ASP D 104 -11.47 18.99 41.30
C ASP D 104 -12.38 17.81 41.01
N ASP D 105 -13.44 17.71 41.81
CA ASP D 105 -14.37 16.59 41.69
C ASP D 105 -15.49 16.95 40.72
N ILE D 106 -15.51 16.29 39.56
CA ILE D 106 -16.62 16.42 38.63
C ILE D 106 -17.32 15.09 38.39
N THR D 107 -17.24 14.14 39.32
CA THR D 107 -17.91 12.86 39.12
C THR D 107 -19.42 13.05 39.05
N ASP D 108 -19.92 14.21 39.50
CA ASP D 108 -21.33 14.52 39.32
C ASP D 108 -21.68 14.71 37.84
N VAL D 109 -20.69 15.06 37.02
CA VAL D 109 -20.90 15.29 35.60
C VAL D 109 -20.47 14.09 34.77
N CYS D 110 -19.36 13.45 35.11
CA CYS D 110 -18.75 12.47 34.24
C CYS D 110 -18.17 11.35 35.09
N GLY D 111 -18.47 10.13 34.70
CA GLY D 111 -18.03 8.94 35.39
C GLY D 111 -16.79 8.27 34.85
N SER D 112 -16.12 8.87 33.86
CA SER D 112 -14.94 8.23 33.28
C SER D 112 -13.88 7.99 34.37
N ALA D 113 -13.15 6.88 34.24
CA ALA D 113 -12.15 6.53 35.23
C ALA D 113 -11.09 7.63 35.37
N MET D 114 -10.72 8.26 34.26
CA MET D 114 -9.70 9.30 34.33
C MET D 114 -10.07 10.47 35.23
N PHE D 115 -11.35 10.61 35.64
CA PHE D 115 -11.76 11.69 36.51
C PHE D 115 -12.10 11.24 37.93
N ASP D 116 -12.00 9.96 38.25
CA ASP D 116 -12.70 9.45 39.42
C ASP D 116 -12.01 9.73 40.76
N THR D 117 -10.83 10.35 40.77
CA THR D 117 -10.13 10.56 42.03
C THR D 117 -9.32 11.83 41.95
N VAL D 118 -9.52 12.75 42.89
CA VAL D 118 -8.71 13.96 42.89
C VAL D 118 -7.28 13.58 43.19
N GLY D 119 -6.36 14.12 42.42
CA GLY D 119 -4.95 13.77 42.50
C GLY D 119 -4.52 12.75 41.48
N LYS D 120 -5.47 12.19 40.75
CA LYS D 120 -5.16 11.12 39.82
C LYS D 120 -4.50 11.67 38.57
N ARG D 121 -3.44 10.98 38.14
CA ARG D 121 -2.69 11.37 36.96
C ARG D 121 -2.89 10.35 35.87
N THR D 122 -3.16 10.83 34.68
CA THR D 122 -3.19 10.03 33.48
C THR D 122 -2.13 10.59 32.54
N ARG D 123 -1.31 9.72 32.00
CA ARG D 123 -0.36 10.10 30.96
C ARG D 123 -1.04 10.58 29.68
N CYS D 124 -0.37 11.49 28.99
CA CYS D 124 -0.96 11.98 27.76
C CYS D 124 0.10 12.35 26.75
N LEU D 125 -0.33 12.40 25.49
CA LEU D 125 0.46 12.84 24.36
C LEU D 125 -0.29 13.96 23.66
N VAL D 126 0.44 15.03 23.30
CA VAL D 126 -0.12 16.17 22.59
C VAL D 126 0.64 16.33 21.28
N ARG D 127 -0.11 16.59 20.20
CA ARG D 127 0.46 17.00 18.93
C ARG D 127 -0.10 18.37 18.57
N PHE D 128 0.79 19.33 18.37
CA PHE D 128 0.46 20.64 17.86
C PHE D 128 0.72 20.65 16.35
N SER D 129 -0.07 21.43 15.63
CA SER D 129 0.10 21.50 14.19
C SER D 129 -0.51 22.78 13.65
N THR D 130 -0.13 23.14 12.42
CA THR D 130 -0.93 24.04 11.58
C THR D 130 -1.96 23.24 10.79
N VAL D 131 -2.69 23.85 9.87
CA VAL D 131 -3.77 23.17 9.17
C VAL D 131 -3.44 22.98 7.69
N GLY D 132 -3.15 24.06 6.99
CA GLY D 132 -3.07 24.06 5.54
C GLY D 132 -1.72 23.72 4.97
N GLY D 133 -0.65 24.07 5.67
CA GLY D 133 0.68 23.91 5.11
C GLY D 133 1.12 22.46 5.06
N GLU D 134 2.01 22.17 4.12
CA GLU D 134 2.55 20.82 4.02
C GLU D 134 3.64 20.65 5.06
N LYS D 135 4.21 19.43 5.10
CA LYS D 135 5.21 19.08 6.10
C LYS D 135 6.32 20.11 6.24
N GLY D 136 6.83 20.62 5.15
CA GLY D 136 7.93 21.57 5.28
C GLY D 136 7.53 23.03 5.38
N SER D 137 6.25 23.33 5.64
CA SER D 137 5.81 24.70 5.73
C SER D 137 6.29 25.30 7.05
N ALA D 138 5.99 26.57 7.24
CA ALA D 138 6.53 27.32 8.37
C ALA D 138 5.63 27.24 9.60
N ASP D 139 6.26 27.10 10.76
CA ASP D 139 5.55 27.12 12.04
C ASP D 139 4.72 28.41 12.21
N THR D 140 5.17 29.53 11.66
CA THR D 140 4.52 30.80 11.97
C THR D 140 3.51 31.22 10.89
N ALA D 141 3.08 30.31 10.04
CA ALA D 141 2.03 30.62 9.10
C ALA D 141 0.75 31.07 9.81
N ARG D 142 -0.03 31.90 9.13
CA ARG D 142 -1.37 32.21 9.64
C ARG D 142 -2.32 31.03 9.40
N ASP D 143 -2.96 30.56 10.47
CA ASP D 143 -3.73 29.34 10.42
C ASP D 143 -4.34 29.15 11.80
N PRO D 144 -5.41 28.37 11.90
CA PRO D 144 -5.71 27.71 13.19
C PRO D 144 -4.57 26.77 13.56
N ARG D 145 -4.47 26.45 14.84
CA ARG D 145 -3.49 25.46 15.30
C ARG D 145 -4.25 24.24 15.82
N GLY D 146 -3.82 23.06 15.40
CA GLY D 146 -4.27 21.85 16.06
C GLY D 146 -3.61 21.70 17.43
N PHE D 147 -4.38 21.12 18.36
CA PHE D 147 -3.95 20.95 19.77
C PHE D 147 -4.64 19.66 20.23
N ALA D 148 -4.18 18.53 19.69
CA ALA D 148 -4.80 17.22 19.94
C ALA D 148 -4.16 16.46 21.08
N ILE D 149 -4.99 15.88 21.93
CA ILE D 149 -4.54 15.24 23.15
C ILE D 149 -5.01 13.79 23.19
N LYS D 150 -4.06 12.90 23.35
CA LYS D 150 -4.32 11.47 23.57
C LYS D 150 -4.04 11.17 25.05
N PHE D 151 -5.05 10.65 25.74
CA PHE D 151 -4.96 10.23 27.13
C PHE D 151 -4.92 8.71 27.20
N TYR D 152 -3.94 8.16 27.91
CA TYR D 152 -3.82 6.70 28.03
C TYR D 152 -4.45 6.23 29.33
N SER D 153 -5.74 5.95 29.31
CA SER D 153 -6.42 5.60 30.55
C SER D 153 -6.64 4.10 30.72
N GLU D 154 -7.10 3.77 31.92
CA GLU D 154 -7.39 2.42 32.34
C GLU D 154 -8.59 1.84 31.63
N GLU D 155 -9.44 2.69 31.04
CA GLU D 155 -10.60 2.29 30.26
C GLU D 155 -10.40 2.46 28.75
N GLY D 156 -9.16 2.63 28.31
CA GLY D 156 -8.86 2.80 26.91
C GLY D 156 -8.27 4.17 26.64
N ASN D 157 -7.76 4.31 25.42
CA ASN D 157 -7.22 5.60 24.99
C ASN D 157 -8.33 6.53 24.53
N VAL D 158 -8.46 7.70 25.14
CA VAL D 158 -9.43 8.70 24.73
C VAL D 158 -8.72 9.92 24.16
N ASP D 159 -9.13 10.35 22.97
CA ASP D 159 -8.50 11.46 22.27
C ASP D 159 -9.45 12.67 22.27
N TRP D 160 -8.90 13.85 22.60
CA TRP D 160 -9.59 15.11 22.48
C TRP D 160 -8.93 15.83 21.32
N VAL D 161 -9.58 15.84 20.15
CA VAL D 161 -8.93 16.30 18.91
C VAL D 161 -9.40 17.73 18.72
N ASN D 162 -8.67 18.67 19.27
CA ASN D 162 -9.10 20.05 19.42
C ASN D 162 -8.24 20.93 18.54
N ASN D 163 -8.76 22.13 18.24
CA ASN D 163 -8.01 23.25 17.69
C ASN D 163 -7.82 24.30 18.79
N ASN D 164 -7.09 25.36 18.46
CA ASN D 164 -6.85 26.46 19.39
C ASN D 164 -7.91 27.54 19.29
N THR D 165 -9.05 27.22 18.72
CA THR D 165 -10.19 28.09 18.61
C THR D 165 -11.42 27.29 18.99
N PRO D 166 -12.42 27.95 19.57
CA PRO D 166 -13.66 27.27 19.97
C PRO D 166 -14.68 27.12 18.87
N VAL D 167 -14.37 27.57 17.66
CA VAL D 167 -15.32 27.43 16.56
C VAL D 167 -14.57 26.95 15.34
N PHE D 168 -15.25 26.94 14.20
CA PHE D 168 -14.65 26.48 12.96
C PHE D 168 -15.40 27.10 11.79
N PHE D 169 -14.88 26.85 10.60
CA PHE D 169 -15.38 27.50 9.43
C PHE D 169 -16.71 26.93 8.95
N ILE D 170 -17.06 25.69 9.33
CA ILE D 170 -18.21 25.02 8.73
C ILE D 170 -19.09 24.34 9.76
N ARG D 171 -20.35 24.15 9.37
CA ARG D 171 -21.26 23.30 10.12
C ARG D 171 -21.92 22.24 9.24
N ASP D 172 -21.52 22.11 7.96
CA ASP D 172 -21.89 20.99 7.06
C ASP D 172 -20.67 20.16 6.75
N PRO D 173 -20.63 18.87 7.10
CA PRO D 173 -19.38 18.11 6.87
C PRO D 173 -19.05 17.91 5.41
N SER D 174 -20.03 17.91 4.53
CA SER D 174 -19.73 17.72 3.12
C SER D 174 -18.88 18.85 2.56
N LYS D 175 -18.90 20.02 3.23
CA LYS D 175 -18.10 21.14 2.76
C LYS D 175 -16.64 21.05 3.11
N PHE D 176 -16.22 20.07 3.93
CA PHE D 176 -14.83 20.06 4.38
C PHE D 176 -13.84 19.86 3.25
N PRO D 177 -14.01 18.91 2.32
CA PRO D 177 -13.00 18.79 1.25
C PRO D 177 -12.90 20.05 0.39
N HIS D 178 -14.05 20.68 0.16
CA HIS D 178 -14.09 21.89 -0.62
C HIS D 178 -13.32 22.98 0.10
N PHE D 179 -13.67 23.19 1.37
CA PHE D 179 -13.01 24.23 2.16
C PHE D 179 -11.50 24.03 2.24
N ILE D 180 -11.09 22.83 2.67
CA ILE D 180 -9.67 22.54 2.78
C ILE D 180 -8.98 22.71 1.43
N HIS D 181 -9.64 22.30 0.34
CA HIS D 181 -8.98 22.51 -0.97
C HIS D 181 -8.72 24.01 -1.18
N THR D 182 -9.66 24.87 -0.79
CA THR D 182 -9.46 26.30 -1.11
C THR D 182 -8.44 26.94 -0.21
N GLN D 183 -8.12 26.28 0.90
CA GLN D 183 -7.09 26.75 1.85
C GLN D 183 -5.71 26.26 1.38
N LYS D 184 -5.69 25.35 0.42
CA LYS D 184 -4.41 24.76 -0.02
C LYS D 184 -3.98 25.30 -1.38
N ARG D 185 -3.35 24.47 -2.20
CA ARG D 185 -2.82 24.90 -3.51
C ARG D 185 -3.81 24.76 -4.67
N ASN D 186 -3.74 25.69 -5.63
CA ASN D 186 -4.51 25.64 -6.84
C ASN D 186 -4.14 24.42 -7.65
N PRO D 187 -5.13 23.67 -8.16
CA PRO D 187 -4.81 22.37 -8.79
C PRO D 187 -4.04 22.49 -10.07
N GLU D 188 -4.07 23.62 -10.77
CA GLU D 188 -3.25 23.88 -11.95
C GLU D 188 -1.90 24.52 -11.61
N THR D 189 -1.90 25.62 -10.85
CA THR D 189 -0.67 26.38 -10.65
C THR D 189 0.18 25.93 -9.46
N ASN D 190 -0.39 25.12 -8.58
CA ASN D 190 0.26 24.62 -7.38
C ASN D 190 0.66 25.75 -6.44
N MET D 191 -0.10 26.83 -6.42
CA MET D 191 0.13 27.97 -5.54
C MET D 191 -1.09 28.24 -4.69
N LYS D 192 -0.86 28.77 -3.48
CA LYS D 192 -1.95 29.33 -2.69
C LYS D 192 -2.67 30.33 -3.56
N ASP D 193 -3.96 30.50 -3.36
CA ASP D 193 -4.77 31.25 -4.30
C ASP D 193 -5.85 31.97 -3.50
N ALA D 194 -5.65 33.29 -3.35
CA ALA D 194 -6.59 34.11 -2.58
C ALA D 194 -7.97 34.20 -3.24
N ASP D 195 -8.04 34.13 -4.56
CA ASP D 195 -9.35 34.13 -5.20
C ASP D 195 -10.17 32.92 -4.72
N MET D 196 -9.58 31.73 -4.75
CA MET D 196 -10.40 30.59 -4.32
C MET D 196 -10.58 30.58 -2.81
N PHE D 197 -9.55 31.02 -2.08
CA PHE D 197 -9.66 31.21 -0.64
C PHE D 197 -10.91 31.99 -0.31
N TRP D 198 -11.03 33.18 -0.88
CA TRP D 198 -12.16 34.03 -0.52
C TRP D 198 -13.44 33.75 -1.33
N ASP D 199 -13.34 33.23 -2.55
CA ASP D 199 -14.52 32.78 -3.29
C ASP D 199 -15.37 31.85 -2.44
N PHE D 200 -14.76 30.83 -1.85
CA PHE D 200 -15.51 29.85 -1.07
C PHE D 200 -16.14 30.48 0.16
N LEU D 201 -15.34 31.29 0.89
CA LEU D 201 -15.81 31.88 2.15
C LEU D 201 -16.87 32.97 1.93
N THR D 202 -16.88 33.66 0.79
CA THR D 202 -17.94 34.63 0.56
C THR D 202 -19.16 34.02 -0.16
N THR D 203 -19.06 32.78 -0.64
CA THR D 203 -20.27 32.15 -1.16
C THR D 203 -21.35 32.20 -0.08
N GLU D 204 -22.55 32.61 -0.48
CA GLU D 204 -23.56 33.04 0.50
C GLU D 204 -23.92 31.92 1.47
N GLU D 205 -24.08 30.69 0.99
CA GLU D 205 -24.42 29.56 1.85
C GLU D 205 -23.32 29.18 2.83
N ASN D 206 -22.09 29.64 2.57
CA ASN D 206 -20.93 29.34 3.35
C ASN D 206 -20.55 30.47 4.31
N GLN D 207 -21.24 31.60 4.27
CA GLN D 207 -20.75 32.76 5.04
C GLN D 207 -20.86 32.59 6.55
N VAL D 208 -21.42 31.46 7.02
CA VAL D 208 -21.43 31.14 8.45
C VAL D 208 -20.02 30.91 8.98
N ALA D 209 -19.07 30.86 8.06
CA ALA D 209 -17.67 30.83 8.39
C ALA D 209 -17.13 32.12 8.96
N ILE D 210 -17.93 33.16 9.07
CA ILE D 210 -17.38 34.49 9.35
C ILE D 210 -16.78 34.55 10.75
N HIS D 211 -17.39 33.85 11.71
CA HIS D 211 -16.89 33.87 13.08
C HIS D 211 -15.46 33.35 13.14
N GLN D 212 -15.17 32.18 12.54
CA GLN D 212 -13.82 31.65 12.58
C GLN D 212 -12.88 32.51 11.74
N VAL D 213 -13.40 33.13 10.66
CA VAL D 213 -12.57 33.98 9.83
C VAL D 213 -12.06 35.17 10.62
N MET D 214 -12.95 35.80 11.41
CA MET D 214 -12.53 36.90 12.28
C MET D 214 -11.42 36.48 13.22
N ILE D 215 -11.51 35.26 13.79
CA ILE D 215 -10.49 34.77 14.72
C ILE D 215 -9.18 34.49 13.97
N LEU D 216 -9.29 33.91 12.76
CA LEU D 216 -8.11 33.58 12.01
C LEU D 216 -7.28 34.81 11.67
N PHE D 217 -7.94 35.91 11.29
CA PHE D 217 -7.22 37.10 10.87
C PHE D 217 -7.00 38.08 12.01
N SER D 218 -7.41 37.74 13.22
CA SER D 218 -6.84 38.41 14.35
C SER D 218 -5.41 37.93 14.53
N ASP D 219 -4.69 38.59 15.42
CA ASP D 219 -3.31 38.19 15.69
C ASP D 219 -3.23 36.80 16.37
N ARG D 220 -4.35 36.24 16.85
CA ARG D 220 -4.30 34.86 17.36
C ARG D 220 -4.19 33.80 16.24
N GLY D 221 -4.33 34.19 14.99
CA GLY D 221 -4.00 33.36 13.86
C GLY D 221 -2.52 33.09 13.70
N THR D 222 -1.70 33.77 14.50
CA THR D 222 -0.26 33.58 14.49
C THR D 222 0.25 33.58 15.92
N PRO D 223 0.02 32.51 16.66
CA PRO D 223 0.50 32.47 18.05
C PRO D 223 2.01 32.60 18.09
N ALA D 224 2.49 33.12 19.23
CA ALA D 224 3.95 33.22 19.40
C ALA D 224 4.58 31.86 19.70
N SER D 225 3.84 30.94 20.30
CA SER D 225 4.35 29.57 20.49
C SER D 225 3.19 28.69 20.92
N TYR D 226 3.41 27.38 20.85
CA TYR D 226 2.37 26.42 21.25
C TYR D 226 2.05 26.52 22.72
N ARG D 227 3.03 26.95 23.54
CA ARG D 227 2.84 27.14 24.96
C ARG D 227 1.96 28.34 25.27
N ASN D 228 1.71 29.20 24.29
CA ASN D 228 0.97 30.43 24.51
C ASN D 228 -0.36 30.45 23.74
N MET D 229 -1.05 29.31 23.69
CA MET D 229 -2.38 29.25 23.10
C MET D 229 -3.22 28.29 23.90
N ASN D 230 -4.54 28.38 23.67
CA ASN D 230 -5.52 27.56 24.34
C ASN D 230 -5.95 26.39 23.44
N SER D 231 -6.74 25.49 24.01
CA SER D 231 -7.34 24.36 23.30
C SER D 231 -8.82 24.28 23.65
N TYR D 232 -9.67 23.98 22.66
CA TYR D 232 -11.10 23.94 22.86
C TYR D 232 -11.66 22.71 22.17
N SER D 233 -12.67 22.07 22.77
CA SER D 233 -13.38 21.00 22.09
C SER D 233 -14.04 21.50 20.82
N GLY D 234 -14.54 22.74 20.84
CA GLY D 234 -15.22 23.31 19.70
C GLY D 234 -16.64 22.77 19.62
N HIS D 235 -16.74 21.45 19.45
CA HIS D 235 -18.02 20.80 19.46
C HIS D 235 -18.50 20.70 20.88
N THR D 236 -19.82 20.54 21.01
CA THR D 236 -20.45 19.98 22.19
C THR D 236 -20.26 18.47 22.23
N TYR D 237 -19.92 17.93 23.40
CA TYR D 237 -19.92 16.49 23.66
C TYR D 237 -20.96 16.22 24.72
N LYS D 238 -21.25 14.96 24.97
CA LYS D 238 -22.22 14.56 25.99
C LYS D 238 -21.51 13.69 27.01
N TRP D 239 -21.57 14.10 28.28
CA TRP D 239 -20.93 13.38 29.37
C TRP D 239 -21.99 12.94 30.38
N SER D 240 -21.85 11.70 30.87
CA SER D 240 -22.82 11.06 31.76
C SER D 240 -22.12 10.70 33.07
N ASN D 241 -22.91 10.66 34.15
CA ASN D 241 -22.37 10.22 35.42
C ASN D 241 -22.81 8.76 35.63
N LYS D 242 -22.33 8.15 36.73
CA LYS D 242 -22.61 6.75 36.95
C LYS D 242 -24.05 6.52 37.38
N GLN D 243 -24.79 7.58 37.66
CA GLN D 243 -26.20 7.44 37.99
C GLN D 243 -27.10 7.64 36.74
N GLY D 244 -26.51 7.92 35.57
CA GLY D 244 -27.27 8.02 34.36
C GLY D 244 -27.71 9.39 33.95
N GLU D 245 -27.31 10.43 34.67
CA GLU D 245 -27.59 11.79 34.26
C GLU D 245 -26.52 12.23 33.28
N TRP D 246 -26.87 13.16 32.40
CA TRP D 246 -25.92 13.59 31.41
C TRP D 246 -26.07 15.09 31.17
N ARG D 247 -25.05 15.67 30.53
CA ARG D 247 -25.01 17.09 30.28
C ARG D 247 -24.33 17.27 28.94
N TYR D 248 -24.71 18.33 28.23
CA TYR D 248 -23.88 18.80 27.12
C TYR D 248 -22.66 19.50 27.69
N VAL D 249 -21.50 19.29 27.08
CA VAL D 249 -20.26 19.74 27.67
C VAL D 249 -19.39 20.42 26.63
N GLN D 250 -18.70 21.49 27.05
CA GLN D 250 -17.64 22.12 26.27
C GLN D 250 -16.37 22.11 27.12
N VAL D 251 -15.24 21.78 26.49
CA VAL D 251 -13.97 21.70 27.17
C VAL D 251 -13.05 22.83 26.74
N HIS D 252 -12.39 23.44 27.74
CA HIS D 252 -11.51 24.59 27.59
C HIS D 252 -10.20 24.28 28.31
N LEU D 253 -9.09 24.31 27.59
CA LEU D 253 -7.76 24.16 28.16
C LEU D 253 -7.04 25.49 27.99
N LYS D 254 -6.86 26.22 29.09
CA LYS D 254 -6.32 27.57 29.05
C LYS D 254 -4.85 27.58 29.45
N THR D 255 -4.02 28.27 28.66
CA THR D 255 -2.58 28.28 28.92
C THR D 255 -2.23 28.99 30.21
N ASP D 256 -1.41 28.36 31.03
CA ASP D 256 -0.86 28.95 32.22
C ASP D 256 0.31 29.87 31.92
N GLN D 257 0.80 29.89 30.69
CA GLN D 257 1.85 30.81 30.29
C GLN D 257 1.31 32.14 29.74
N GLY D 258 0.03 32.23 29.46
CA GLY D 258 -0.59 33.41 28.90
C GLY D 258 -0.61 33.40 27.38
N ILE D 259 -1.64 34.04 26.82
CA ILE D 259 -1.73 34.25 25.37
C ILE D 259 -0.64 35.20 24.95
N LYS D 260 0.07 34.87 23.88
CA LYS D 260 1.06 35.76 23.28
C LYS D 260 1.01 35.51 21.78
N ASN D 261 1.05 36.57 21.00
CA ASN D 261 0.90 36.47 19.57
C ASN D 261 2.03 37.17 18.85
N LEU D 262 2.26 36.74 17.61
CA LEU D 262 3.01 37.48 16.63
C LEU D 262 2.07 38.40 15.83
N ASN D 263 2.64 39.39 15.18
CA ASN D 263 1.90 40.12 14.15
C ASN D 263 2.32 39.65 12.75
N ASN D 264 1.58 40.11 11.75
CA ASN D 264 1.75 39.59 10.41
C ASN D 264 3.18 39.71 9.90
N GLU D 265 3.85 40.79 10.20
CA GLU D 265 5.19 41.01 9.68
C GLU D 265 6.24 40.18 10.39
N GLU D 266 6.10 40.01 11.71
CA GLU D 266 7.01 39.14 12.46
C GLU D 266 6.88 37.69 12.01
N ALA D 267 5.64 37.21 11.84
CA ALA D 267 5.43 35.81 11.44
C ALA D 267 6.05 35.56 10.07
N THR D 268 5.94 36.53 9.16
CA THR D 268 6.46 36.36 7.80
C THR D 268 7.98 36.30 7.84
N LYS D 269 8.58 37.20 8.60
CA LYS D 269 10.04 37.24 8.70
C LYS D 269 10.58 35.96 9.32
N LEU D 270 9.93 35.46 10.36
CA LEU D 270 10.36 34.20 10.97
C LEU D 270 10.12 33.00 10.05
N ALA D 271 9.07 33.04 9.25
CA ALA D 271 8.88 31.95 8.29
C ALA D 271 10.13 31.79 7.43
N GLY D 272 10.78 32.89 7.10
CA GLY D 272 11.97 32.81 6.30
C GLY D 272 13.17 32.46 7.12
N GLU D 273 13.27 33.02 8.34
CA GLU D 273 14.52 32.86 9.08
C GLU D 273 14.56 31.59 9.92
N ASN D 274 13.42 31.11 10.40
CA ASN D 274 13.36 29.86 11.15
C ASN D 274 12.00 29.27 10.94
N PRO D 275 11.82 28.50 9.88
CA PRO D 275 10.52 27.83 9.69
C PRO D 275 10.17 26.85 10.81
N ASP D 276 11.12 26.53 11.69
CA ASP D 276 10.88 25.60 12.79
C ASP D 276 10.88 26.28 14.15
N TYR D 277 10.45 27.54 14.18
CA TYR D 277 10.50 28.34 15.39
C TYR D 277 9.70 27.76 16.53
N CYS D 278 8.49 27.29 16.27
CA CYS D 278 7.67 26.78 17.36
C CYS D 278 8.08 25.39 17.84
N GLN D 279 8.57 24.53 16.94
CA GLN D 279 9.14 23.25 17.35
C GLN D 279 10.35 23.47 18.24
N LYS D 280 11.21 24.40 17.86
CA LYS D 280 12.37 24.72 18.68
C LYS D 280 11.95 25.20 20.06
N ASP D 281 10.98 26.10 20.11
CA ASP D 281 10.57 26.67 21.39
C ASP D 281 10.07 25.57 22.31
N LEU D 282 9.21 24.71 21.80
CA LEU D 282 8.67 23.62 22.61
C LEU D 282 9.77 22.70 23.09
N PHE D 283 10.62 22.25 22.17
CA PHE D 283 11.64 21.26 22.52
C PHE D 283 12.60 21.81 23.56
N GLU D 284 13.11 23.02 23.33
CA GLU D 284 14.10 23.59 24.22
C GLU D 284 13.48 23.93 25.57
N ASN D 285 12.25 24.41 25.60
CA ASN D 285 11.70 24.77 26.91
C ASN D 285 11.50 23.52 27.77
N ILE D 286 11.04 22.44 27.14
CA ILE D 286 10.90 21.19 27.88
C ILE D 286 12.26 20.68 28.31
N ALA D 287 13.24 20.72 27.42
CA ALA D 287 14.53 20.15 27.78
C ALA D 287 15.18 20.86 28.97
N LYS D 288 14.86 22.12 29.22
CA LYS D 288 15.54 22.84 30.31
C LYS D 288 14.77 22.87 31.62
N GLY D 289 13.59 22.26 31.67
CA GLY D 289 12.79 22.18 32.86
C GLY D 289 11.64 23.16 32.94
N ASN D 290 11.46 24.02 31.93
CA ASN D 290 10.36 24.99 31.94
C ASN D 290 9.11 24.39 31.29
N TYR D 291 8.52 23.44 31.99
CA TYR D 291 7.42 22.67 31.48
C TYR D 291 6.18 23.53 31.33
N PRO D 292 5.57 23.60 30.15
CA PRO D 292 4.35 24.39 29.99
C PRO D 292 3.14 23.68 30.54
N SER D 293 2.17 24.46 30.98
CA SER D 293 0.95 23.85 31.50
C SER D 293 -0.32 24.59 31.11
N TRP D 294 -1.42 23.87 31.26
CA TRP D 294 -2.74 24.35 30.96
C TRP D 294 -3.70 23.97 32.08
N THR D 295 -4.69 24.80 32.29
CA THR D 295 -5.74 24.53 33.25
C THR D 295 -7.00 24.14 32.50
N LEU D 296 -7.55 22.98 32.86
CA LEU D 296 -8.70 22.42 32.19
C LEU D 296 -9.97 22.88 32.87
N TYR D 297 -10.89 23.43 32.08
CA TYR D 297 -12.21 23.80 32.57
C TYR D 297 -13.26 23.17 31.67
N ILE D 298 -14.51 23.14 32.14
CA ILE D 298 -15.63 22.72 31.31
C ILE D 298 -16.81 23.66 31.51
N GLN D 299 -17.61 23.79 30.45
CA GLN D 299 -18.97 24.32 30.54
C GLN D 299 -19.96 23.15 30.48
N THR D 300 -21.05 23.26 31.21
CA THR D 300 -22.10 22.26 31.13
C THR D 300 -23.44 22.95 30.91
N MET D 301 -24.38 22.19 30.32
CA MET D 301 -25.70 22.70 29.98
C MET D 301 -26.69 21.53 29.98
N THR D 302 -27.87 21.76 30.54
CA THR D 302 -28.88 20.72 30.54
C THR D 302 -29.65 20.75 29.24
N GLU D 303 -30.40 19.67 28.99
CA GLU D 303 -31.24 19.61 27.78
C GLU D 303 -32.29 20.72 27.76
N GLU D 304 -32.82 21.08 28.92
CA GLU D 304 -33.80 22.16 28.97
C GLU D 304 -33.19 23.49 28.53
N GLU D 305 -31.99 23.80 29.03
CA GLU D 305 -31.31 25.05 28.65
C GLU D 305 -31.03 25.11 27.13
N ALA D 306 -30.73 23.98 26.50
CA ALA D 306 -30.43 23.98 25.08
C ALA D 306 -31.65 24.24 24.21
N GLU D 307 -32.83 23.79 24.64
CA GLU D 307 -34.07 24.15 23.97
C GLU D 307 -34.26 25.66 23.89
N LYS D 308 -33.79 26.40 24.90
CA LYS D 308 -34.09 27.82 24.99
C LYS D 308 -33.05 28.70 24.31
N LEU D 309 -31.93 28.14 23.85
CA LEU D 309 -30.90 28.96 23.25
C LEU D 309 -31.38 29.50 21.88
N PRO D 310 -30.95 30.71 21.52
CA PRO D 310 -31.24 31.25 20.18
C PRO D 310 -30.39 30.65 19.08
N PHE D 311 -29.49 29.74 19.41
CA PHE D 311 -28.74 28.99 18.43
C PHE D 311 -28.69 27.53 18.86
N SER D 312 -28.00 26.70 18.07
CA SER D 312 -27.95 25.27 18.35
C SER D 312 -26.67 24.83 19.02
N VAL D 313 -26.80 24.01 20.08
CA VAL D 313 -25.59 23.39 20.63
C VAL D 313 -24.91 22.49 19.63
N PHE D 314 -25.59 22.13 18.56
CA PHE D 314 -24.99 21.27 17.52
C PHE D 314 -24.25 22.12 16.48
N ASP D 315 -24.23 23.44 16.68
CA ASP D 315 -23.60 24.37 15.71
C ASP D 315 -22.17 24.70 16.13
N LEU D 316 -21.23 24.25 15.33
CA LEU D 316 -19.78 24.42 15.59
C LEU D 316 -19.33 25.89 15.45
N THR D 317 -20.10 26.72 14.79
CA THR D 317 -19.70 28.11 14.57
C THR D 317 -20.18 29.04 15.68
N LYS D 318 -20.72 28.46 16.76
CA LYS D 318 -21.28 29.21 17.88
C LYS D 318 -20.51 28.83 19.12
N VAL D 319 -20.39 29.77 20.06
CA VAL D 319 -19.78 29.50 21.35
C VAL D 319 -20.86 29.70 22.42
N TRP D 320 -20.57 29.21 23.61
CA TRP D 320 -21.47 29.42 24.74
C TRP D 320 -20.99 30.59 25.56
N PRO D 321 -21.71 31.72 25.57
CA PRO D 321 -21.22 32.89 26.30
C PRO D 321 -20.96 32.57 27.77
N HIS D 322 -19.81 33.05 28.27
CA HIS D 322 -19.33 32.70 29.60
C HIS D 322 -20.33 33.11 30.68
N LYS D 323 -20.98 34.25 30.51
CA LYS D 323 -21.84 34.74 31.59
C LYS D 323 -22.96 33.75 31.90
N GLN D 324 -23.62 33.23 30.88
CA GLN D 324 -24.70 32.28 31.16
C GLN D 324 -24.15 30.90 31.51
N PHE D 325 -22.97 30.52 30.98
CA PHE D 325 -22.38 29.21 31.20
C PHE D 325 -20.95 29.35 31.68
N PRO D 326 -20.75 29.56 32.98
CA PRO D 326 -19.39 29.79 33.46
C PRO D 326 -18.52 28.54 33.38
N LEU D 327 -17.23 28.77 33.33
CA LEU D 327 -16.27 27.69 33.36
C LEU D 327 -16.17 27.11 34.77
N ARG D 328 -15.95 25.80 34.81
CA ARG D 328 -15.79 25.04 36.04
C ARG D 328 -14.44 24.33 35.97
N ARG D 329 -13.60 24.48 37.00
CA ARG D 329 -12.28 23.89 36.91
C ARG D 329 -12.28 22.39 37.14
N VAL D 330 -11.34 21.71 36.49
CA VAL D 330 -11.25 20.25 36.53
C VAL D 330 -9.86 19.75 36.94
N GLY D 331 -8.82 20.28 36.32
CA GLY D 331 -7.47 19.83 36.61
C GLY D 331 -6.45 20.62 35.83
N LYS D 332 -5.24 20.09 35.78
CA LYS D 332 -4.12 20.77 35.15
C LYS D 332 -3.36 19.79 34.28
N MET D 333 -2.99 20.24 33.09
CA MET D 333 -2.17 19.43 32.19
C MET D 333 -0.75 20.00 32.13
N VAL D 334 0.24 19.10 32.21
CA VAL D 334 1.64 19.48 32.16
C VAL D 334 2.32 18.65 31.07
N LEU D 335 3.11 19.31 30.21
CA LEU D 335 3.94 18.62 29.23
C LEU D 335 5.39 18.71 29.67
N ASN D 336 6.01 17.56 29.91
CA ASN D 336 7.31 17.52 30.55
C ASN D 336 8.28 16.53 29.92
N GLU D 337 8.01 16.01 28.72
CA GLU D 337 8.84 14.94 28.16
C GLU D 337 8.86 15.06 26.64
N ASN D 338 10.08 15.27 26.09
CA ASN D 338 10.19 15.31 24.65
C ASN D 338 10.15 13.90 24.05
N PRO D 339 9.72 13.76 22.81
CA PRO D 339 9.84 12.47 22.15
C PRO D 339 11.30 12.09 21.97
N GLU D 340 11.58 10.79 22.04
CA GLU D 340 12.94 10.36 21.72
C GLU D 340 13.16 10.34 20.21
N ASN D 341 12.12 10.02 19.44
CA ASN D 341 12.20 9.92 17.98
C ASN D 341 10.95 10.54 17.37
N TYR D 342 11.14 11.63 16.62
CA TYR D 342 10.02 12.35 16.05
C TYR D 342 9.17 11.46 15.15
N PHE D 343 9.79 10.78 14.22
CA PHE D 343 8.98 9.95 13.34
C PHE D 343 8.17 8.91 14.14
N ALA D 344 8.82 8.17 15.05
CA ALA D 344 8.14 7.02 15.66
C ALA D 344 6.97 7.42 16.56
N GLN D 345 7.10 8.55 17.28
CA GLN D 345 6.09 8.96 18.26
C GLN D 345 5.23 10.12 17.79
N VAL D 346 5.75 11.02 16.96
CA VAL D 346 4.95 12.16 16.49
C VAL D 346 4.34 11.92 15.11
N GLU D 347 5.17 11.58 14.13
CA GLU D 347 4.61 11.42 12.79
C GLU D 347 3.59 10.26 12.75
N GLN D 348 3.84 9.18 13.51
CA GLN D 348 2.96 7.99 13.52
C GLN D 348 1.82 8.08 14.53
N ALA D 349 1.74 9.15 15.33
CA ALA D 349 0.64 9.26 16.28
C ALA D 349 -0.70 9.32 15.53
N ALA D 350 -1.72 8.63 16.08
CA ALA D 350 -3.03 8.58 15.44
C ALA D 350 -4.12 9.05 16.40
N PHE D 351 -4.76 10.18 16.07
CA PHE D 351 -5.81 10.71 16.92
C PHE D 351 -7.16 10.64 16.22
N SER D 352 -8.22 10.36 17.00
CA SER D 352 -9.55 10.41 16.48
C SER D 352 -10.55 10.79 17.55
N PRO D 353 -11.54 11.64 17.24
CA PRO D 353 -12.60 11.89 18.23
C PRO D 353 -13.42 10.65 18.53
N SER D 354 -13.42 9.64 17.67
CA SER D 354 -14.19 8.43 17.97
C SER D 354 -13.45 7.48 18.92
N HIS D 355 -12.18 7.78 19.26
CA HIS D 355 -11.48 7.10 20.36
C HIS D 355 -11.94 7.69 21.67
N THR D 356 -12.87 7.03 22.34
CA THR D 356 -13.44 7.58 23.56
C THR D 356 -13.53 6.49 24.62
N VAL D 357 -13.95 6.90 25.81
CA VAL D 357 -14.02 6.01 26.96
C VAL D 357 -15.46 6.01 27.43
N PRO D 358 -15.85 5.06 28.29
CA PRO D 358 -17.19 5.12 28.91
C PRO D 358 -17.48 6.47 29.53
N TYR D 359 -18.72 6.93 29.33
CA TYR D 359 -19.33 8.13 29.91
C TYR D 359 -19.01 9.39 29.12
N GLN D 360 -18.24 9.30 28.04
CA GLN D 360 -18.00 10.40 27.12
C GLN D 360 -18.48 10.01 25.71
N GLU D 361 -19.41 10.78 25.16
CA GLU D 361 -19.97 10.49 23.86
C GLU D 361 -20.05 11.77 23.05
N ALA D 362 -20.14 11.61 21.74
CA ALA D 362 -20.33 12.74 20.84
C ALA D 362 -21.77 13.20 20.70
N SER D 363 -21.95 14.48 20.39
CA SER D 363 -23.26 15.02 20.11
C SER D 363 -23.64 14.83 18.65
N ALA D 364 -24.86 15.27 18.32
CA ALA D 364 -25.32 15.20 16.95
C ALA D 364 -24.77 16.34 16.08
N ASP D 365 -23.82 17.13 16.59
CA ASP D 365 -23.12 18.08 15.76
C ASP D 365 -22.67 17.37 14.48
N PRO D 366 -23.19 17.75 13.32
CA PRO D 366 -22.94 16.96 12.11
C PRO D 366 -21.51 16.95 11.68
N VAL D 367 -20.75 18.01 11.97
CA VAL D 367 -19.33 18.00 11.65
C VAL D 367 -18.64 16.95 12.48
N LEU D 368 -18.92 16.95 13.79
CA LEU D 368 -18.34 15.97 14.68
C LEU D 368 -18.74 14.56 14.27
N GLN D 369 -20.02 14.37 13.96
CA GLN D 369 -20.49 13.05 13.53
C GLN D 369 -19.64 12.49 12.39
N ALA D 370 -19.31 13.34 11.40
CA ALA D 370 -18.51 12.91 10.25
C ALA D 370 -17.08 12.59 10.64
N ARG D 371 -16.51 13.34 11.59
CA ARG D 371 -15.17 13.07 12.07
C ARG D 371 -15.10 11.69 12.70
N LEU D 372 -16.15 11.22 13.34
CA LEU D 372 -16.08 9.89 13.92
C LEU D 372 -15.71 8.84 12.87
N PHE D 373 -16.12 9.02 11.64
CA PHE D 373 -15.74 8.12 10.56
C PHE D 373 -14.39 8.45 9.94
N SER D 374 -14.11 9.73 9.69
CA SER D 374 -12.99 10.11 8.82
C SER D 374 -11.62 9.72 9.37
N TYR D 375 -11.38 9.88 10.70
CA TYR D 375 -10.04 9.78 11.25
C TYR D 375 -9.59 8.31 11.25
N PRO D 376 -10.38 7.34 11.74
CA PRO D 376 -9.93 5.93 11.65
C PRO D 376 -9.69 5.50 10.21
N ASP D 377 -10.53 5.98 9.29
CA ASP D 377 -10.33 5.69 7.88
C ASP D 377 -9.02 6.29 7.38
N ALA D 378 -8.73 7.53 7.79
CA ALA D 378 -7.46 8.11 7.40
C ALA D 378 -6.30 7.32 7.99
N HIS D 379 -6.39 6.93 9.29
CA HIS D 379 -5.29 6.24 9.94
C HIS D 379 -4.95 4.93 9.20
N ARG D 380 -5.99 4.18 8.84
CA ARG D 380 -5.79 2.90 8.18
C ARG D 380 -5.09 3.09 6.84
N TYR D 381 -5.30 4.24 6.18
CA TYR D 381 -4.58 4.47 4.94
C TYR D 381 -3.14 4.94 5.19
N ARG D 382 -2.98 5.94 6.08
CA ARG D 382 -1.72 6.64 6.25
C ARG D 382 -0.67 5.77 6.94
N LEU D 383 -1.08 5.04 8.00
CA LEU D 383 -0.24 4.23 8.86
C LEU D 383 -0.36 2.72 8.67
N GLY D 384 -1.52 2.19 8.28
CA GLY D 384 -1.71 0.78 8.12
C GLY D 384 -2.87 0.27 8.95
N PRO D 385 -3.43 -0.88 8.56
CA PRO D 385 -4.56 -1.40 9.34
C PRO D 385 -4.24 -1.69 10.77
N ASN D 386 -2.99 -2.05 11.10
CA ASN D 386 -2.66 -2.40 12.46
C ASN D 386 -1.97 -1.27 13.19
N TYR D 387 -2.33 -0.03 12.85
CA TYR D 387 -1.65 1.12 13.47
C TYR D 387 -1.80 1.20 14.98
N SER D 388 -2.85 0.60 15.56
CA SER D 388 -3.02 0.63 17.00
C SER D 388 -1.98 -0.23 17.74
N GLN D 389 -1.15 -1.00 17.02
CA GLN D 389 -0.02 -1.71 17.60
C GLN D 389 1.29 -0.91 17.60
N ILE D 390 1.33 0.23 16.92
CA ILE D 390 2.48 1.14 17.06
C ILE D 390 2.52 1.65 18.49
N PRO D 391 3.68 1.58 19.18
CA PRO D 391 3.70 1.87 20.62
C PRO D 391 3.01 3.15 21.01
N VAL D 392 3.26 4.27 20.32
CA VAL D 392 2.63 5.52 20.73
C VAL D 392 1.10 5.43 20.65
N ASN D 393 0.57 4.61 19.78
CA ASN D 393 -0.88 4.45 19.71
C ASN D 393 -1.46 3.29 20.52
N CYS D 394 -0.63 2.49 21.18
CA CYS D 394 -1.14 1.34 21.94
CA CYS D 394 -1.11 1.34 21.95
C CYS D 394 -1.80 1.80 23.24
N PRO D 395 -2.90 1.16 23.65
CA PRO D 395 -3.42 1.44 25.03
C PRO D 395 -2.78 0.61 26.15
N TYR D 396 -1.59 1.02 26.57
CA TYR D 396 -0.78 0.24 27.50
C TYR D 396 -1.45 0.05 28.85
N ALA D 397 -2.40 0.91 29.20
CA ALA D 397 -3.10 0.81 30.48
C ALA D 397 -4.42 0.03 30.36
N SER D 398 -4.76 -0.42 29.15
CA SER D 398 -5.96 -1.19 28.90
C SER D 398 -5.76 -2.05 27.67
N LYS D 399 -4.94 -3.09 27.76
CA LYS D 399 -4.57 -3.88 26.58
C LYS D 399 -5.80 -4.29 25.77
N VAL D 400 -5.64 -4.28 24.45
CA VAL D 400 -6.74 -4.66 23.56
C VAL D 400 -6.92 -6.17 23.62
N PHE D 401 -8.20 -6.62 23.72
CA PHE D 401 -8.58 -8.03 23.60
C PHE D 401 -9.89 -8.13 22.83
N ASN D 402 -9.78 -8.44 21.55
CA ASN D 402 -10.96 -8.69 20.74
C ASN D 402 -10.74 -9.92 19.86
N PRO D 403 -11.46 -11.03 20.10
CA PRO D 403 -11.17 -12.26 19.34
C PRO D 403 -11.35 -12.13 17.83
N ALA D 404 -12.25 -11.26 17.39
CA ALA D 404 -12.61 -11.14 15.97
C ALA D 404 -11.78 -10.12 15.22
N ILE D 405 -10.85 -9.45 15.87
CA ILE D 405 -10.00 -8.48 15.22
C ILE D 405 -8.63 -9.11 15.11
N ARG D 406 -8.29 -9.58 13.91
CA ARG D 406 -7.12 -10.43 13.75
C ARG D 406 -6.48 -10.23 12.38
N ASP D 407 -5.21 -10.63 12.29
CA ASP D 407 -4.39 -10.68 11.10
C ASP D 407 -4.12 -9.26 10.57
N GLY D 408 -4.04 -9.10 9.27
CA GLY D 408 -3.69 -7.83 8.69
C GLY D 408 -2.21 -7.64 8.56
N PRO D 409 -1.82 -6.86 7.57
CA PRO D 409 -0.37 -6.62 7.37
C PRO D 409 0.27 -6.06 8.63
N MET D 410 1.53 -6.45 8.87
CA MET D 410 2.33 -6.05 10.01
C MET D 410 1.62 -6.28 11.34
N ASN D 411 1.09 -7.47 11.52
CA ASN D 411 0.60 -7.88 12.84
C ASN D 411 1.83 -8.29 13.63
N VAL D 412 2.16 -7.52 14.65
CA VAL D 412 3.44 -7.60 15.34
C VAL D 412 3.32 -7.99 16.80
N ASN D 413 2.10 -8.10 17.33
CA ASN D 413 1.90 -8.39 18.75
C ASN D 413 1.51 -9.84 19.03
N GLY D 414 1.75 -10.74 18.07
CA GLY D 414 1.44 -12.14 18.28
C GLY D 414 0.04 -12.55 17.88
N ASN D 415 -0.87 -11.58 17.65
CA ASN D 415 -2.20 -11.82 17.06
C ASN D 415 -3.06 -12.73 17.92
N LEU D 416 -2.94 -12.60 19.23
CA LEU D 416 -3.67 -13.40 20.22
C LEU D 416 -3.33 -14.89 20.19
N GLY D 417 -2.30 -15.31 19.46
CA GLY D 417 -1.89 -16.69 19.57
C GLY D 417 -2.98 -17.62 19.11
N LYS D 418 -3.24 -18.69 19.87
CA LYS D 418 -4.23 -19.66 19.46
C LYS D 418 -5.66 -19.34 19.91
N GLU D 419 -5.89 -18.18 20.46
CA GLU D 419 -7.26 -17.78 20.80
C GLU D 419 -8.21 -17.96 19.63
N PRO D 420 -9.41 -18.52 19.85
CA PRO D 420 -10.44 -18.50 18.82
C PRO D 420 -10.75 -17.08 18.36
N ASN D 421 -11.16 -16.97 17.10
CA ASN D 421 -11.45 -15.70 16.42
C ASN D 421 -12.95 -15.47 16.33
N TYR D 422 -13.68 -16.00 17.28
CA TYR D 422 -15.12 -15.77 17.45
C TYR D 422 -15.36 -16.02 18.93
N LEU D 423 -16.61 -15.89 19.37
CA LEU D 423 -16.92 -16.12 20.78
C LEU D 423 -17.19 -17.62 21.00
N SER D 424 -16.11 -18.36 21.19
CA SER D 424 -16.25 -19.78 21.46
C SER D 424 -16.99 -20.01 22.76
N THR D 425 -17.93 -20.95 22.74
CA THR D 425 -18.62 -21.28 23.96
C THR D 425 -17.73 -22.07 24.91
N SER D 426 -16.53 -22.43 24.48
CA SER D 426 -15.59 -23.11 25.36
C SER D 426 -14.70 -22.17 26.18
N LYS D 427 -14.73 -20.86 25.91
CA LYS D 427 -13.86 -19.90 26.57
C LYS D 427 -14.68 -18.91 27.39
N LYS D 428 -13.96 -18.11 28.19
CA LYS D 428 -14.57 -17.10 29.05
C LYS D 428 -14.36 -15.73 28.40
N TYR D 429 -15.43 -14.95 28.29
CA TYR D 429 -15.32 -13.57 27.79
C TYR D 429 -16.12 -12.68 28.74
N GLN D 430 -15.51 -11.58 29.16
CA GLN D 430 -16.12 -10.67 30.12
C GLN D 430 -16.51 -9.39 29.39
N PHE D 431 -17.80 -9.06 29.44
CA PHE D 431 -18.32 -7.79 28.94
C PHE D 431 -18.79 -6.95 30.14
N ILE D 432 -18.04 -5.95 30.48
CA ILE D 432 -18.34 -5.15 31.66
C ILE D 432 -19.24 -3.99 31.27
N GLN D 433 -19.84 -3.38 32.30
CA GLN D 433 -20.68 -2.18 32.15
C GLN D 433 -21.88 -2.46 31.26
N GLN D 434 -22.45 -3.66 31.41
CA GLN D 434 -23.55 -4.03 30.55
C GLN D 434 -24.76 -3.13 30.79
N SER D 435 -24.94 -2.63 32.00
CA SER D 435 -26.08 -1.78 32.35
C SER D 435 -25.80 -0.28 32.19
N LYS D 436 -24.64 0.09 31.71
CA LYS D 436 -24.35 1.50 31.43
C LYS D 436 -24.83 1.85 30.03
N PRO D 437 -25.76 2.79 29.87
CA PRO D 437 -26.15 3.18 28.52
C PRO D 437 -24.99 3.83 27.76
N ILE D 438 -25.13 3.81 26.44
CA ILE D 438 -24.22 4.51 25.53
C ILE D 438 -24.83 5.87 25.23
N GLN D 439 -25.92 5.89 24.45
CA GLN D 439 -26.67 7.11 24.20
C GLN D 439 -28.18 6.93 24.29
N GLN D 440 -28.67 5.73 24.62
CA GLN D 440 -30.10 5.52 24.57
C GLN D 440 -30.85 6.22 25.68
N HIS D 441 -30.14 6.80 26.65
CA HIS D 441 -30.73 7.55 27.75
C HIS D 441 -30.83 9.05 27.45
N GLN D 442 -30.45 9.51 26.27
CA GLN D 442 -30.31 10.92 25.96
C GLN D 442 -31.43 11.33 24.96
N GLU D 443 -31.10 11.95 23.86
CA GLU D 443 -32.14 12.61 23.09
C GLU D 443 -33.02 11.61 22.34
N VAL D 444 -34.25 12.02 22.10
CA VAL D 444 -35.19 11.24 21.28
C VAL D 444 -35.33 11.93 19.93
N TRP D 445 -34.90 11.25 18.88
CA TRP D 445 -34.93 11.79 17.53
C TRP D 445 -36.23 11.37 16.84
N SER D 446 -36.62 12.14 15.83
CA SER D 446 -37.86 11.87 15.15
C SER D 446 -37.83 12.49 13.75
N GLY D 447 -38.34 11.76 12.77
CA GLY D 447 -38.40 12.26 11.41
C GLY D 447 -37.99 11.23 10.39
N PRO D 448 -38.14 11.57 9.10
CA PRO D 448 -37.59 10.70 8.04
C PRO D 448 -36.10 10.92 7.88
N ALA D 449 -35.48 10.01 7.12
CA ALA D 449 -34.11 10.21 6.68
C ALA D 449 -34.06 11.40 5.74
N MET D 450 -33.53 12.51 6.22
CA MET D 450 -33.72 13.80 5.57
C MET D 450 -32.37 14.28 5.09
N PRO D 451 -32.20 14.61 3.79
CA PRO D 451 -30.96 15.29 3.38
C PRO D 451 -31.06 16.78 3.73
N VAL D 452 -30.06 17.26 4.46
CA VAL D 452 -30.07 18.66 4.92
C VAL D 452 -28.76 19.37 4.57
N HIS D 453 -28.88 20.54 3.94
CA HIS D 453 -27.78 21.48 3.73
C HIS D 453 -27.98 22.68 4.68
N TRP D 454 -27.18 22.72 5.74
CA TRP D 454 -27.32 23.69 6.82
C TRP D 454 -26.70 25.04 6.44
N ALA D 455 -27.19 25.61 5.35
CA ALA D 455 -26.62 26.83 4.85
C ALA D 455 -26.76 27.99 5.83
N THR D 456 -25.90 29.00 5.62
CA THR D 456 -25.96 30.23 6.41
C THR D 456 -27.41 30.67 6.59
N SER D 457 -27.78 30.97 7.81
CA SER D 457 -29.18 31.35 8.06
C SER D 457 -29.44 32.78 7.60
N PRO D 458 -30.66 33.08 7.15
CA PRO D 458 -31.03 34.48 6.87
C PRO D 458 -31.07 35.29 8.16
N GLY D 459 -31.08 36.61 8.03
CA GLY D 459 -31.04 37.45 9.22
C GLY D 459 -29.63 37.52 9.77
N ASP D 460 -29.52 37.75 11.08
CA ASP D 460 -28.25 38.15 11.65
C ASP D 460 -27.61 37.13 12.60
N ILE D 461 -28.26 35.97 12.80
CA ILE D 461 -27.82 35.04 13.85
C ILE D 461 -26.40 34.53 13.64
N ASP D 462 -25.99 34.35 12.40
CA ASP D 462 -24.66 33.80 12.12
C ASP D 462 -23.61 34.89 12.03
N PHE D 463 -23.97 36.12 12.30
CA PHE D 463 -22.99 37.20 12.31
C PHE D 463 -22.81 37.85 13.66
N VAL D 464 -23.75 37.64 14.58
CA VAL D 464 -23.77 38.43 15.77
C VAL D 464 -22.60 38.10 16.69
N GLN D 465 -22.20 36.84 16.77
CA GLN D 465 -21.08 36.46 17.64
C GLN D 465 -19.75 36.98 17.11
N ALA D 466 -19.60 37.05 15.80
CA ALA D 466 -18.43 37.68 15.22
C ALA D 466 -18.40 39.19 15.54
N ARG D 467 -19.58 39.82 15.57
CA ARG D 467 -19.64 41.22 15.95
C ARG D 467 -19.29 41.40 17.41
N ASP D 468 -19.74 40.47 18.26
CA ASP D 468 -19.40 40.53 19.69
C ASP D 468 -17.91 40.40 19.88
N LEU D 469 -17.26 39.57 19.07
CA LEU D 469 -15.81 39.50 19.17
C LEU D 469 -15.18 40.87 18.89
N TYR D 470 -15.58 41.51 17.79
CA TYR D 470 -14.98 42.77 17.41
C TYR D 470 -15.25 43.85 18.45
N ASN D 471 -16.51 43.97 18.86
CA ASN D 471 -16.90 45.10 19.70
C ASN D 471 -16.68 44.89 21.18
N LYS D 472 -16.74 43.65 21.67
CA LYS D 472 -16.65 43.39 23.10
C LYS D 472 -15.33 42.79 23.56
N VAL D 473 -14.54 42.25 22.64
CA VAL D 473 -13.35 41.51 23.02
C VAL D 473 -12.10 42.17 22.47
N LEU D 474 -12.03 42.28 21.13
CA LEU D 474 -10.87 42.88 20.49
C LEU D 474 -10.74 44.37 20.87
N SER D 475 -11.85 45.00 21.19
CA SER D 475 -11.81 46.40 21.61
C SER D 475 -11.02 46.58 22.88
N LYS D 476 -10.92 45.54 23.70
CA LYS D 476 -10.21 45.67 24.95
C LYS D 476 -8.71 45.52 24.80
N GLN D 477 -8.27 45.14 23.61
CA GLN D 477 -6.87 44.94 23.32
C GLN D 477 -6.41 46.07 22.40
N PRO D 478 -5.54 46.95 22.88
CA PRO D 478 -5.23 48.11 22.02
C PRO D 478 -4.60 47.81 20.67
N GLY D 479 -5.16 48.34 19.59
CA GLY D 479 -4.64 48.13 18.26
C GLY D 479 -5.11 46.85 17.56
N GLN D 480 -5.80 45.98 18.27
CA GLN D 480 -6.28 44.72 17.71
C GLN D 480 -7.32 44.86 16.62
N GLN D 481 -8.25 45.80 16.78
CA GLN D 481 -9.25 46.01 15.78
C GLN D 481 -8.63 46.43 14.46
N LYS D 482 -7.61 47.29 14.51
CA LYS D 482 -6.92 47.67 13.29
C LYS D 482 -6.03 46.56 12.76
N ALA D 483 -5.43 45.77 13.66
CA ALA D 483 -4.53 44.69 13.24
C ALA D 483 -5.28 43.63 12.44
N LEU D 484 -6.53 43.32 12.85
CA LEU D 484 -7.42 42.47 12.08
C LEU D 484 -7.68 43.02 10.68
N ALA D 485 -8.05 44.31 10.57
CA ALA D 485 -8.30 44.87 9.24
C ALA D 485 -7.03 44.74 8.38
N HIS D 486 -5.90 45.09 8.94
CA HIS D 486 -4.65 44.97 8.19
C HIS D 486 -4.40 43.52 7.76
N ASN D 487 -4.64 42.56 8.65
CA ASN D 487 -4.28 41.19 8.31
C ASN D 487 -5.13 40.69 7.15
N VAL D 488 -6.40 41.08 7.12
CA VAL D 488 -7.27 40.73 5.98
C VAL D 488 -6.82 41.48 4.73
N ALA D 489 -6.58 42.78 4.86
CA ALA D 489 -6.25 43.59 3.68
C ALA D 489 -5.06 43.03 2.92
N VAL D 490 -3.98 42.67 3.63
CA VAL D 490 -2.77 42.26 2.94
C VAL D 490 -3.02 40.92 2.24
N HIS D 491 -3.99 40.16 2.71
CA HIS D 491 -4.27 38.83 2.15
C HIS D 491 -5.17 38.94 0.93
N VAL D 492 -6.30 39.64 1.07
CA VAL D 492 -7.25 39.81 -0.02
C VAL D 492 -6.74 40.73 -1.12
N ALA D 493 -5.66 41.47 -0.89
CA ALA D 493 -5.19 42.35 -1.95
C ALA D 493 -4.76 41.60 -3.19
N SER D 494 -4.41 40.31 -3.05
CA SER D 494 -4.04 39.48 -4.18
C SER D 494 -5.24 39.03 -5.00
N ALA D 495 -6.44 39.12 -4.44
CA ALA D 495 -7.65 38.70 -5.10
C ALA D 495 -8.11 39.71 -6.16
N CYS D 496 -8.87 39.20 -7.15
CA CYS D 496 -9.43 40.01 -8.21
C CYS D 496 -10.47 40.96 -7.64
N PRO D 497 -10.77 42.06 -8.34
CA PRO D 497 -11.69 43.06 -7.77
C PRO D 497 -13.09 42.57 -7.48
N GLU D 498 -13.63 41.69 -8.33
CA GLU D 498 -14.95 41.14 -8.04
C GLU D 498 -14.97 40.43 -6.72
N ILE D 499 -13.89 39.69 -6.40
CA ILE D 499 -13.83 38.95 -5.15
C ILE D 499 -13.56 39.88 -3.97
N GLN D 500 -12.63 40.80 -4.14
CA GLN D 500 -12.39 41.81 -3.10
C GLN D 500 -13.70 42.46 -2.65
N ASP D 501 -14.54 42.89 -3.62
CA ASP D 501 -15.79 43.56 -3.25
C ASP D 501 -16.70 42.65 -2.43
N ARG D 502 -16.74 41.36 -2.77
N ARG D 502 -16.75 41.36 -2.78
CA ARG D 502 -17.56 40.43 -1.99
CA ARG D 502 -17.55 40.43 -2.00
C ARG D 502 -17.07 40.36 -0.55
C ARG D 502 -17.07 40.37 -0.55
N VAL D 503 -15.75 40.34 -0.38
CA VAL D 503 -15.14 40.30 0.95
C VAL D 503 -15.45 41.57 1.74
N PHE D 504 -15.28 42.74 1.11
CA PHE D 504 -15.65 43.98 1.80
C PHE D 504 -17.10 43.94 2.27
N ALA D 505 -18.01 43.48 1.40
CA ALA D 505 -19.42 43.44 1.77
C ALA D 505 -19.67 42.48 2.93
N MET D 506 -18.98 41.34 2.96
CA MET D 506 -19.22 40.39 4.04
C MET D 506 -18.76 40.96 5.40
N PHE D 507 -17.58 41.55 5.45
CA PHE D 507 -17.15 42.17 6.70
C PHE D 507 -18.04 43.36 7.07
N ALA D 508 -18.58 44.06 6.08
CA ALA D 508 -19.50 45.16 6.38
C ALA D 508 -20.72 44.65 7.12
N ARG D 509 -21.11 43.38 6.92
CA ARG D 509 -22.18 42.83 7.73
C ARG D 509 -21.78 42.76 9.19
N VAL D 510 -20.47 42.58 9.46
CA VAL D 510 -20.00 42.54 10.84
C VAL D 510 -19.87 43.96 11.42
N ASP D 511 -19.12 44.83 10.74
CA ASP D 511 -18.89 46.22 11.15
C ASP D 511 -18.45 47.07 9.96
N ARG D 512 -19.09 48.24 9.79
CA ARG D 512 -18.85 49.00 8.57
C ARG D 512 -17.50 49.66 8.61
N GLY D 513 -17.07 50.16 9.77
CA GLY D 513 -15.73 50.71 9.90
C GLY D 513 -14.64 49.69 9.62
N LEU D 514 -14.81 48.46 10.16
CA LEU D 514 -13.90 47.39 9.81
C LEU D 514 -13.81 47.19 8.31
N SER D 515 -14.96 47.07 7.66
CA SER D 515 -14.99 46.95 6.20
C SER D 515 -14.33 48.15 5.52
N GLU D 516 -14.60 49.37 6.00
CA GLU D 516 -13.94 50.52 5.40
C GLU D 516 -12.43 50.44 5.60
N ASN D 517 -11.98 49.98 6.77
CA ASN D 517 -10.53 49.87 7.02
C ASN D 517 -9.89 48.84 6.09
N ILE D 518 -10.53 47.66 5.93
CA ILE D 518 -9.98 46.65 5.02
C ILE D 518 -9.92 47.19 3.60
N LYS D 519 -11.02 47.78 3.16
CA LYS D 519 -11.10 48.28 1.80
C LYS D 519 -10.02 49.31 1.55
N LYS D 520 -9.88 50.29 2.44
CA LYS D 520 -8.90 51.33 2.24
C LYS D 520 -7.50 50.74 2.04
N GLU D 521 -7.08 49.82 2.89
CA GLU D 521 -5.71 49.33 2.74
C GLU D 521 -5.59 48.42 1.52
N ALA D 522 -6.57 47.52 1.30
CA ALA D 522 -6.46 46.65 0.13
C ALA D 522 -6.38 47.46 -1.17
N LEU D 523 -7.21 48.51 -1.30
CA LEU D 523 -7.22 49.25 -2.55
C LEU D 523 -5.89 49.97 -2.74
N SER D 524 -5.21 50.38 -1.66
CA SER D 524 -3.87 50.96 -1.79
C SER D 524 -2.85 49.92 -2.27
N LEU D 525 -3.03 48.67 -1.88
CA LEU D 525 -2.10 47.62 -2.33
C LEU D 525 -2.43 47.12 -3.74
N SER D 526 -3.62 47.40 -4.26
CA SER D 526 -4.05 46.91 -5.57
C SER D 526 -4.99 47.92 -6.21
N PRO D 527 -4.46 49.03 -6.72
CA PRO D 527 -5.32 50.11 -7.21
C PRO D 527 -6.05 49.69 -8.48
N ARG D 528 -7.16 50.39 -8.75
CA ARG D 528 -8.01 50.06 -9.88
C ARG D 528 -8.02 51.17 -10.92
N LYS D 529 -8.73 50.89 -12.02
CA LYS D 529 -8.74 51.68 -13.23
C LYS D 529 -9.00 53.17 -13.04
#